data_7KY6
#
_entry.id   7KY6
#
_cell.length_a   1.00
_cell.length_b   1.00
_cell.length_c   1.00
_cell.angle_alpha   90.00
_cell.angle_beta   90.00
_cell.angle_gamma   90.00
#
_symmetry.space_group_name_H-M   'P 1'
#
loop_
_entity.id
_entity.type
_entity.pdbx_description
1 polymer 'Phospholipid-transporting ATPase DNF1'
2 polymer 'Alkylphosphocholine resistance protein LEM3'
3 branched alpha-D-mannopyranose-(1-4)-2-acetamido-2-deoxy-beta-D-glucopyranose-(1-4)-2-acetamido-2-deoxy-beta-D-glucopyranose
4 branched 2-acetamido-2-deoxy-beta-D-glucopyranose-(1-4)-2-acetamido-2-deoxy-beta-D-glucopyranose
5 non-polymer 'MAGNESIUM ION'
6 non-polymer 2-acetamido-2-deoxy-beta-D-glucopyranose
#
loop_
_entity_poly.entity_id
_entity_poly.type
_entity_poly.pdbx_seq_one_letter_code
_entity_poly.pdbx_strand_id
1 'polypeptide(L)'
;MSGTFHGDGHAPMSPFEDTFQFEDNSSNEDTHIAPTHFDDGATSNKYSRPQVSFNDETPKNKREDAEEFTFNDDTEYDNH
SFQPTPKLNNGSGTFDDVELDNDSGEPHTNYDGMKRFRMGTKRNKKGNPIMGRSKTLKWARKNIPNPFEDFTKDDIDPGA
INRAQELRTVYYNMPLPKDMIDEEGNPIMQYPRNKIRTTKYTPLTFLPKNILFQFHNFANVYFLVLIILGAFQIFGVTNP
GLSAVPLVVIVIITAIKDAIEDSRRTVLDLEVNNTKTHILEGVENENVSTDNISLWRRFKKANSRLLFKFIQYCKEHLTE
EGKKKRMQRKRHELRVQKTVGTSGPRSSLDSIDSYRVSADYGRPSLDYDNLEQGAGEANIVDRSLPPRTDCKFAKNYWKG
VKVGDIVRIHNNDEIPADIILLSTSDTDGACYVETKNLDGETNLKVRQSLKCTNTIRTSKDIARTKFWIESEGPHSNLYT
YQGNMKWRNLADGEIRNEPITINNVLLRGCTLRNTKWAMGVVMFTGGDTKIMLNSGITPTKKSRISRELNFSVVINFVLL
FILCFVSGIANGVYYDKKGRSRFSYEFGTIAGSAATNGFVSFWVAVILYQSLVPISLYISVEIIKTAQAAFIYGDVLLYN
AKLDYPCTPKSWNISDDLGQVEYIFSDKTGTLTQNVMEFKKCTINGVSYGRAYTEALAGLRKRQGIDVETEGRREKAEIA
KDRDTMIDELRALSGNSQFYPEEVTFVSKEFVRDLKGASGEVQQRCCEHFMLALALCHSVLVEANPDNPKKLDLKAQSPD
EAALVATARDVGFSFVGKTKKGLIIEMQGIQKEFEILNILEFNSSRKRMSCIVKIPGLNPGDEPRALLICKGADSIIYSR
LSRQSGSNSEAILEKTALHLEQYATEGLRTLCIAQRELSWSEYEKWNEKYDIAAASLANREDELEVVADSIERELILLGG
TAIEDRLQDGVPDCIELLAEAGIKLWVLTGDKVETAINIGFSCNLLNNEMELLVIKTTGDDVKEFGSEPSEIVDALLSKY
LKEYFNLTGSEEEIFEAKKDHEFPKGNYAIVIDGDALKLALYGEDIRRKFLLLCKNCRAVLCCRVSPSQKAAVVKLVKDS
LDVMTLAIGDGSNDVAMIQSADVGIGIAGEEGRQAVMCSDYAIGQFRYLARLVLVHGRWSYKRLAEMIPEFFYKNMIFAL
ALFWYGIYNDFDGSYLYEYTYMMFYNLAFTSLPVIFLGILDQDVNDTISLVVPQLYRVGILRKEWNQRKFLWYMLDGLYQ
SIICFFFPYLVYHKNMIVTSNGLGLDHRYFVGVYVTTIAVISCNTYVLLHQYRWDWFSGLFIALSCLVVFAWTGIWSSAI
ASREFFKAAARIYGAPSFWAVFFVAVLFCLLPRFTYDSFQKFFYPTDVEIVREMWQHGHFDHYPPGYDPTDPNRPKVTKA
GQHGEKIIEGIALSDNLGGSNYSRDSVVTEEIPMTFMHGEDGSPSGYQKQETWMTSPKETQDLLQSPQFQQAQTFGRGPS
TNVRSSLDRTREQMIATNQLDNRYSVERARTSLDLPGVTNAASLIGTQQNN
;
A
2 'polypeptide(L)'
;MVNFDLGQVGEVFRRKDKGAIVSGDNPEEEEDVDASEFEEDEVKPVRTKNRRPKEDAFTQQRLAAINPVLTPRTVLPLYL
LIAVVFVIVGGCILAQNSKVDEVTIYYQDCMTNATSSWSDIPSEHWQFVFHKYKTYNTAPQWRFVDDESDDFTKQRGTCQ
IRFTTPSDMKNNVYLNYVLEKFAANHRRYVLSFSEDQIRGEDASYETVHDATGINCKPLSKNADGKIYYPCGLIANSMFN
DTFPLQLTNVGDTSNNYSLTNKGINWESDKKRYKKTKYNYTQIAPPPYWEKMYPDGYNETNIPDIQDWEEFQNWMRPGAF
DKITKLIRINKNDTLPAGEYQLDIGLHWPVLEFNGKKGIYLTHGSHLGGRNPFLGIVYLIGGCICAAMALILLTFWLFGG
RKIADASSLSWNMK
;
B
#
loop_
_chem_comp.id
_chem_comp.type
_chem_comp.name
_chem_comp.formula
MAN D-saccharide, alpha linking alpha-D-mannopyranose 'C6 H12 O6'
MG non-polymer 'MAGNESIUM ION' 'Mg 2'
NAG D-saccharide, beta linking 2-acetamido-2-deoxy-beta-D-glucopyranose 'C8 H15 N O6'
#
# COMPACT_ATOMS: atom_id res chain seq x y z
N THR A 205 9.84 -21.50 19.80
CA THR A 205 8.54 -20.94 19.47
C THR A 205 8.63 -19.96 18.30
N PHE A 206 9.85 -19.71 17.84
CA PHE A 206 10.10 -18.72 16.80
C PHE A 206 10.60 -19.35 15.51
N LEU A 207 11.71 -20.10 15.56
CA LEU A 207 12.32 -20.61 14.34
C LEU A 207 11.42 -21.55 13.56
N PRO A 208 10.92 -22.67 14.13
CA PRO A 208 10.12 -23.61 13.32
C PRO A 208 8.88 -22.97 12.73
N LYS A 209 8.04 -22.42 13.62
CA LYS A 209 6.78 -21.84 13.17
C LYS A 209 7.00 -20.73 12.16
N ASN A 210 7.98 -19.85 12.42
CA ASN A 210 8.20 -18.73 11.51
C ASN A 210 8.73 -19.18 10.16
N ILE A 211 9.71 -20.09 10.14
CA ILE A 211 10.26 -20.50 8.86
C ILE A 211 9.23 -21.28 8.06
N LEU A 212 8.37 -22.06 8.72
CA LEU A 212 7.32 -22.78 7.99
C LEU A 212 6.28 -21.81 7.44
N PHE A 213 5.78 -20.90 8.29
CA PHE A 213 4.81 -19.91 7.83
C PHE A 213 5.36 -19.07 6.70
N GLN A 214 6.67 -18.82 6.69
CA GLN A 214 7.29 -18.06 5.60
C GLN A 214 7.35 -18.88 4.33
N PHE A 215 7.80 -20.13 4.41
CA PHE A 215 7.89 -20.95 3.21
C PHE A 215 6.54 -21.44 2.72
N HIS A 216 5.45 -21.15 3.43
CA HIS A 216 4.13 -21.59 2.99
C HIS A 216 3.59 -20.84 1.77
N ASN A 217 4.38 -19.97 1.14
CA ASN A 217 3.98 -19.30 -0.08
C ASN A 217 4.53 -20.05 -1.30
N PHE A 218 4.27 -19.47 -2.48
CA PHE A 218 4.79 -20.00 -3.73
C PHE A 218 6.13 -19.36 -4.11
N ALA A 219 6.27 -18.06 -3.89
CA ALA A 219 7.53 -17.40 -4.21
C ALA A 219 8.68 -17.97 -3.38
N ASN A 220 8.41 -18.29 -2.11
CA ASN A 220 9.49 -18.77 -1.25
C ASN A 220 9.93 -20.17 -1.64
N VAL A 221 8.99 -21.07 -1.92
CA VAL A 221 9.38 -22.40 -2.37
C VAL A 221 10.01 -22.33 -3.75
N TYR A 222 9.61 -21.36 -4.57
CA TYR A 222 10.23 -21.18 -5.88
C TYR A 222 11.70 -20.80 -5.72
N PHE A 223 11.99 -19.82 -4.87
CA PHE A 223 13.37 -19.44 -4.64
C PHE A 223 14.17 -20.55 -3.96
N LEU A 224 13.52 -21.35 -3.10
CA LEU A 224 14.23 -22.47 -2.48
C LEU A 224 14.57 -23.54 -3.51
N VAL A 225 13.65 -23.81 -4.43
CA VAL A 225 13.94 -24.69 -5.56
C VAL A 225 15.12 -24.13 -6.37
N LEU A 226 15.15 -22.81 -6.55
CA LEU A 226 16.27 -22.21 -7.28
C LEU A 226 17.59 -22.44 -6.55
N ILE A 227 17.60 -22.28 -5.23
CA ILE A 227 18.82 -22.52 -4.47
C ILE A 227 19.27 -23.98 -4.61
N ILE A 228 18.30 -24.91 -4.50
CA ILE A 228 18.64 -26.32 -4.59
C ILE A 228 19.11 -26.68 -5.99
N LEU A 229 18.61 -25.98 -7.01
CA LEU A 229 19.01 -26.28 -8.39
C LEU A 229 20.38 -25.67 -8.69
N GLY A 230 20.71 -24.56 -8.04
CA GLY A 230 22.02 -23.97 -8.22
C GLY A 230 23.11 -24.69 -7.44
N ALA A 231 22.77 -25.31 -6.32
CA ALA A 231 23.76 -25.97 -5.47
C ALA A 231 23.82 -27.48 -5.70
N PHE A 232 22.69 -28.17 -5.53
CA PHE A 232 22.70 -29.63 -5.56
C PHE A 232 22.74 -30.18 -6.98
N GLN A 233 21.86 -29.68 -7.85
CA GLN A 233 21.79 -30.10 -9.25
C GLN A 233 22.43 -29.06 -10.17
N ILE A 234 23.55 -28.48 -9.73
CA ILE A 234 24.24 -27.42 -10.45
C ILE A 234 24.60 -27.86 -11.86
N PHE A 235 24.06 -27.16 -12.86
CA PHE A 235 24.43 -27.44 -14.24
C PHE A 235 25.78 -26.81 -14.59
N GLY A 236 26.16 -25.75 -13.88
CA GLY A 236 27.41 -25.06 -14.12
C GLY A 236 27.29 -23.57 -14.37
N VAL A 237 26.10 -22.98 -14.25
CA VAL A 237 25.91 -21.55 -14.48
C VAL A 237 25.16 -21.00 -13.27
N THR A 238 25.91 -20.56 -12.26
CA THR A 238 25.36 -19.96 -11.05
C THR A 238 26.52 -19.55 -10.16
N ASN A 239 26.30 -18.53 -9.33
CA ASN A 239 27.13 -18.26 -8.16
C ASN A 239 26.28 -18.61 -6.95
N PRO A 240 26.26 -19.89 -6.55
CA PRO A 240 25.28 -20.35 -5.57
C PRO A 240 25.47 -19.78 -4.17
N GLY A 241 26.71 -19.68 -3.71
CA GLY A 241 26.97 -19.21 -2.36
C GLY A 241 26.39 -17.84 -2.06
N LEU A 242 26.10 -17.07 -3.11
CA LEU A 242 25.53 -15.74 -2.96
C LEU A 242 24.15 -15.59 -3.57
N SER A 243 23.75 -16.48 -4.47
CA SER A 243 22.39 -16.44 -5.02
C SER A 243 21.34 -16.75 -3.98
N ALA A 244 21.74 -17.21 -2.80
CA ALA A 244 20.83 -17.50 -1.70
C ALA A 244 20.69 -16.32 -0.73
N VAL A 245 21.16 -15.14 -1.11
CA VAL A 245 21.10 -13.96 -0.24
C VAL A 245 19.70 -13.35 -0.23
N PRO A 246 19.04 -13.15 -1.38
CA PRO A 246 17.67 -12.59 -1.31
C PRO A 246 16.73 -13.41 -0.44
N LEU A 247 16.71 -14.73 -0.64
CA LEU A 247 15.83 -15.57 0.16
C LEU A 247 16.14 -15.44 1.65
N VAL A 248 17.41 -15.56 2.02
CA VAL A 248 17.76 -15.59 3.44
C VAL A 248 17.51 -14.22 4.08
N VAL A 249 17.74 -13.14 3.35
CA VAL A 249 17.54 -11.82 3.95
C VAL A 249 16.05 -11.53 4.11
N ILE A 250 15.23 -11.89 3.10
CA ILE A 250 13.80 -11.68 3.25
C ILE A 250 13.23 -12.59 4.32
N VAL A 251 13.78 -13.80 4.47
CA VAL A 251 13.34 -14.70 5.52
C VAL A 251 13.67 -14.14 6.90
N ILE A 252 14.88 -13.59 7.06
CA ILE A 252 15.25 -13.03 8.36
C ILE A 252 14.42 -11.79 8.66
N ILE A 253 14.15 -10.97 7.65
CA ILE A 253 13.36 -9.76 7.86
C ILE A 253 11.93 -10.13 8.26
N THR A 254 11.32 -11.08 7.54
CA THR A 254 9.97 -11.50 7.87
C THR A 254 9.92 -12.17 9.23
N ALA A 255 10.96 -12.93 9.59
CA ALA A 255 11.00 -13.57 10.89
C ALA A 255 11.07 -12.55 12.01
N ILE A 256 11.95 -11.55 11.88
CA ILE A 256 12.03 -10.49 12.87
C ILE A 256 10.70 -9.74 12.98
N LYS A 257 10.12 -9.37 11.83
CA LYS A 257 8.91 -8.56 11.85
C LYS A 257 7.73 -9.35 12.41
N ASP A 258 7.65 -10.65 12.12
CA ASP A 258 6.57 -11.45 12.67
C ASP A 258 6.79 -11.76 14.15
N ALA A 259 8.05 -11.85 14.58
CA ALA A 259 8.32 -11.90 16.01
C ALA A 259 7.78 -10.67 16.71
N ILE A 260 8.02 -9.49 16.13
CA ILE A 260 7.46 -8.27 16.70
C ILE A 260 5.93 -8.29 16.65
N GLU A 261 5.37 -8.82 15.56
CA GLU A 261 3.91 -8.91 15.44
C GLU A 261 3.32 -9.74 16.57
N ASP A 262 3.86 -10.94 16.79
CA ASP A 262 3.35 -11.82 17.83
C ASP A 262 3.63 -11.24 19.22
N SER A 263 4.74 -10.50 19.38
CA SER A 263 5.00 -9.86 20.66
C SER A 263 3.96 -8.79 20.95
N ARG A 264 3.60 -7.99 19.94
CA ARG A 264 2.55 -6.99 20.13
C ARG A 264 1.21 -7.66 20.38
N ARG A 265 0.96 -8.79 19.74
CA ARG A 265 -0.30 -9.51 19.93
C ARG A 265 -0.39 -10.09 21.34
N THR A 266 0.76 -10.46 21.91
CA THR A 266 0.77 -10.99 23.27
C THR A 266 0.69 -9.87 24.30
N VAL A 267 1.67 -8.97 24.30
CA VAL A 267 1.70 -7.85 25.24
C VAL A 267 1.89 -6.54 24.49
N PRO A 539 -9.22 -14.80 15.53
CA PRO A 539 -9.40 -14.64 14.08
C PRO A 539 -8.55 -13.51 13.49
N THR A 540 -8.21 -13.62 12.21
CA THR A 540 -7.42 -12.63 11.52
C THR A 540 -8.10 -12.26 10.21
N LYS A 541 -8.00 -11.00 9.82
CA LYS A 541 -8.67 -10.48 8.63
C LYS A 541 -7.64 -10.08 7.58
N LYS A 542 -8.09 -10.02 6.33
CA LYS A 542 -7.26 -9.63 5.20
C LYS A 542 -8.04 -8.68 4.32
N SER A 543 -7.39 -7.61 3.88
CA SER A 543 -8.05 -6.60 3.06
C SER A 543 -8.43 -7.19 1.71
N ARG A 544 -9.19 -6.40 0.94
CA ARG A 544 -9.52 -6.78 -0.42
C ARG A 544 -8.31 -6.66 -1.33
N ILE A 545 -7.44 -5.70 -1.02
CA ILE A 545 -6.22 -5.52 -1.79
C ILE A 545 -5.36 -6.78 -1.75
N SER A 546 -5.38 -7.50 -0.62
CA SER A 546 -4.57 -8.71 -0.53
C SER A 546 -5.04 -9.80 -1.47
N ARG A 547 -6.36 -9.98 -1.60
CA ARG A 547 -6.86 -10.98 -2.55
C ARG A 547 -6.59 -10.56 -4.00
N GLU A 548 -6.76 -9.28 -4.30
CA GLU A 548 -6.35 -8.82 -5.63
C GLU A 548 -4.85 -9.01 -5.84
N LEU A 549 -4.07 -8.92 -4.77
CA LEU A 549 -2.63 -9.10 -4.87
C LEU A 549 -2.28 -10.55 -5.19
N ASN A 550 -3.01 -11.48 -4.59
CA ASN A 550 -2.85 -12.89 -4.94
C ASN A 550 -3.11 -13.11 -6.42
N PHE A 551 -4.19 -12.52 -6.94
CA PHE A 551 -4.46 -12.68 -8.38
C PHE A 551 -3.36 -12.04 -9.24
N SER A 552 -2.83 -10.91 -8.79
CA SER A 552 -1.74 -10.25 -9.52
C SER A 552 -0.51 -11.14 -9.58
N VAL A 553 -0.15 -11.74 -8.45
CA VAL A 553 1.00 -12.64 -8.42
C VAL A 553 0.78 -13.85 -9.30
N VAL A 554 -0.47 -14.32 -9.38
CA VAL A 554 -0.75 -15.44 -10.28
C VAL A 554 -0.50 -15.05 -11.74
N ILE A 555 -0.95 -13.86 -12.14
CA ILE A 555 -0.70 -13.43 -13.52
C ILE A 555 0.79 -13.23 -13.76
N ASN A 556 1.51 -12.75 -12.75
CA ASN A 556 2.95 -12.58 -12.88
C ASN A 556 3.64 -13.92 -13.13
N PHE A 557 3.24 -14.94 -12.38
CA PHE A 557 3.81 -16.27 -12.58
C PHE A 557 3.44 -16.82 -13.95
N VAL A 558 2.24 -16.53 -14.44
CA VAL A 558 1.87 -16.98 -15.78
C VAL A 558 2.80 -16.36 -16.81
N LEU A 559 3.11 -15.07 -16.66
CA LEU A 559 4.04 -14.42 -17.58
C LEU A 559 5.43 -15.04 -17.49
N LEU A 560 5.92 -15.27 -16.28
CA LEU A 560 7.24 -15.88 -16.12
C LEU A 560 7.29 -17.27 -16.77
N PHE A 561 6.22 -18.04 -16.63
CA PHE A 561 6.18 -19.36 -17.27
C PHE A 561 6.19 -19.23 -18.78
N ILE A 562 5.44 -18.27 -19.33
CA ILE A 562 5.46 -18.09 -20.79
C ILE A 562 6.86 -17.73 -21.26
N LEU A 563 7.55 -16.87 -20.52
CA LEU A 563 8.92 -16.49 -20.88
C LEU A 563 9.83 -17.71 -20.88
N CYS A 564 9.78 -18.51 -19.81
CA CYS A 564 10.64 -19.68 -19.72
C CYS A 564 10.30 -20.71 -20.79
N PHE A 565 9.02 -20.84 -21.12
CA PHE A 565 8.59 -21.74 -22.18
C PHE A 565 9.20 -21.34 -23.51
N VAL A 566 9.13 -20.05 -23.83
CA VAL A 566 9.70 -19.57 -25.09
C VAL A 566 11.22 -19.75 -25.11
N SER A 567 11.87 -19.47 -23.97
CA SER A 567 13.30 -19.68 -23.89
C SER A 567 13.66 -21.13 -24.20
N GLY A 568 13.01 -22.07 -23.53
CA GLY A 568 13.29 -23.47 -23.77
C GLY A 568 13.02 -23.90 -25.20
N ILE A 569 11.89 -23.46 -25.76
CA ILE A 569 11.54 -23.86 -27.13
C ILE A 569 12.57 -23.33 -28.11
N ALA A 570 12.98 -22.07 -27.95
CA ALA A 570 13.92 -21.50 -28.90
C ALA A 570 15.31 -22.08 -28.74
N ASN A 571 15.73 -22.42 -27.52
CA ASN A 571 17.03 -23.06 -27.36
C ASN A 571 17.03 -24.46 -27.96
N GLY A 572 15.91 -25.18 -27.85
CA GLY A 572 15.84 -26.47 -28.52
C GLY A 572 15.86 -26.35 -30.04
N VAL A 573 15.09 -25.39 -30.57
CA VAL A 573 15.09 -25.19 -32.02
C VAL A 573 16.46 -24.74 -32.50
N TYR A 574 17.22 -24.06 -31.65
CA TYR A 574 18.58 -23.67 -32.02
C TYR A 574 19.50 -24.88 -32.02
N TYR A 575 19.52 -25.65 -30.93
CA TYR A 575 20.36 -26.83 -30.90
C TYR A 575 19.98 -27.85 -31.95
N ASP A 576 18.82 -27.69 -32.60
CA ASP A 576 18.52 -28.51 -33.76
C ASP A 576 19.50 -28.28 -34.90
N LYS A 577 19.89 -27.03 -35.14
CA LYS A 577 20.72 -26.68 -36.29
C LYS A 577 22.02 -27.48 -36.29
N LYS A 578 22.57 -27.69 -37.49
CA LYS A 578 23.64 -28.67 -37.70
C LYS A 578 24.94 -28.05 -38.18
N GLY A 579 25.03 -26.73 -38.27
CA GLY A 579 26.33 -26.12 -38.45
C GLY A 579 26.40 -24.74 -37.84
N ARG A 580 27.31 -24.56 -36.89
CA ARG A 580 27.32 -23.38 -36.03
C ARG A 580 28.72 -23.27 -35.42
N SER A 581 28.92 -22.24 -34.62
CA SER A 581 30.22 -22.04 -33.98
C SER A 581 30.54 -23.12 -32.97
N ARG A 582 29.52 -23.81 -32.45
CA ARG A 582 29.75 -24.71 -31.33
C ARG A 582 30.44 -26.00 -31.73
N PHE A 583 29.94 -26.69 -32.76
CA PHE A 583 30.58 -27.92 -33.22
C PHE A 583 32.08 -27.74 -33.41
N SER A 584 32.52 -26.53 -33.73
CA SER A 584 33.94 -26.25 -33.94
C SER A 584 34.64 -25.90 -32.64
N TYR A 585 34.18 -24.87 -31.93
CA TYR A 585 34.99 -24.29 -30.87
C TYR A 585 34.49 -24.57 -29.46
N GLU A 586 33.33 -25.20 -29.28
CA GLU A 586 32.76 -25.39 -27.95
C GLU A 586 32.78 -26.84 -27.50
N PHE A 587 33.30 -27.75 -28.32
CA PHE A 587 33.37 -29.16 -27.97
C PHE A 587 31.99 -29.73 -27.65
N GLY A 588 30.98 -29.23 -28.36
CA GLY A 588 29.61 -29.68 -28.18
C GLY A 588 29.23 -30.62 -29.31
N THR A 589 28.24 -31.46 -29.06
CA THR A 589 27.77 -32.44 -30.04
C THR A 589 26.28 -32.24 -30.28
N ILE A 590 25.78 -32.95 -31.29
CA ILE A 590 24.35 -32.92 -31.58
C ILE A 590 23.64 -33.89 -30.65
N ALA A 591 23.14 -33.39 -29.53
CA ALA A 591 22.37 -34.21 -28.61
C ALA A 591 21.04 -34.53 -29.25
N GLY A 592 20.94 -35.73 -29.82
CA GLY A 592 19.73 -36.18 -30.51
C GLY A 592 18.48 -35.94 -29.71
N SER A 593 17.37 -35.62 -30.38
CA SER A 593 16.15 -35.21 -29.72
C SER A 593 16.41 -34.00 -28.81
N ALA A 594 16.75 -32.89 -29.47
CA ALA A 594 17.19 -31.65 -28.83
C ALA A 594 16.25 -31.18 -27.72
N ALA A 595 15.09 -31.82 -27.60
CA ALA A 595 14.20 -31.56 -26.48
C ALA A 595 14.90 -31.72 -25.14
N THR A 596 15.95 -32.53 -25.04
CA THR A 596 16.66 -32.64 -23.77
C THR A 596 17.39 -31.34 -23.43
N ASN A 597 18.08 -30.75 -24.39
CA ASN A 597 18.70 -29.45 -24.13
C ASN A 597 17.64 -28.37 -23.96
N GLY A 598 16.51 -28.52 -24.65
CA GLY A 598 15.40 -27.60 -24.42
C GLY A 598 14.90 -27.66 -22.99
N PHE A 599 14.83 -28.86 -22.42
CA PHE A 599 14.40 -29.04 -21.03
C PHE A 599 15.41 -28.44 -20.07
N VAL A 600 16.70 -28.71 -20.30
CA VAL A 600 17.73 -28.09 -19.48
C VAL A 600 17.68 -26.57 -19.59
N SER A 601 17.34 -26.05 -20.77
CA SER A 601 17.27 -24.60 -20.93
C SER A 601 16.04 -24.02 -20.23
N PHE A 602 14.92 -24.73 -20.29
CA PHE A 602 13.75 -24.32 -19.51
C PHE A 602 14.12 -24.19 -18.04
N TRP A 603 14.81 -25.19 -17.51
CA TRP A 603 15.12 -25.15 -16.09
C TRP A 603 16.27 -24.21 -15.74
N VAL A 604 17.07 -23.81 -16.73
CA VAL A 604 18.05 -22.75 -16.46
C VAL A 604 17.43 -21.37 -16.62
N ALA A 605 16.41 -21.21 -17.48
CA ALA A 605 15.72 -19.94 -17.58
C ALA A 605 14.83 -19.70 -16.37
N VAL A 606 14.31 -20.77 -15.77
CA VAL A 606 13.56 -20.62 -14.52
C VAL A 606 14.42 -19.93 -13.47
N ILE A 607 15.71 -20.26 -13.42
CA ILE A 607 16.62 -19.58 -12.50
C ILE A 607 17.11 -18.26 -13.07
N LEU A 608 17.18 -18.13 -14.39
CA LEU A 608 17.60 -16.88 -15.01
C LEU A 608 16.65 -15.75 -14.67
N TYR A 609 15.36 -15.96 -14.88
CA TYR A 609 14.35 -14.94 -14.61
C TYR A 609 13.91 -14.99 -13.15
N GLN A 610 14.90 -14.89 -12.26
CA GLN A 610 14.63 -14.76 -10.84
C GLN A 610 13.78 -13.52 -10.56
N SER A 611 14.33 -12.34 -10.88
CA SER A 611 13.73 -11.08 -10.49
C SER A 611 12.29 -10.92 -10.95
N LEU A 612 11.82 -11.75 -11.89
CA LEU A 612 10.42 -11.71 -12.26
C LEU A 612 9.52 -12.41 -11.26
N VAL A 613 10.08 -13.06 -10.25
CA VAL A 613 9.26 -13.62 -9.18
C VAL A 613 9.08 -12.52 -8.13
N PRO A 614 7.85 -12.16 -7.79
CA PRO A 614 7.67 -11.17 -6.74
C PRO A 614 7.88 -11.78 -5.37
N ILE A 615 9.05 -11.54 -4.79
CA ILE A 615 9.43 -12.15 -3.53
C ILE A 615 9.50 -11.13 -2.41
N SER A 616 10.01 -9.93 -2.70
CA SER A 616 9.97 -8.84 -1.75
C SER A 616 8.63 -8.14 -1.72
N LEU A 617 7.69 -8.52 -2.59
CA LEU A 617 6.40 -7.85 -2.64
C LEU A 617 5.66 -7.99 -1.32
N TYR A 618 5.62 -9.20 -0.78
CA TYR A 618 4.82 -9.43 0.42
C TYR A 618 5.46 -8.78 1.64
N ILE A 619 6.79 -8.85 1.75
CA ILE A 619 7.43 -8.18 2.88
C ILE A 619 7.32 -6.67 2.73
N SER A 620 7.28 -6.16 1.51
CA SER A 620 7.09 -4.73 1.30
C SER A 620 5.69 -4.30 1.72
N VAL A 621 4.68 -5.06 1.29
CA VAL A 621 3.31 -4.74 1.67
C VAL A 621 3.15 -4.81 3.18
N GLU A 622 3.82 -5.78 3.83
CA GLU A 622 3.73 -5.88 5.27
C GLU A 622 4.40 -4.70 5.95
N ILE A 623 5.58 -4.30 5.49
CA ILE A 623 6.23 -3.12 6.04
C ILE A 623 5.35 -1.90 5.89
N ILE A 624 4.71 -1.76 4.72
CA ILE A 624 3.89 -0.58 4.44
C ILE A 624 2.68 -0.56 5.34
N LYS A 625 2.01 -1.71 5.49
CA LYS A 625 0.82 -1.76 6.33
C LYS A 625 1.18 -1.52 7.79
N THR A 626 2.32 -2.03 8.24
CA THR A 626 2.72 -1.78 9.61
C THR A 626 3.05 -0.31 9.84
N ALA A 627 3.68 0.34 8.85
CA ALA A 627 3.98 1.76 8.99
C ALA A 627 2.70 2.59 8.99
N GLN A 628 1.74 2.23 8.14
CA GLN A 628 0.48 2.96 8.11
C GLN A 628 -0.29 2.79 9.42
N ALA A 629 -0.27 1.59 9.99
CA ALA A 629 -0.94 1.39 11.27
C ALA A 629 -0.21 2.11 12.40
N ALA A 630 1.12 2.21 12.33
CA ALA A 630 1.84 2.98 13.33
C ALA A 630 1.53 4.46 13.22
N PHE A 631 1.30 4.96 12.01
CA PHE A 631 0.87 6.35 11.86
C PHE A 631 -0.52 6.55 12.42
N ILE A 632 -1.44 5.63 12.12
CA ILE A 632 -2.79 5.70 12.70
C ILE A 632 -2.72 5.72 14.22
N TYR A 633 -1.82 4.93 14.79
CA TYR A 633 -1.66 4.89 16.24
C TYR A 633 -1.11 6.22 16.76
N GLY A 634 0.04 6.64 16.26
CA GLY A 634 0.72 7.81 16.77
C GLY A 634 0.18 9.13 16.29
N ASP A 635 -0.94 9.12 15.58
CA ASP A 635 -1.64 10.36 15.28
C ASP A 635 -2.13 11.01 16.56
N VAL A 636 -1.98 12.33 16.64
CA VAL A 636 -2.32 13.05 17.86
C VAL A 636 -3.74 13.62 17.84
N LEU A 637 -4.34 13.79 16.67
CA LEU A 637 -5.72 14.23 16.60
C LEU A 637 -6.71 13.11 16.85
N LEU A 638 -6.23 11.90 17.16
CA LEU A 638 -7.07 10.79 17.55
C LEU A 638 -6.93 10.41 19.01
N TYR A 639 -5.90 10.92 19.69
CA TYR A 639 -5.71 10.66 21.11
C TYR A 639 -6.67 11.53 21.92
N ASN A 640 -7.48 10.89 22.77
CA ASN A 640 -8.45 11.58 23.60
C ASN A 640 -7.86 11.78 24.99
N ALA A 641 -7.55 13.04 25.32
CA ALA A 641 -6.82 13.33 26.55
C ALA A 641 -7.59 12.92 27.80
N LYS A 642 -8.93 12.98 27.76
CA LYS A 642 -9.73 12.59 28.92
C LYS A 642 -9.50 11.12 29.27
N LEU A 643 -9.45 10.28 28.26
CA LEU A 643 -9.30 8.84 28.48
C LEU A 643 -7.85 8.38 28.46
N ASP A 644 -6.92 9.23 28.02
CA ASP A 644 -5.51 8.85 27.89
C ASP A 644 -5.38 7.64 26.97
N TYR A 645 -6.18 7.62 25.91
CA TYR A 645 -6.31 6.44 25.06
C TYR A 645 -6.18 6.82 23.59
N PRO A 646 -4.99 6.70 23.02
CA PRO A 646 -4.84 6.91 21.58
C PRO A 646 -5.52 5.79 20.79
N CYS A 647 -5.64 6.00 19.48
CA CYS A 647 -6.32 5.04 18.65
C CYS A 647 -5.44 3.81 18.44
N THR A 648 -5.49 2.86 19.38
CA THR A 648 -4.62 1.69 19.31
C THR A 648 -5.16 0.71 18.28
N PRO A 649 -4.40 0.38 17.23
CA PRO A 649 -4.86 -0.63 16.29
C PRO A 649 -4.63 -2.03 16.81
N LYS A 650 -5.64 -2.88 16.64
CA LYS A 650 -5.53 -4.29 16.99
C LYS A 650 -5.31 -5.17 15.77
N SER A 651 -5.47 -4.63 14.57
CA SER A 651 -5.15 -5.33 13.33
C SER A 651 -4.34 -4.39 12.47
N TRP A 652 -3.05 -4.70 12.31
CA TRP A 652 -2.11 -3.82 11.61
C TRP A 652 -2.04 -4.12 10.13
N ASN A 653 -3.11 -4.67 9.54
CA ASN A 653 -3.11 -5.00 8.11
C ASN A 653 -4.45 -4.71 7.44
N ILE A 654 -5.22 -3.73 7.92
CA ILE A 654 -6.48 -3.36 7.29
C ILE A 654 -6.60 -1.86 7.13
N SER A 655 -5.48 -1.16 7.27
CA SER A 655 -5.50 0.29 7.07
C SER A 655 -6.18 0.64 5.75
N ASP A 656 -5.80 -0.05 4.68
CA ASP A 656 -6.38 0.27 3.38
C ASP A 656 -7.84 -0.14 3.27
N ASP A 657 -8.26 -1.18 3.99
CA ASP A 657 -9.68 -1.46 4.09
C ASP A 657 -10.42 -0.32 4.75
N LEU A 658 -9.76 0.40 5.65
CA LEU A 658 -10.35 1.61 6.22
C LEU A 658 -10.69 2.63 5.16
N GLY A 659 -10.03 2.60 4.01
CA GLY A 659 -10.24 3.59 2.97
C GLY A 659 -11.30 3.27 1.96
N GLN A 660 -11.99 2.14 2.11
CA GLN A 660 -13.07 1.77 1.20
C GLN A 660 -14.38 1.53 1.93
N VAL A 661 -14.52 2.01 3.17
CA VAL A 661 -15.75 1.81 3.92
C VAL A 661 -16.92 2.40 3.15
N GLU A 662 -17.95 1.60 2.96
CA GLU A 662 -19.17 2.05 2.30
C GLU A 662 -20.39 2.00 3.19
N TYR A 663 -20.38 1.20 4.24
CA TYR A 663 -21.46 1.14 5.21
C TYR A 663 -20.87 1.22 6.61
N ILE A 664 -21.56 1.94 7.49
CA ILE A 664 -21.18 2.03 8.90
C ILE A 664 -22.38 1.62 9.74
N PHE A 665 -22.16 0.67 10.64
CA PHE A 665 -23.18 0.21 11.56
C PHE A 665 -22.77 0.64 12.96
N SER A 666 -23.63 1.41 13.60
CA SER A 666 -23.28 2.06 14.86
C SER A 666 -24.41 1.88 15.86
N ASP A 667 -24.12 1.19 16.96
CA ASP A 667 -25.01 1.22 18.11
C ASP A 667 -25.16 2.66 18.59
N LYS A 668 -26.30 2.95 19.19
CA LYS A 668 -26.56 4.31 19.65
C LYS A 668 -26.16 4.56 21.08
N THR A 669 -26.73 3.80 22.03
CA THR A 669 -26.72 4.19 23.43
C THR A 669 -25.32 4.41 23.96
N GLY A 670 -24.37 3.59 23.57
CA GLY A 670 -23.03 3.71 24.12
C GLY A 670 -22.06 4.42 23.22
N THR A 671 -22.36 4.43 21.92
CA THR A 671 -21.43 4.95 20.92
C THR A 671 -21.73 6.42 20.58
N LEU A 672 -22.95 6.70 20.15
CA LEU A 672 -23.27 8.06 19.73
C LEU A 672 -23.56 8.96 20.92
N THR A 673 -24.08 8.40 22.00
CA THR A 673 -24.41 9.14 23.20
C THR A 673 -23.46 8.74 24.32
N GLN A 674 -22.85 9.72 24.97
CA GLN A 674 -22.01 9.42 26.13
C GLN A 674 -22.84 8.72 27.18
N ASN A 675 -22.46 7.49 27.54
CA ASN A 675 -23.33 6.66 28.36
C ASN A 675 -23.29 7.09 29.81
N VAL A 676 -23.54 8.37 30.07
CA VAL A 676 -23.75 8.89 31.40
C VAL A 676 -25.11 9.57 31.41
N MET A 677 -26.05 9.00 32.16
CA MET A 677 -27.41 9.49 32.21
C MET A 677 -27.50 10.61 33.23
N GLU A 678 -28.18 11.70 32.86
CA GLU A 678 -28.31 12.86 33.74
C GLU A 678 -29.78 13.11 34.04
N PHE A 679 -30.11 13.24 35.32
CA PHE A 679 -31.48 13.47 35.73
C PHE A 679 -31.92 14.87 35.31
N LYS A 680 -33.04 14.96 34.61
CA LYS A 680 -33.46 16.23 34.02
C LYS A 680 -34.77 16.77 34.60
N LYS A 681 -35.80 15.94 34.70
CA LYS A 681 -37.11 16.39 35.15
C LYS A 681 -37.70 15.38 36.12
N CYS A 682 -38.77 15.78 36.80
CA CYS A 682 -39.49 14.88 37.68
C CYS A 682 -40.89 15.43 37.94
N THR A 683 -41.87 14.55 37.95
CA THR A 683 -43.26 14.93 38.24
C THR A 683 -43.57 14.49 39.67
N ILE A 684 -43.44 15.41 40.61
CA ILE A 684 -43.69 15.16 42.02
C ILE A 684 -45.09 15.64 42.36
N ASN A 685 -45.95 14.72 42.79
CA ASN A 685 -47.32 15.03 43.19
C ASN A 685 -48.05 15.80 42.09
N GLY A 686 -47.94 15.30 40.86
CA GLY A 686 -48.57 15.93 39.73
C GLY A 686 -47.94 17.22 39.25
N VAL A 687 -46.96 17.73 39.97
CA VAL A 687 -46.27 18.96 39.57
C VAL A 687 -45.00 18.56 38.82
N SER A 688 -44.96 18.88 37.54
CA SER A 688 -43.85 18.49 36.67
C SER A 688 -42.77 19.57 36.76
N TYR A 689 -41.79 19.37 37.62
CA TYR A 689 -40.63 20.24 37.72
C TYR A 689 -39.57 19.81 36.72
N GLY A 690 -38.89 20.81 36.16
CA GLY A 690 -37.80 20.54 35.22
C GLY A 690 -37.94 21.27 33.91
N ARG A 691 -36.86 21.95 33.50
CA ARG A 691 -36.80 22.64 32.22
C ARG A 691 -35.48 22.30 31.56
N ALA A 692 -35.53 21.85 30.31
CA ALA A 692 -34.32 21.44 29.64
C ALA A 692 -34.52 21.48 28.12
N TYR A 693 -33.42 21.56 27.40
CA TYR A 693 -33.42 21.49 25.94
C TYR A 693 -32.69 20.20 25.56
N THR A 694 -33.47 19.16 25.28
CA THR A 694 -32.92 17.87 24.90
C THR A 694 -32.69 17.81 23.40
N GLU A 695 -31.79 16.93 22.98
CA GLU A 695 -31.55 16.76 21.55
C GLU A 695 -32.75 16.16 20.83
N ALA A 696 -33.55 15.34 21.50
CA ALA A 696 -34.76 14.83 20.85
C ALA A 696 -35.79 15.94 20.67
N LEU A 697 -35.90 16.86 21.64
CA LEU A 697 -36.77 18.02 21.46
C LEU A 697 -36.27 18.90 20.32
N ALA A 698 -34.95 19.12 20.25
CA ALA A 698 -34.40 19.88 19.15
C ALA A 698 -34.66 19.19 17.81
N GLY A 699 -34.60 17.87 17.78
CA GLY A 699 -34.89 17.16 16.53
C GLY A 699 -36.35 17.25 16.15
N LEU A 700 -37.25 17.20 17.13
CA LEU A 700 -38.67 17.40 16.85
C LEU A 700 -38.92 18.79 16.27
N ARG A 701 -38.30 19.81 16.86
CA ARG A 701 -38.45 21.16 16.33
C ARG A 701 -37.87 21.27 14.93
N LYS A 702 -36.72 20.63 14.67
CA LYS A 702 -36.13 20.67 13.35
C LYS A 702 -37.01 19.99 12.31
N ARG A 703 -37.60 18.86 12.66
CA ARG A 703 -38.46 18.15 11.71
C ARG A 703 -39.73 18.93 11.46
N GLN A 704 -40.25 19.63 12.48
CA GLN A 704 -41.42 20.47 12.26
C GLN A 704 -41.10 21.67 11.38
N GLY A 705 -39.96 22.32 11.63
CA GLY A 705 -39.53 23.41 10.77
C GLY A 705 -39.08 24.67 11.49
N ILE A 706 -39.22 24.70 12.82
CA ILE A 706 -38.84 25.89 13.57
C ILE A 706 -37.32 26.04 13.52
N ASP A 707 -36.85 27.29 13.60
CA ASP A 707 -35.43 27.55 13.56
C ASP A 707 -34.79 27.09 14.86
N VAL A 708 -34.32 25.83 14.87
CA VAL A 708 -33.76 25.23 16.07
C VAL A 708 -32.57 26.00 16.60
N GLU A 709 -31.79 26.65 15.74
CA GLU A 709 -30.63 27.39 16.21
C GLU A 709 -31.06 28.48 17.19
N THR A 710 -31.92 29.40 16.76
CA THR A 710 -32.37 30.47 17.63
C THR A 710 -33.23 29.94 18.78
N GLU A 711 -34.08 28.95 18.52
CA GLU A 711 -34.86 28.36 19.60
C GLU A 711 -33.97 27.86 20.72
N GLY A 712 -32.97 27.05 20.36
CA GLY A 712 -32.06 26.51 21.35
C GLY A 712 -31.19 27.57 21.99
N ARG A 713 -30.76 28.58 21.24
CA ARG A 713 -29.94 29.62 21.86
C ARG A 713 -30.72 30.32 22.96
N ARG A 714 -31.97 30.69 22.66
CA ARG A 714 -32.81 31.33 23.67
C ARG A 714 -33.05 30.39 24.85
N GLU A 715 -33.38 29.13 24.57
CA GLU A 715 -33.72 28.21 25.64
C GLU A 715 -32.53 27.92 26.55
N LYS A 716 -31.37 27.67 25.97
CA LYS A 716 -30.18 27.38 26.76
C LYS A 716 -29.70 28.61 27.52
N ALA A 717 -29.81 29.82 26.95
CA ALA A 717 -29.46 31.01 27.72
C ALA A 717 -30.40 31.16 28.92
N GLU A 718 -31.70 31.01 28.68
CA GLU A 718 -32.66 31.09 29.77
C GLU A 718 -32.37 30.05 30.84
N ILE A 719 -32.06 28.83 30.42
CA ILE A 719 -31.88 27.75 31.39
C ILE A 719 -30.55 27.90 32.12
N ALA A 720 -29.55 28.52 31.49
CA ALA A 720 -28.30 28.80 32.19
C ALA A 720 -28.51 29.86 33.26
N LYS A 721 -29.25 30.92 32.94
CA LYS A 721 -29.57 31.90 33.97
C LYS A 721 -30.39 31.28 35.09
N ASP A 722 -31.35 30.42 34.73
CA ASP A 722 -32.16 29.74 35.73
C ASP A 722 -31.32 28.81 36.60
N ARG A 723 -30.34 28.12 36.02
CA ARG A 723 -29.49 27.23 36.80
C ARG A 723 -28.60 28.03 37.75
N ASP A 724 -28.06 29.16 37.29
CA ASP A 724 -27.29 30.02 38.17
C ASP A 724 -28.13 30.46 39.36
N THR A 725 -29.33 30.99 39.08
CA THR A 725 -30.19 31.46 40.17
C THR A 725 -30.68 30.30 41.03
N MET A 726 -30.83 29.11 40.46
CA MET A 726 -31.22 27.94 41.22
C MET A 726 -30.14 27.56 42.23
N ILE A 727 -28.89 27.55 41.79
CA ILE A 727 -27.80 27.24 42.71
C ILE A 727 -27.67 28.33 43.77
N ASP A 728 -27.94 29.58 43.40
CA ASP A 728 -27.93 30.65 44.39
C ASP A 728 -29.00 30.44 45.45
N GLU A 729 -30.23 30.14 45.02
CA GLU A 729 -31.30 29.87 45.98
C GLU A 729 -31.04 28.61 46.80
N LEU A 730 -30.39 27.60 46.21
CA LEU A 730 -30.07 26.40 46.96
C LEU A 730 -29.05 26.70 48.05
N ARG A 731 -28.04 27.51 47.74
CA ARG A 731 -27.08 27.92 48.77
C ARG A 731 -27.75 28.78 49.83
N ALA A 732 -28.70 29.63 49.44
CA ALA A 732 -29.42 30.44 50.41
C ALA A 732 -30.37 29.62 51.27
N LEU A 733 -30.82 28.47 50.78
CA LEU A 733 -31.74 27.64 51.55
C LEU A 733 -31.06 27.05 52.79
N SER A 734 -30.02 26.26 52.58
CA SER A 734 -29.38 25.57 53.70
C SER A 734 -27.93 25.28 53.35
N GLY A 735 -27.13 25.08 54.39
CA GLY A 735 -25.73 24.75 54.22
C GLY A 735 -25.50 23.26 54.04
N ASN A 736 -25.07 22.86 52.85
CA ASN A 736 -24.82 21.47 52.53
C ASN A 736 -23.32 21.20 52.54
N SER A 737 -22.94 20.05 53.10
CA SER A 737 -21.53 19.66 53.09
C SER A 737 -21.21 18.81 51.89
N GLN A 738 -22.20 18.14 51.31
CA GLN A 738 -22.03 17.29 50.13
C GLN A 738 -22.69 17.89 48.90
N PHE A 739 -22.63 19.21 48.75
CA PHE A 739 -23.16 19.88 47.56
C PHE A 739 -22.04 20.24 46.61
N TYR A 740 -22.25 19.96 45.32
CA TYR A 740 -21.29 20.31 44.30
C TYR A 740 -22.04 20.81 43.06
N PRO A 741 -21.91 22.10 42.74
CA PRO A 741 -22.74 22.67 41.66
C PRO A 741 -22.36 22.18 40.27
N GLU A 742 -21.18 21.59 40.10
CA GLU A 742 -20.73 21.20 38.77
C GLU A 742 -21.49 20.00 38.22
N GLU A 743 -21.92 19.07 39.09
CA GLU A 743 -22.66 17.90 38.66
C GLU A 743 -24.16 18.02 38.95
N VAL A 744 -24.67 19.25 39.04
CA VAL A 744 -26.10 19.45 39.21
C VAL A 744 -26.76 19.47 37.83
N THR A 745 -27.85 18.72 37.69
CA THR A 745 -28.55 18.63 36.43
C THR A 745 -30.05 18.92 36.52
N PHE A 746 -30.60 19.03 37.73
CA PHE A 746 -31.99 19.41 37.89
C PHE A 746 -32.11 20.92 37.75
N VAL A 747 -32.95 21.37 36.81
CA VAL A 747 -32.93 22.75 36.36
C VAL A 747 -34.29 23.42 36.56
N SER A 748 -35.00 23.07 37.62
CA SER A 748 -36.35 23.58 37.86
C SER A 748 -36.31 24.75 38.83
N LYS A 749 -36.35 25.97 38.30
CA LYS A 749 -36.57 27.13 39.16
C LYS A 749 -37.91 27.04 39.87
N GLU A 750 -38.92 26.49 39.21
CA GLU A 750 -40.20 26.28 39.87
C GLU A 750 -40.04 25.39 41.09
N PHE A 751 -39.25 24.31 40.99
CA PHE A 751 -39.04 23.43 42.13
C PHE A 751 -38.25 24.12 43.23
N VAL A 752 -37.19 24.85 42.86
CA VAL A 752 -36.37 25.46 43.90
C VAL A 752 -37.13 26.57 44.59
N ARG A 753 -38.13 27.16 43.92
CA ARG A 753 -38.96 28.16 44.57
C ARG A 753 -40.10 27.55 45.37
N ASP A 754 -40.64 26.42 44.90
CA ASP A 754 -41.77 25.78 45.56
C ASP A 754 -41.35 24.93 46.75
N LEU A 755 -40.07 24.55 46.85
CA LEU A 755 -39.64 23.79 48.01
C LEU A 755 -39.77 24.59 49.29
N LYS A 756 -39.67 25.92 49.22
CA LYS A 756 -39.72 26.72 50.43
C LYS A 756 -41.16 26.98 50.88
N GLY A 757 -41.91 27.77 50.10
CA GLY A 757 -43.26 28.13 50.51
C GLY A 757 -44.29 28.34 49.43
N ALA A 758 -43.92 28.14 48.16
CA ALA A 758 -44.77 28.63 47.06
C ALA A 758 -46.12 27.92 47.02
N SER A 759 -46.14 26.63 47.35
CA SER A 759 -47.40 25.88 47.39
C SER A 759 -47.85 25.58 48.81
N GLY A 760 -47.00 25.81 49.81
CA GLY A 760 -47.37 25.55 51.18
C GLY A 760 -46.61 24.38 51.79
N GLU A 761 -47.36 23.58 52.54
CA GLU A 761 -46.78 22.49 53.32
C GLU A 761 -47.00 21.12 52.69
N VAL A 762 -48.15 20.89 52.04
CA VAL A 762 -48.41 19.55 51.51
C VAL A 762 -47.50 19.23 50.34
N GLN A 763 -47.29 20.20 49.44
CA GLN A 763 -46.35 19.98 48.35
C GLN A 763 -44.92 19.86 48.85
N GLN A 764 -44.59 20.64 49.90
CA GLN A 764 -43.29 20.49 50.54
C GLN A 764 -43.08 19.07 51.05
N ARG A 765 -44.06 18.53 51.77
CA ARG A 765 -43.97 17.18 52.29
C ARG A 765 -43.84 16.17 51.16
N CYS A 766 -44.62 16.36 50.09
CA CYS A 766 -44.54 15.45 48.94
C CYS A 766 -43.14 15.47 48.33
N CYS A 767 -42.57 16.67 48.14
CA CYS A 767 -41.24 16.77 47.57
C CYS A 767 -40.19 16.14 48.47
N GLU A 768 -40.26 16.40 49.77
CA GLU A 768 -39.28 15.82 50.69
C GLU A 768 -39.39 14.31 50.72
N HIS A 769 -40.62 13.77 50.65
CA HIS A 769 -40.78 12.32 50.64
C HIS A 769 -40.25 11.72 49.35
N PHE A 770 -40.50 12.38 48.21
CA PHE A 770 -39.93 11.93 46.94
C PHE A 770 -38.41 11.88 47.03
N MET A 771 -37.79 12.95 47.55
CA MET A 771 -36.34 12.98 47.68
C MET A 771 -35.84 11.88 48.61
N LEU A 772 -36.52 11.67 49.74
CA LEU A 772 -36.08 10.65 50.69
C LEU A 772 -36.15 9.27 50.08
N ALA A 773 -37.27 8.94 49.43
CA ALA A 773 -37.41 7.65 48.78
C ALA A 773 -36.41 7.47 47.66
N LEU A 774 -36.14 8.51 46.87
CA LEU A 774 -35.16 8.41 45.79
C LEU A 774 -33.75 8.19 46.34
N ALA A 775 -33.41 8.86 47.44
CA ALA A 775 -32.08 8.73 48.02
C ALA A 775 -31.91 7.48 48.86
N LEU A 776 -33.00 6.81 49.23
CA LEU A 776 -32.88 5.58 50.01
C LEU A 776 -32.99 4.33 49.15
N CYS A 777 -34.00 4.24 48.27
CA CYS A 777 -34.17 3.05 47.44
C CYS A 777 -33.10 3.00 46.36
N HIS A 778 -32.00 2.32 46.63
CA HIS A 778 -30.88 2.21 45.69
C HIS A 778 -29.92 1.15 46.22
N SER A 779 -28.89 0.87 45.42
CA SER A 779 -27.85 -0.08 45.80
C SER A 779 -26.46 0.49 45.56
N VAL A 780 -26.34 1.82 45.53
CA VAL A 780 -25.06 2.46 45.25
C VAL A 780 -24.13 2.30 46.44
N LEU A 781 -22.86 2.05 46.16
CA LEU A 781 -21.82 1.99 47.17
C LEU A 781 -20.91 3.21 47.02
N VAL A 782 -20.74 3.97 48.11
CA VAL A 782 -20.04 5.24 48.09
C VAL A 782 -18.66 5.06 48.70
N GLU A 783 -17.67 5.72 48.12
CA GLU A 783 -16.30 5.72 48.62
C GLU A 783 -15.72 7.11 48.47
N ALA A 784 -14.68 7.39 49.26
CA ALA A 784 -14.10 8.71 49.30
C ALA A 784 -13.47 9.08 47.95
N ASN A 785 -13.63 10.34 47.56
CA ASN A 785 -13.03 10.83 46.33
C ASN A 785 -11.52 10.87 46.48
N PRO A 786 -10.76 10.32 45.54
CA PRO A 786 -9.29 10.36 45.65
C PRO A 786 -8.72 11.76 45.76
N ASP A 787 -9.39 12.77 45.21
CA ASP A 787 -8.90 14.14 45.32
C ASP A 787 -9.12 14.67 46.73
N ASN A 788 -10.35 14.61 47.22
CA ASN A 788 -10.68 15.05 48.57
C ASN A 788 -11.48 13.96 49.26
N PRO A 789 -11.06 13.47 50.43
CA PRO A 789 -11.78 12.36 51.08
C PRO A 789 -13.19 12.71 51.50
N LYS A 790 -13.54 13.98 51.63
CA LYS A 790 -14.90 14.33 52.01
C LYS A 790 -15.89 14.14 50.86
N LYS A 791 -15.47 14.42 49.62
CA LYS A 791 -16.34 14.16 48.49
C LYS A 791 -16.50 12.66 48.28
N LEU A 792 -17.67 12.27 47.81
CA LEU A 792 -17.98 10.88 47.52
C LEU A 792 -18.01 10.66 46.02
N ASP A 793 -17.86 9.40 45.61
CA ASP A 793 -17.77 9.06 44.20
C ASP A 793 -19.04 8.43 43.64
N LEU A 794 -19.92 7.92 44.49
CA LEU A 794 -21.21 7.36 44.07
C LEU A 794 -21.01 6.25 43.03
N LYS A 795 -20.35 5.18 43.45
CA LYS A 795 -20.07 4.05 42.58
C LYS A 795 -21.29 3.13 42.56
N ALA A 796 -22.04 3.16 41.46
CA ALA A 796 -23.22 2.34 41.27
C ALA A 796 -23.00 1.36 40.13
N GLN A 797 -23.94 0.42 40.00
CA GLN A 797 -23.86 -0.56 38.92
C GLN A 797 -24.53 -0.05 37.65
N SER A 798 -25.77 0.45 37.78
CA SER A 798 -26.50 1.00 36.64
C SER A 798 -26.44 2.52 36.64
N PRO A 799 -26.37 3.15 35.47
CA PRO A 799 -26.19 4.61 35.44
C PRO A 799 -27.41 5.37 35.95
N ASP A 800 -28.61 4.84 35.76
CA ASP A 800 -29.81 5.60 36.14
C ASP A 800 -29.94 5.72 37.65
N GLU A 801 -29.66 4.63 38.39
CA GLU A 801 -29.68 4.72 39.84
C GLU A 801 -28.63 5.71 40.35
N ALA A 802 -27.46 5.71 39.72
CA ALA A 802 -26.42 6.68 40.09
C ALA A 802 -26.90 8.11 39.84
N ALA A 803 -27.54 8.34 38.70
CA ALA A 803 -28.05 9.67 38.39
C ALA A 803 -29.09 10.11 39.42
N LEU A 804 -29.99 9.19 39.80
CA LEU A 804 -31.01 9.52 40.77
C LEU A 804 -30.40 9.87 42.13
N VAL A 805 -29.46 9.05 42.61
CA VAL A 805 -28.89 9.34 43.91
C VAL A 805 -28.06 10.61 43.87
N ALA A 806 -27.39 10.88 42.74
CA ALA A 806 -26.60 12.09 42.63
C ALA A 806 -27.47 13.33 42.63
N THR A 807 -28.60 13.30 41.92
CA THR A 807 -29.47 14.49 41.92
C THR A 807 -30.16 14.67 43.27
N ALA A 808 -30.52 13.56 43.93
CA ALA A 808 -31.10 13.68 45.26
C ALA A 808 -30.08 14.22 46.26
N ARG A 809 -28.80 13.90 46.08
CA ARG A 809 -27.77 14.48 46.94
C ARG A 809 -27.59 15.96 46.64
N ASP A 810 -27.52 16.32 45.36
CA ASP A 810 -27.28 17.71 44.98
C ASP A 810 -28.45 18.61 45.34
N VAL A 811 -29.67 18.06 45.45
CA VAL A 811 -30.80 18.90 45.85
C VAL A 811 -30.78 19.15 47.35
N GLY A 812 -30.01 18.40 48.12
CA GLY A 812 -29.93 18.59 49.56
C GLY A 812 -30.43 17.40 50.37
N PHE A 813 -30.27 16.20 49.82
CA PHE A 813 -30.65 14.95 50.46
C PHE A 813 -29.53 13.93 50.33
N SER A 814 -28.32 14.34 50.69
CA SER A 814 -27.14 13.53 50.39
C SER A 814 -27.15 12.22 51.16
N PHE A 815 -26.47 11.23 50.61
CA PHE A 815 -26.36 9.90 51.22
C PHE A 815 -24.88 9.59 51.41
N VAL A 816 -24.49 9.29 52.65
CA VAL A 816 -23.10 9.01 52.98
C VAL A 816 -23.04 7.72 53.79
N GLY A 817 -21.98 6.95 53.58
CA GLY A 817 -21.71 5.76 54.37
C GLY A 817 -22.70 4.63 54.23
N LYS A 818 -22.34 3.46 54.77
CA LYS A 818 -23.22 2.30 54.75
C LYS A 818 -22.89 1.46 55.98
N THR A 819 -23.63 1.66 57.06
CA THR A 819 -23.34 0.94 58.30
C THR A 819 -23.95 -0.45 58.29
N LYS A 820 -23.70 -1.17 59.38
CA LYS A 820 -24.20 -2.52 59.54
C LYS A 820 -25.72 -2.59 59.47
N LYS A 821 -26.41 -1.53 59.88
CA LYS A 821 -27.87 -1.48 59.82
C LYS A 821 -28.29 -0.20 59.10
N GLY A 822 -28.90 -0.36 57.92
CA GLY A 822 -29.39 0.78 57.18
C GLY A 822 -28.30 1.62 56.55
N LEU A 823 -28.60 2.93 56.45
CA LEU A 823 -27.70 3.87 55.81
C LEU A 823 -27.85 5.23 56.48
N ILE A 824 -27.09 6.21 56.00
CA ILE A 824 -27.04 7.54 56.59
C ILE A 824 -27.36 8.57 55.51
N ILE A 825 -28.35 9.42 55.78
CA ILE A 825 -28.71 10.53 54.92
C ILE A 825 -28.41 11.83 55.65
N GLU A 826 -27.66 12.71 55.01
CA GLU A 826 -27.58 14.11 55.41
C GLU A 826 -28.71 14.86 54.72
N MET A 827 -29.75 15.18 55.48
CA MET A 827 -30.86 15.98 54.98
C MET A 827 -30.76 17.38 55.57
N GLN A 828 -30.81 18.38 54.70
CA GLN A 828 -30.77 19.80 55.06
C GLN A 828 -29.58 20.15 55.94
N GLY A 829 -28.59 19.28 56.04
CA GLY A 829 -27.40 19.53 56.84
C GLY A 829 -27.23 18.62 58.04
N ILE A 830 -28.22 17.82 58.42
CA ILE A 830 -28.13 16.99 59.61
C ILE A 830 -28.07 15.52 59.20
N GLN A 831 -27.32 14.73 59.98
CA GLN A 831 -27.24 13.29 59.78
C GLN A 831 -28.47 12.61 60.35
N LYS A 832 -28.91 11.54 59.69
CA LYS A 832 -29.90 10.65 60.26
C LYS A 832 -29.75 9.27 59.64
N GLU A 833 -29.84 8.24 60.46
CA GLU A 833 -29.67 6.87 60.02
C GLU A 833 -31.02 6.22 59.80
N PHE A 834 -31.02 5.15 59.02
CA PHE A 834 -32.19 4.34 58.73
C PHE A 834 -31.89 2.88 59.00
N GLU A 835 -32.88 2.02 58.76
CA GLU A 835 -32.72 0.58 58.94
C GLU A 835 -33.33 -0.13 57.74
N ILE A 836 -32.49 -0.52 56.79
CA ILE A 836 -32.94 -1.31 55.64
C ILE A 836 -32.99 -2.78 56.03
N LEU A 837 -34.15 -3.41 55.81
CA LEU A 837 -34.33 -4.80 56.18
C LEU A 837 -34.21 -5.73 54.99
N ASN A 838 -35.01 -5.51 53.95
CA ASN A 838 -35.06 -6.40 52.80
C ASN A 838 -34.92 -5.59 51.52
N ILE A 839 -33.82 -5.82 50.80
CA ILE A 839 -33.59 -5.21 49.49
C ILE A 839 -33.87 -6.29 48.45
N LEU A 840 -35.04 -6.21 47.82
CA LEU A 840 -35.35 -7.06 46.67
C LEU A 840 -34.68 -6.38 45.48
N GLU A 841 -33.48 -6.86 45.13
CA GLU A 841 -32.58 -6.16 44.23
C GLU A 841 -33.17 -6.10 42.82
N PHE A 842 -32.51 -5.29 41.98
CA PHE A 842 -32.91 -5.16 40.59
C PHE A 842 -32.48 -6.38 39.79
N ASN A 843 -33.39 -6.88 38.95
CA ASN A 843 -33.10 -8.01 38.09
C ASN A 843 -33.63 -7.72 36.69
N SER A 844 -32.92 -8.26 35.69
CA SER A 844 -33.30 -8.03 34.31
C SER A 844 -34.68 -8.59 33.98
N SER A 845 -35.10 -9.62 34.70
CA SER A 845 -36.43 -10.19 34.50
C SER A 845 -37.49 -9.61 35.42
N ARG A 846 -37.08 -9.02 36.55
CA ARG A 846 -38.05 -8.39 37.44
C ARG A 846 -38.39 -6.97 36.99
N LYS A 847 -37.43 -6.27 36.37
CA LYS A 847 -37.64 -4.90 35.88
C LYS A 847 -38.08 -3.97 37.01
N ARG A 848 -37.53 -4.18 38.20
CA ARG A 848 -37.91 -3.40 39.36
C ARG A 848 -36.90 -3.63 40.47
N MET A 849 -36.81 -2.66 41.38
CA MET A 849 -35.97 -2.77 42.57
C MET A 849 -36.75 -2.23 43.76
N SER A 850 -36.95 -3.07 44.77
CA SER A 850 -37.75 -2.69 45.93
C SER A 850 -36.92 -2.83 47.20
N CYS A 851 -37.37 -2.16 48.25
CA CYS A 851 -36.66 -2.17 49.52
C CYS A 851 -37.60 -1.79 50.64
N ILE A 852 -37.48 -2.51 51.76
CA ILE A 852 -38.29 -2.26 52.95
C ILE A 852 -37.36 -1.66 54.00
N VAL A 853 -37.63 -0.41 54.36
CA VAL A 853 -36.85 0.30 55.37
C VAL A 853 -37.67 0.43 56.63
N LYS A 854 -36.98 0.53 57.77
CA LYS A 854 -37.62 0.73 59.06
C LYS A 854 -37.57 2.22 59.41
N ILE A 855 -38.74 2.83 59.60
CA ILE A 855 -38.83 4.25 59.92
C ILE A 855 -39.02 4.40 61.43
N PRO A 856 -38.00 4.83 62.17
CA PRO A 856 -38.16 5.01 63.61
C PRO A 856 -38.81 6.34 63.94
N GLY A 857 -39.52 6.36 65.06
CA GLY A 857 -40.19 7.56 65.52
C GLY A 857 -41.00 7.36 66.79
N GLU A 863 -41.89 4.45 67.84
CA GLU A 863 -42.71 3.48 67.13
C GLU A 863 -42.34 3.42 65.65
N PRO A 864 -41.36 2.59 65.31
CA PRO A 864 -40.97 2.44 63.90
C PRO A 864 -41.99 1.64 63.11
N ARG A 865 -42.05 1.94 61.82
CA ARG A 865 -42.95 1.26 60.89
C ARG A 865 -42.13 0.76 59.70
N ALA A 866 -42.78 0.14 58.74
CA ALA A 866 -42.12 -0.33 57.54
C ALA A 866 -42.50 0.54 56.35
N LEU A 867 -41.53 0.81 55.49
CA LEU A 867 -41.76 1.56 54.25
C LEU A 867 -41.21 0.73 53.11
N LEU A 868 -42.11 0.19 52.29
CA LEU A 868 -41.74 -0.57 51.10
C LEU A 868 -41.74 0.39 49.92
N ILE A 869 -40.55 0.75 49.45
CA ILE A 869 -40.39 1.65 48.31
C ILE A 869 -39.88 0.83 47.14
N CYS A 870 -40.53 0.99 45.98
CA CYS A 870 -40.18 0.23 44.79
C CYS A 870 -40.05 1.18 43.61
N LYS A 871 -38.97 1.01 42.85
CA LYS A 871 -38.73 1.78 41.64
C LYS A 871 -38.77 0.82 40.45
N GLY A 872 -39.54 1.20 39.43
CA GLY A 872 -39.67 0.37 38.25
C GLY A 872 -40.12 1.16 37.05
N ALA A 873 -40.62 0.44 36.06
CA ALA A 873 -41.11 1.07 34.84
C ALA A 873 -42.52 1.61 35.07
N ASP A 874 -42.94 2.49 34.15
CA ASP A 874 -44.26 3.09 34.26
C ASP A 874 -45.36 2.04 34.12
N SER A 875 -45.29 1.20 33.09
CA SER A 875 -46.27 0.13 32.96
C SER A 875 -46.12 -0.91 34.06
N ILE A 876 -44.89 -1.17 34.50
CA ILE A 876 -44.67 -2.12 35.59
C ILE A 876 -45.40 -1.65 36.85
N ILE A 877 -45.36 -0.35 37.13
CA ILE A 877 -46.05 0.15 38.32
C ILE A 877 -47.55 0.22 38.08
N TYR A 878 -47.98 0.71 36.91
CA TYR A 878 -49.40 0.84 36.63
C TYR A 878 -50.11 -0.51 36.57
N SER A 879 -49.36 -1.60 36.38
CA SER A 879 -49.97 -2.92 36.47
C SER A 879 -50.22 -3.29 37.93
N ARG A 880 -49.36 -2.86 38.84
CA ARG A 880 -49.48 -3.14 40.26
C ARG A 880 -49.95 -1.87 40.97
N LEU A 881 -51.27 -1.65 40.96
CA LEU A 881 -51.88 -0.57 41.72
C LEU A 881 -52.85 -1.15 42.72
N SER A 882 -53.34 -0.30 43.61
CA SER A 882 -54.34 -0.69 44.58
C SER A 882 -55.72 -0.26 44.10
N ARG A 883 -56.73 -1.04 44.47
CA ARG A 883 -58.09 -0.79 44.02
C ARG A 883 -58.73 0.41 44.71
N GLN A 884 -58.19 0.86 45.84
CA GLN A 884 -58.69 2.03 46.55
C GLN A 884 -57.67 3.14 46.69
N SER A 887 -56.46 2.82 47.15
CA SER A 887 -55.50 3.86 47.53
C SER A 887 -54.75 4.44 46.34
N ASN A 888 -55.50 4.96 45.37
CA ASN A 888 -54.96 5.72 44.26
C ASN A 888 -55.76 7.00 44.11
N SER A 889 -55.06 8.12 43.98
CA SER A 889 -55.75 9.41 43.94
C SER A 889 -56.56 9.58 42.66
N GLU A 890 -55.99 9.17 41.52
CA GLU A 890 -56.65 9.22 40.22
C GLU A 890 -56.84 10.67 39.75
N ALA A 891 -56.47 11.62 40.60
CA ALA A 891 -56.38 13.03 40.22
C ALA A 891 -54.94 13.46 39.95
N ILE A 892 -54.02 13.01 40.79
CA ILE A 892 -52.60 13.18 40.50
C ILE A 892 -52.14 12.15 39.48
N LEU A 893 -52.80 11.00 39.43
CA LEU A 893 -52.38 9.91 38.54
C LEU A 893 -52.47 10.33 37.08
N GLU A 894 -53.57 10.97 36.69
CA GLU A 894 -53.75 11.36 35.29
C GLU A 894 -52.69 12.37 34.87
N LYS A 895 -52.42 13.37 35.71
CA LYS A 895 -51.46 14.40 35.34
C LYS A 895 -50.03 13.85 35.36
N THR A 896 -49.74 12.91 36.26
CA THR A 896 -48.42 12.27 36.24
C THR A 896 -48.25 11.40 35.00
N ALA A 897 -49.32 10.72 34.56
CA ALA A 897 -49.23 9.95 33.33
C ALA A 897 -49.03 10.86 32.13
N LEU A 898 -49.71 12.01 32.13
CA LEU A 898 -49.49 12.99 31.06
C LEU A 898 -48.05 13.49 31.05
N HIS A 899 -47.50 13.76 32.24
CA HIS A 899 -46.10 14.18 32.34
C HIS A 899 -45.16 13.09 31.81
N LEU A 900 -45.44 11.83 32.15
CA LEU A 900 -44.60 10.73 31.69
C LEU A 900 -44.68 10.58 30.17
N GLU A 901 -45.88 10.73 29.60
CA GLU A 901 -46.00 10.64 28.15
C GLU A 901 -45.27 11.80 27.47
N GLN A 902 -45.35 13.00 28.06
CA GLN A 902 -44.62 14.14 27.51
C GLN A 902 -43.13 13.92 27.57
N TYR A 903 -42.65 13.33 28.67
CA TYR A 903 -41.21 13.02 28.78
C TYR A 903 -40.79 11.99 27.74
N ALA A 904 -41.61 10.95 27.56
CA ALA A 904 -41.31 9.94 26.56
C ALA A 904 -41.26 10.55 25.17
N THR A 905 -42.17 11.48 24.87
CA THR A 905 -42.14 12.16 23.59
C THR A 905 -40.90 13.04 23.44
N GLU A 906 -40.57 13.83 24.47
CA GLU A 906 -39.37 14.65 24.44
C GLU A 906 -38.09 13.83 24.41
N GLY A 907 -38.17 12.55 24.71
CA GLY A 907 -37.04 11.66 24.51
C GLY A 907 -36.24 11.33 25.75
N LEU A 908 -36.91 11.11 26.87
CA LEU A 908 -36.24 10.80 28.12
C LEU A 908 -36.68 9.43 28.63
N ARG A 909 -35.82 8.80 29.42
CA ARG A 909 -36.14 7.53 30.05
C ARG A 909 -36.88 7.78 31.36
N THR A 910 -38.11 7.27 31.44
CA THR A 910 -38.99 7.54 32.57
C THR A 910 -38.95 6.41 33.57
N LEU A 911 -39.18 6.76 34.83
CA LEU A 911 -39.25 5.81 35.94
C LEU A 911 -40.57 6.00 36.67
N CYS A 912 -40.85 5.09 37.61
CA CYS A 912 -42.00 5.21 38.48
C CYS A 912 -41.63 4.70 39.86
N ILE A 913 -42.07 5.43 40.89
CA ILE A 913 -41.69 5.16 42.26
C ILE A 913 -42.95 5.06 43.10
N ALA A 914 -43.06 3.98 43.87
CA ALA A 914 -44.26 3.71 44.66
C ALA A 914 -43.88 3.32 46.07
N GLN A 915 -44.57 3.91 47.05
CA GLN A 915 -44.36 3.60 48.45
C GLN A 915 -45.50 2.75 49.00
N ARG A 916 -45.23 2.13 50.14
CA ARG A 916 -46.22 1.41 50.92
C ARG A 916 -45.89 1.58 52.39
N GLU A 917 -46.84 2.09 53.16
CA GLU A 917 -46.68 2.27 54.60
C GLU A 917 -47.26 1.05 55.32
N LEU A 918 -46.48 0.48 56.23
CA LEU A 918 -46.85 -0.75 56.93
C LEU A 918 -46.79 -0.47 58.43
N SER A 919 -47.94 -0.54 59.08
CA SER A 919 -48.02 -0.41 60.53
C SER A 919 -47.28 -1.55 61.20
N TRP A 920 -47.10 -1.42 62.52
CA TRP A 920 -46.25 -2.36 63.25
C TRP A 920 -46.78 -3.79 63.19
N SER A 921 -48.08 -3.98 63.43
CA SER A 921 -48.63 -5.34 63.49
C SER A 921 -48.58 -6.00 62.12
N GLU A 922 -49.05 -5.30 61.08
CA GLU A 922 -49.04 -5.88 59.74
C GLU A 922 -47.61 -6.12 59.27
N TYR A 923 -46.67 -5.25 59.66
CA TYR A 923 -45.29 -5.47 59.26
C TYR A 923 -44.70 -6.68 59.98
N GLU A 924 -44.99 -6.84 61.27
CA GLU A 924 -44.54 -8.04 61.97
C GLU A 924 -45.05 -9.29 61.27
N LYS A 925 -46.35 -9.32 60.96
CA LYS A 925 -46.93 -10.47 60.27
C LYS A 925 -46.20 -10.72 58.95
N TRP A 926 -46.07 -9.68 58.12
CA TRP A 926 -45.47 -9.84 56.80
C TRP A 926 -44.00 -10.20 56.90
N ASN A 927 -43.29 -9.74 57.92
CA ASN A 927 -41.88 -10.07 58.07
C ASN A 927 -41.70 -11.52 58.47
N GLU A 928 -42.52 -12.02 59.38
CA GLU A 928 -42.44 -13.44 59.72
C GLU A 928 -42.80 -14.30 58.50
N LYS A 929 -43.80 -13.87 57.72
CA LYS A 929 -44.13 -14.62 56.51
C LYS A 929 -42.98 -14.60 55.51
N TYR A 930 -42.35 -13.45 55.31
CA TYR A 930 -41.25 -13.36 54.36
C TYR A 930 -40.05 -14.18 54.83
N ASP A 931 -39.79 -14.19 56.14
CA ASP A 931 -38.69 -15.00 56.66
C ASP A 931 -38.97 -16.49 56.49
N ILE A 932 -40.18 -16.94 56.79
CA ILE A 932 -40.46 -18.37 56.65
C ILE A 932 -40.53 -18.75 55.17
N ALA A 933 -40.83 -17.80 54.29
CA ALA A 933 -40.78 -18.09 52.86
C ALA A 933 -39.35 -18.16 52.33
N ALA A 934 -38.47 -17.27 52.82
CA ALA A 934 -37.07 -17.29 52.43
C ALA A 934 -36.31 -18.44 53.07
N ALA A 935 -36.82 -19.00 54.16
CA ALA A 935 -36.20 -20.19 54.76
C ALA A 935 -36.29 -21.40 53.84
N SER A 936 -37.05 -21.32 52.76
CA SER A 936 -37.17 -22.42 51.81
C SER A 936 -36.08 -22.31 50.74
N LEU A 937 -35.14 -23.24 50.76
CA LEU A 937 -34.05 -23.30 49.79
C LEU A 937 -34.53 -24.10 48.58
N ALA A 938 -33.59 -24.57 47.74
CA ALA A 938 -33.90 -25.31 46.51
C ALA A 938 -34.69 -24.42 45.54
N ASN A 939 -33.97 -23.43 45.01
CA ASN A 939 -34.50 -22.39 44.12
C ASN A 939 -35.48 -21.50 44.88
N ARG A 940 -34.96 -20.80 45.89
CA ARG A 940 -35.74 -19.84 46.67
C ARG A 940 -36.36 -18.75 45.80
N GLU A 941 -35.91 -18.61 44.55
CA GLU A 941 -36.37 -17.52 43.70
C GLU A 941 -37.87 -17.63 43.42
N ASP A 942 -38.38 -18.85 43.26
CA ASP A 942 -39.80 -19.03 42.95
C ASP A 942 -40.69 -18.57 44.10
N GLU A 943 -40.40 -19.03 45.31
CA GLU A 943 -41.17 -18.57 46.47
C GLU A 943 -40.95 -17.08 46.70
N LEU A 944 -39.75 -16.57 46.40
CA LEU A 944 -39.51 -15.14 46.57
C LEU A 944 -40.40 -14.33 45.63
N GLU A 945 -40.49 -14.75 44.37
CA GLU A 945 -41.28 -13.98 43.42
C GLU A 945 -42.77 -14.14 43.69
N VAL A 946 -43.20 -15.29 44.23
CA VAL A 946 -44.63 -15.40 44.55
C VAL A 946 -44.97 -14.54 45.76
N VAL A 947 -44.07 -14.45 46.75
CA VAL A 947 -44.30 -13.54 47.87
C VAL A 947 -44.30 -12.09 47.37
N ALA A 948 -43.42 -11.76 46.43
CA ALA A 948 -43.41 -10.42 45.88
C ALA A 948 -44.70 -10.10 45.15
N ASP A 949 -45.21 -11.04 44.36
CA ASP A 949 -46.49 -10.85 43.69
C ASP A 949 -47.61 -10.63 44.72
N SER A 950 -47.60 -11.41 45.80
CA SER A 950 -48.65 -11.27 46.81
C SER A 950 -48.57 -9.94 47.53
N ILE A 951 -47.36 -9.43 47.78
CA ILE A 951 -47.22 -8.28 48.67
C ILE A 951 -47.22 -6.95 47.91
N GLU A 952 -46.60 -6.86 46.73
CA GLU A 952 -46.46 -5.59 46.03
C GLU A 952 -47.62 -5.27 45.11
N ARG A 953 -48.76 -5.94 45.26
CA ARG A 953 -49.88 -5.66 44.37
C ARG A 953 -50.53 -4.31 44.66
N GLU A 954 -50.44 -3.82 45.89
CA GLU A 954 -51.00 -2.53 46.27
C GLU A 954 -49.86 -1.54 46.53
N LEU A 955 -49.89 -0.40 45.84
CA LEU A 955 -48.84 0.60 45.92
C LEU A 955 -49.45 1.98 45.89
N ILE A 956 -48.70 2.96 46.42
CA ILE A 956 -49.06 4.37 46.37
C ILE A 956 -47.96 5.09 45.61
N LEU A 957 -48.21 5.41 44.34
CA LEU A 957 -47.19 6.05 43.52
C LEU A 957 -47.00 7.50 43.94
N LEU A 958 -45.74 7.92 43.97
CA LEU A 958 -45.39 9.32 44.26
C LEU A 958 -45.20 10.14 43.00
N GLY A 959 -44.57 9.58 41.98
CA GLY A 959 -44.36 10.30 40.75
C GLY A 959 -43.43 9.54 39.84
N GLY A 960 -42.73 10.28 38.99
CA GLY A 960 -41.79 9.69 38.08
C GLY A 960 -40.56 10.57 37.93
N THR A 961 -39.52 9.98 37.38
CA THR A 961 -38.28 10.68 37.07
C THR A 961 -38.06 10.66 35.56
N ALA A 962 -37.00 11.34 35.13
CA ALA A 962 -36.64 11.38 33.71
C ALA A 962 -35.15 11.61 33.62
N ILE A 963 -34.47 10.71 32.91
CA ILE A 963 -33.04 10.82 32.71
C ILE A 963 -32.79 11.05 31.23
N GLU A 964 -31.62 11.61 30.93
CA GLU A 964 -31.26 12.02 29.58
C GLU A 964 -29.89 11.48 29.22
N ASP A 965 -29.76 11.08 27.95
CA ASP A 965 -28.52 10.57 27.38
C ASP A 965 -28.08 11.53 26.29
N ARG A 966 -27.08 12.36 26.60
CA ARG A 966 -26.62 13.37 25.66
C ARG A 966 -25.69 12.77 24.61
N LEU A 967 -25.72 13.35 23.42
CA LEU A 967 -24.79 12.95 22.37
C LEU A 967 -23.36 13.29 22.77
N GLN A 968 -22.42 12.61 22.13
CA GLN A 968 -21.02 12.95 22.34
C GLN A 968 -20.67 14.21 21.56
N ASP A 969 -19.57 14.84 21.95
CA ASP A 969 -19.16 16.07 21.30
C ASP A 969 -18.80 15.82 19.84
N GLY A 970 -19.44 16.58 18.94
CA GLY A 970 -19.09 16.52 17.54
C GLY A 970 -19.69 15.38 16.77
N VAL A 971 -20.66 14.67 17.33
CA VAL A 971 -21.30 13.57 16.63
C VAL A 971 -22.09 14.08 15.42
N PRO A 972 -22.87 15.16 15.52
CA PRO A 972 -23.53 15.67 14.30
C PRO A 972 -22.57 16.08 13.21
N ASP A 973 -21.46 16.73 13.58
CA ASP A 973 -20.47 17.11 12.57
C ASP A 973 -19.82 15.89 11.95
N CYS A 974 -19.48 14.89 12.77
CA CYS A 974 -18.88 13.67 12.23
C CYS A 974 -19.85 12.95 11.30
N ILE A 975 -21.13 12.95 11.64
CA ILE A 975 -22.11 12.26 10.80
C ILE A 975 -22.31 13.00 9.48
N GLU A 976 -22.37 14.32 9.52
CA GLU A 976 -22.50 15.04 8.24
C GLU A 976 -21.25 14.91 7.39
N LEU A 977 -20.07 14.82 8.02
CA LEU A 977 -18.85 14.59 7.26
C LEU A 977 -18.88 13.23 6.59
N LEU A 978 -19.23 12.18 7.35
CA LEU A 978 -19.27 10.85 6.78
C LEU A 978 -20.38 10.68 5.77
N ALA A 979 -21.42 11.51 5.83
CA ALA A 979 -22.48 11.45 4.82
C ALA A 979 -22.12 12.23 3.56
N GLU A 980 -21.36 13.32 3.69
CA GLU A 980 -20.83 13.98 2.51
C GLU A 980 -19.82 13.09 1.80
N ALA A 981 -19.01 12.35 2.57
CA ALA A 981 -18.02 11.46 1.99
C ALA A 981 -18.64 10.37 1.13
N GLY A 982 -19.95 10.13 1.23
CA GLY A 982 -20.59 9.09 0.47
C GLY A 982 -20.83 7.80 1.22
N ILE A 983 -20.55 7.76 2.51
CA ILE A 983 -20.71 6.56 3.32
C ILE A 983 -22.16 6.48 3.77
N LYS A 984 -22.77 5.31 3.58
CA LYS A 984 -24.11 5.07 4.08
C LYS A 984 -24.02 4.71 5.57
N LEU A 985 -24.94 5.26 6.36
CA LEU A 985 -24.86 5.14 7.81
C LEU A 985 -26.08 4.42 8.35
N TRP A 986 -25.84 3.43 9.21
CA TRP A 986 -26.89 2.70 9.89
C TRP A 986 -26.72 2.92 11.39
N VAL A 987 -27.80 3.29 12.06
CA VAL A 987 -27.80 3.46 13.51
C VAL A 987 -28.74 2.41 14.09
N LEU A 988 -28.20 1.56 14.97
CA LEU A 988 -28.96 0.48 15.58
C LEU A 988 -29.26 0.88 17.02
N THR A 989 -30.54 1.15 17.30
CA THR A 989 -30.96 1.74 18.55
C THR A 989 -31.63 0.72 19.43
N GLY A 990 -31.90 1.12 20.67
CA GLY A 990 -32.73 0.35 21.56
C GLY A 990 -33.92 1.17 22.01
N ASP A 991 -34.05 2.36 21.43
CA ASP A 991 -35.04 3.35 21.82
C ASP A 991 -36.24 3.28 20.89
N LYS A 992 -37.34 3.88 21.33
CA LYS A 992 -38.58 3.89 20.57
C LYS A 992 -38.38 4.61 19.23
N VAL A 993 -39.27 4.31 18.29
CA VAL A 993 -39.11 4.74 16.92
C VAL A 993 -39.11 6.27 16.80
N GLU A 994 -40.07 6.93 17.43
CA GLU A 994 -40.22 8.38 17.24
C GLU A 994 -39.06 9.13 17.89
N THR A 995 -38.67 8.73 19.10
CA THR A 995 -37.53 9.38 19.73
C THR A 995 -36.24 9.06 18.98
N ALA A 996 -36.15 7.89 18.35
CA ALA A 996 -34.99 7.59 17.54
C ALA A 996 -34.93 8.50 16.32
N ILE A 997 -36.09 8.74 15.69
CA ILE A 997 -36.12 9.66 14.55
C ILE A 997 -35.76 11.07 14.98
N ASN A 998 -36.22 11.49 16.17
CA ASN A 998 -35.86 12.81 16.67
C ASN A 998 -34.37 12.93 16.91
N ILE A 999 -33.77 11.92 17.56
CA ILE A 999 -32.34 11.97 17.79
C ILE A 999 -31.55 11.87 16.50
N GLY A 1000 -32.09 11.19 15.47
CA GLY A 1000 -31.44 11.20 14.17
C GLY A 1000 -31.47 12.56 13.51
N PHE A 1001 -32.61 13.24 13.57
CA PHE A 1001 -32.68 14.60 13.07
C PHE A 1001 -31.74 15.53 13.83
N SER A 1002 -31.53 15.25 15.12
CA SER A 1002 -30.58 16.05 15.90
C SER A 1002 -29.13 15.73 15.54
N CYS A 1003 -28.84 14.47 15.22
CA CYS A 1003 -27.52 14.02 14.83
C CYS A 1003 -27.18 14.36 13.39
N ASN A 1004 -28.15 14.79 12.60
CA ASN A 1004 -28.01 15.06 11.17
C ASN A 1004 -27.87 13.78 10.36
N LEU A 1005 -28.09 12.63 10.97
CA LEU A 1005 -28.28 11.41 10.20
C LEU A 1005 -29.39 11.60 9.19
N LEU A 1006 -30.55 12.04 9.66
CA LEU A 1006 -31.63 12.51 8.82
C LEU A 1006 -31.64 14.04 8.87
N ASN A 1007 -31.93 14.65 7.73
CA ASN A 1007 -32.05 16.10 7.63
C ASN A 1007 -33.38 16.42 6.97
N ASN A 1008 -33.69 17.71 6.90
CA ASN A 1008 -34.86 18.12 6.16
C ASN A 1008 -34.62 17.94 4.66
N GLU A 1009 -35.70 17.88 3.90
CA GLU A 1009 -35.67 17.45 2.50
C GLU A 1009 -35.10 16.04 2.40
N MET A 1010 -35.60 15.15 3.25
CA MET A 1010 -35.20 13.75 3.27
C MET A 1010 -36.39 12.92 3.69
N GLU A 1011 -36.78 11.96 2.86
CA GLU A 1011 -37.97 11.17 3.11
C GLU A 1011 -37.68 10.08 4.12
N LEU A 1012 -38.66 9.77 4.96
CA LEU A 1012 -38.52 8.78 6.03
C LEU A 1012 -39.44 7.61 5.71
N LEU A 1013 -38.85 6.53 5.20
CA LEU A 1013 -39.60 5.33 4.83
C LEU A 1013 -39.74 4.46 6.08
N VAL A 1014 -40.90 4.50 6.71
CA VAL A 1014 -41.10 3.84 7.99
C VAL A 1014 -41.78 2.50 7.77
N ILE A 1015 -41.33 1.49 8.51
CA ILE A 1015 -41.88 0.14 8.42
C ILE A 1015 -42.53 -0.22 9.75
N LYS A 1016 -43.05 0.80 10.45
CA LYS A 1016 -43.78 0.57 11.69
C LYS A 1016 -44.93 -0.41 11.47
N THR A 1017 -45.01 -1.42 12.33
CA THR A 1017 -46.13 -2.36 12.30
C THR A 1017 -47.20 -1.93 13.31
N THR A 1018 -47.65 -0.68 13.19
CA THR A 1018 -48.71 -0.17 14.06
C THR A 1018 -50.07 -0.50 13.47
N GLY A 1019 -51.11 -0.34 14.31
CA GLY A 1019 -52.44 -0.76 13.92
C GLY A 1019 -52.95 -0.11 12.65
N ASP A 1020 -52.60 1.16 12.42
CA ASP A 1020 -53.09 1.87 11.25
C ASP A 1020 -52.63 1.20 9.96
N ASP A 1021 -51.40 0.72 9.92
CA ASP A 1021 -50.94 -0.01 8.74
C ASP A 1021 -51.33 -1.48 8.77
N VAL A 1022 -51.40 -2.09 9.96
CA VAL A 1022 -51.82 -3.49 10.05
C VAL A 1022 -53.21 -3.66 9.46
N LYS A 1023 -54.20 -2.95 10.01
CA LYS A 1023 -55.58 -3.12 9.58
C LYS A 1023 -55.80 -2.70 8.13
N GLU A 1024 -54.90 -1.91 7.54
CA GLU A 1024 -55.06 -1.49 6.15
C GLU A 1024 -54.42 -2.47 5.19
N PHE A 1025 -53.27 -3.05 5.57
CA PHE A 1025 -52.59 -3.99 4.68
C PHE A 1025 -53.11 -5.40 4.87
N GLY A 1026 -52.97 -5.98 6.06
CA GLY A 1026 -53.26 -7.38 6.28
C GLY A 1026 -53.90 -7.61 7.63
N SER A 1027 -53.63 -8.78 8.20
CA SER A 1027 -54.15 -9.16 9.51
C SER A 1027 -53.05 -9.52 10.50
N GLU A 1028 -52.01 -10.19 10.04
CA GLU A 1028 -50.90 -10.67 10.84
C GLU A 1028 -49.61 -10.03 10.36
N PRO A 1029 -48.64 -9.81 11.24
CA PRO A 1029 -47.33 -9.31 10.78
C PRO A 1029 -46.63 -10.31 9.87
N SER A 1030 -45.43 -9.95 9.40
CA SER A 1030 -44.61 -10.75 8.50
C SER A 1030 -45.16 -10.74 7.08
N GLU A 1031 -46.34 -10.14 6.89
CA GLU A 1031 -46.82 -9.82 5.55
C GLU A 1031 -47.10 -8.33 5.38
N ILE A 1032 -47.44 -7.62 6.45
CA ILE A 1032 -47.52 -6.16 6.38
C ILE A 1032 -46.16 -5.58 6.04
N VAL A 1033 -45.09 -6.12 6.64
CA VAL A 1033 -43.75 -5.63 6.34
C VAL A 1033 -43.38 -5.94 4.90
N ASP A 1034 -43.80 -7.10 4.39
CA ASP A 1034 -43.51 -7.44 2.99
C ASP A 1034 -44.23 -6.50 2.04
N ALA A 1035 -45.51 -6.24 2.32
CA ALA A 1035 -46.26 -5.27 1.52
C ALA A 1035 -45.61 -3.90 1.57
N LEU A 1036 -45.17 -3.47 2.75
CA LEU A 1036 -44.57 -2.15 2.89
C LEU A 1036 -43.26 -2.05 2.12
N LEU A 1037 -42.44 -3.11 2.18
CA LEU A 1037 -41.19 -3.11 1.42
C LEU A 1037 -41.48 -3.06 -0.08
N SER A 1038 -42.45 -3.84 -0.55
CA SER A 1038 -42.79 -3.83 -1.97
C SER A 1038 -43.27 -2.44 -2.41
N LYS A 1039 -44.09 -1.79 -1.58
CA LYS A 1039 -44.59 -0.46 -1.95
C LYS A 1039 -43.47 0.57 -1.93
N TYR A 1040 -42.65 0.58 -0.87
CA TYR A 1040 -41.57 1.56 -0.81
C TYR A 1040 -40.52 1.32 -1.88
N LEU A 1041 -40.48 0.11 -2.45
CA LEU A 1041 -39.65 -0.10 -3.63
C LEU A 1041 -40.33 0.44 -4.88
N LYS A 1042 -41.51 -0.10 -5.21
CA LYS A 1042 -42.17 0.23 -6.47
C LYS A 1042 -42.56 1.69 -6.60
N GLU A 1043 -42.72 2.40 -5.49
CA GLU A 1043 -43.15 3.80 -5.55
C GLU A 1043 -41.97 4.76 -5.67
N TYR A 1044 -40.95 4.59 -4.81
CA TYR A 1044 -39.85 5.53 -4.77
C TYR A 1044 -38.64 5.08 -5.59
N PHE A 1045 -38.73 3.93 -6.25
CA PHE A 1045 -37.86 3.56 -7.36
C PHE A 1045 -38.72 2.79 -8.35
N ASN A 1046 -38.12 2.33 -9.44
CA ASN A 1046 -38.87 1.64 -10.48
C ASN A 1046 -38.60 0.14 -10.53
N LEU A 1047 -37.92 -0.41 -9.53
CA LEU A 1047 -37.56 -1.82 -9.53
C LEU A 1047 -38.22 -2.56 -8.37
N THR A 1048 -38.26 -3.88 -8.48
CA THR A 1048 -38.76 -4.76 -7.44
C THR A 1048 -37.66 -5.69 -6.98
N GLY A 1049 -37.90 -6.36 -5.85
CA GLY A 1049 -36.93 -7.29 -5.31
C GLY A 1049 -36.77 -8.53 -6.16
N SER A 1050 -35.60 -8.72 -6.73
CA SER A 1050 -35.33 -9.87 -7.57
C SER A 1050 -33.84 -10.17 -7.58
N GLU A 1051 -33.50 -11.40 -7.96
CA GLU A 1051 -32.11 -11.83 -7.95
C GLU A 1051 -31.30 -11.08 -8.99
N GLU A 1052 -31.89 -10.79 -10.16
CA GLU A 1052 -31.16 -10.03 -11.16
C GLU A 1052 -30.95 -8.59 -10.72
N GLU A 1053 -31.92 -8.02 -9.98
CA GLU A 1053 -31.72 -6.67 -9.47
C GLU A 1053 -30.66 -6.63 -8.39
N ILE A 1054 -30.62 -7.67 -7.54
CA ILE A 1054 -29.52 -7.79 -6.59
C ILE A 1054 -28.19 -7.86 -7.33
N PHE A 1055 -28.11 -8.68 -8.37
CA PHE A 1055 -26.87 -8.81 -9.13
C PHE A 1055 -26.46 -7.50 -9.77
N GLU A 1056 -27.44 -6.73 -10.25
CA GLU A 1056 -27.15 -5.44 -10.85
C GLU A 1056 -26.64 -4.45 -9.80
N ALA A 1057 -27.36 -4.31 -8.70
CA ALA A 1057 -26.94 -3.39 -7.65
C ALA A 1057 -25.63 -3.82 -6.99
N LYS A 1058 -25.24 -5.08 -7.14
CA LYS A 1058 -23.93 -5.50 -6.65
C LYS A 1058 -22.82 -4.75 -7.35
N LYS A 1059 -23.05 -4.31 -8.59
CA LYS A 1059 -21.98 -3.70 -9.37
C LYS A 1059 -21.86 -2.20 -9.12
N ASP A 1060 -22.97 -1.53 -8.85
CA ASP A 1060 -22.92 -0.08 -8.66
C ASP A 1060 -22.59 0.26 -7.20
N HIS A 1061 -21.75 1.29 -7.03
CA HIS A 1061 -21.43 1.80 -5.71
C HIS A 1061 -21.67 3.30 -5.63
N GLU A 1062 -22.28 3.89 -6.65
CA GLU A 1062 -22.51 5.34 -6.68
C GLU A 1062 -23.34 5.77 -5.48
N PHE A 1063 -23.01 6.92 -4.93
CA PHE A 1063 -23.82 7.50 -3.88
C PHE A 1063 -25.23 7.71 -4.40
N PRO A 1064 -26.26 7.26 -3.67
CA PRO A 1064 -27.62 7.36 -4.18
C PRO A 1064 -28.11 8.80 -4.21
N LYS A 1065 -28.97 9.08 -5.19
CA LYS A 1065 -29.65 10.36 -5.30
C LYS A 1065 -31.11 10.18 -4.90
N GLY A 1066 -31.70 11.27 -4.41
CA GLY A 1066 -33.08 11.28 -3.99
C GLY A 1066 -33.28 11.59 -2.52
N ASN A 1067 -32.27 11.35 -1.69
CA ASN A 1067 -32.30 11.69 -0.27
C ASN A 1067 -33.47 11.00 0.43
N TYR A 1068 -33.39 9.68 0.47
CA TYR A 1068 -34.34 8.86 1.20
C TYR A 1068 -33.67 8.22 2.41
N ALA A 1069 -34.50 7.73 3.32
CA ALA A 1069 -34.01 7.07 4.52
C ALA A 1069 -35.02 6.04 4.97
N ILE A 1070 -34.53 5.01 5.66
CA ILE A 1070 -35.38 3.92 6.15
C ILE A 1070 -35.47 4.01 7.67
N VAL A 1071 -36.63 3.70 8.21
CA VAL A 1071 -36.82 3.53 9.64
C VAL A 1071 -37.61 2.25 9.86
N ILE A 1072 -37.09 1.37 10.73
CA ILE A 1072 -37.65 0.04 10.90
C ILE A 1072 -37.63 -0.33 12.37
N ASP A 1073 -38.63 -1.08 12.81
CA ASP A 1073 -38.76 -1.51 14.20
C ASP A 1073 -38.12 -2.87 14.39
N GLY A 1074 -38.08 -3.31 15.65
CA GLY A 1074 -37.42 -4.58 15.95
C GLY A 1074 -38.16 -5.77 15.37
N ASP A 1075 -39.49 -5.81 15.56
CA ASP A 1075 -40.27 -6.92 15.02
C ASP A 1075 -40.28 -6.90 13.50
N ALA A 1076 -40.35 -5.72 12.90
CA ALA A 1076 -40.28 -5.62 11.45
C ALA A 1076 -38.93 -6.09 10.93
N LEU A 1077 -37.84 -5.75 11.63
CA LEU A 1077 -36.52 -6.22 11.21
C LEU A 1077 -36.42 -7.74 11.35
N LYS A 1078 -36.97 -8.29 12.44
CA LYS A 1078 -36.98 -9.74 12.60
C LYS A 1078 -37.73 -10.42 11.47
N LEU A 1079 -38.91 -9.92 11.12
CA LEU A 1079 -39.71 -10.53 10.09
C LEU A 1079 -39.21 -10.23 8.69
N ALA A 1080 -38.33 -9.24 8.52
CA ALA A 1080 -37.66 -9.03 7.25
C ALA A 1080 -36.38 -9.85 7.13
N LEU A 1081 -35.76 -10.22 8.24
CA LEU A 1081 -34.63 -11.13 8.23
C LEU A 1081 -35.04 -12.60 8.20
N TYR A 1082 -36.28 -12.92 8.57
CA TYR A 1082 -36.74 -14.29 8.60
C TYR A 1082 -36.64 -15.00 7.25
N GLY A 1083 -37.42 -14.55 6.26
CA GLY A 1083 -37.51 -15.26 5.00
C GLY A 1083 -36.61 -14.69 3.92
N GLU A 1084 -36.33 -15.52 2.91
CA GLU A 1084 -35.32 -15.20 1.92
C GLU A 1084 -35.76 -14.07 0.98
N ASP A 1085 -36.98 -14.15 0.45
CA ASP A 1085 -37.45 -13.10 -0.45
C ASP A 1085 -37.57 -11.78 0.30
N ILE A 1086 -37.99 -11.82 1.56
CA ILE A 1086 -38.11 -10.57 2.32
C ILE A 1086 -36.74 -10.01 2.64
N ARG A 1087 -35.76 -10.88 2.91
CA ARG A 1087 -34.39 -10.41 3.08
C ARG A 1087 -33.89 -9.73 1.81
N ARG A 1088 -34.18 -10.33 0.66
CA ARG A 1088 -33.77 -9.75 -0.62
C ARG A 1088 -34.38 -8.37 -0.80
N LYS A 1089 -35.68 -8.25 -0.52
CA LYS A 1089 -36.35 -6.97 -0.68
C LYS A 1089 -35.79 -5.91 0.27
N PHE A 1090 -35.57 -6.30 1.53
CA PHE A 1090 -35.02 -5.36 2.51
C PHE A 1090 -33.62 -4.92 2.13
N LEU A 1091 -32.79 -5.84 1.64
CA LEU A 1091 -31.43 -5.48 1.26
C LEU A 1091 -31.44 -4.56 0.03
N LEU A 1092 -32.32 -4.83 -0.93
CA LEU A 1092 -32.37 -3.95 -2.10
C LEU A 1092 -32.90 -2.57 -1.72
N LEU A 1093 -33.80 -2.49 -0.74
CA LEU A 1093 -34.30 -1.19 -0.32
C LEU A 1093 -33.24 -0.40 0.45
N CYS A 1094 -32.45 -1.10 1.26
CA CYS A 1094 -31.40 -0.44 2.02
C CYS A 1094 -30.12 -0.23 1.21
N LYS A 1095 -30.03 -0.81 0.01
CA LYS A 1095 -28.92 -0.47 -0.88
C LYS A 1095 -28.90 1.03 -1.18
N ASN A 1096 -30.06 1.58 -1.53
CA ASN A 1096 -30.25 3.03 -1.60
C ASN A 1096 -30.49 3.54 -0.19
N CYS A 1097 -31.02 4.75 -0.04
CA CYS A 1097 -31.43 5.26 1.28
C CYS A 1097 -30.23 5.34 2.23
N ARG A 1098 -29.38 6.31 1.93
CA ARG A 1098 -28.13 6.57 2.63
C ARG A 1098 -28.20 6.51 4.15
N ALA A 1099 -29.39 6.67 4.73
CA ALA A 1099 -29.57 6.58 6.17
C ALA A 1099 -30.60 5.50 6.50
N VAL A 1100 -30.30 4.70 7.51
CA VAL A 1100 -31.20 3.65 7.98
C VAL A 1100 -31.17 3.65 9.50
N LEU A 1101 -32.36 3.71 10.11
CA LEU A 1101 -32.53 3.60 11.55
C LEU A 1101 -33.27 2.32 11.86
N CYS A 1102 -32.73 1.53 12.77
CA CYS A 1102 -33.40 0.34 13.28
C CYS A 1102 -33.64 0.53 14.76
N CYS A 1103 -34.85 0.22 15.21
CA CYS A 1103 -35.29 0.54 16.56
C CYS A 1103 -35.62 -0.74 17.32
N ARG A 1104 -35.22 -0.78 18.59
CA ARG A 1104 -35.46 -1.90 19.49
C ARG A 1104 -34.96 -3.21 18.89
N VAL A 1105 -33.67 -3.24 18.61
CA VAL A 1105 -33.05 -4.40 17.99
C VAL A 1105 -32.39 -5.25 19.07
N SER A 1106 -32.02 -6.46 18.68
CA SER A 1106 -31.30 -7.40 19.53
C SER A 1106 -29.89 -7.59 19.02
N PRO A 1107 -28.95 -8.02 19.88
CA PRO A 1107 -27.59 -8.34 19.39
C PRO A 1107 -27.56 -9.29 18.21
N SER A 1108 -28.38 -10.34 18.25
CA SER A 1108 -28.49 -11.24 17.12
C SER A 1108 -28.89 -10.49 15.86
N GLN A 1109 -29.83 -9.55 16.00
CA GLN A 1109 -30.27 -8.77 14.85
C GLN A 1109 -29.16 -7.85 14.34
N LYS A 1110 -28.35 -7.31 15.25
CA LYS A 1110 -27.21 -6.50 14.84
C LYS A 1110 -26.25 -7.32 13.98
N ALA A 1111 -25.82 -8.46 14.51
CA ALA A 1111 -24.94 -9.33 13.75
C ALA A 1111 -25.56 -9.73 12.41
N ALA A 1112 -26.87 -9.99 12.42
CA ALA A 1112 -27.55 -10.46 11.22
C ALA A 1112 -27.59 -9.38 10.15
N VAL A 1113 -27.88 -8.13 10.52
CA VAL A 1113 -27.93 -7.08 9.51
C VAL A 1113 -26.54 -6.80 8.97
N VAL A 1114 -25.52 -6.83 9.84
CA VAL A 1114 -24.17 -6.61 9.34
C VAL A 1114 -23.78 -7.70 8.35
N LYS A 1115 -24.05 -8.96 8.69
CA LYS A 1115 -23.66 -10.05 7.79
C LYS A 1115 -24.50 -10.06 6.53
N LEU A 1116 -25.77 -9.63 6.60
CA LEU A 1116 -26.58 -9.56 5.39
C LEU A 1116 -26.05 -8.51 4.44
N VAL A 1117 -25.66 -7.35 4.97
CA VAL A 1117 -25.13 -6.30 4.10
C VAL A 1117 -23.76 -6.71 3.56
N LYS A 1118 -22.97 -7.47 4.32
CA LYS A 1118 -21.65 -7.82 3.83
C LYS A 1118 -21.69 -9.01 2.86
N ASP A 1119 -22.17 -10.17 3.31
CA ASP A 1119 -22.08 -11.41 2.54
C ASP A 1119 -22.70 -11.27 1.16
N SER A 1120 -24.01 -11.08 1.10
CA SER A 1120 -24.62 -10.65 -0.13
C SER A 1120 -24.29 -9.18 -0.33
N LEU A 1121 -24.29 -8.75 -1.60
CA LEU A 1121 -23.88 -7.38 -1.93
C LEU A 1121 -22.47 -7.11 -1.37
N ASP A 1122 -21.51 -7.85 -1.95
CA ASP A 1122 -20.13 -7.80 -1.46
C ASP A 1122 -19.65 -6.36 -1.39
N VAL A 1123 -19.41 -5.88 -0.18
CA VAL A 1123 -19.13 -4.47 0.07
C VAL A 1123 -18.27 -4.40 1.34
N MET A 1124 -17.66 -3.24 1.55
CA MET A 1124 -16.79 -3.04 2.70
C MET A 1124 -17.58 -2.40 3.83
N THR A 1125 -17.60 -3.04 4.99
CA THR A 1125 -18.41 -2.58 6.11
C THR A 1125 -17.56 -2.33 7.33
N LEU A 1126 -17.86 -1.24 8.02
CA LEU A 1126 -17.32 -0.93 9.33
C LEU A 1126 -18.43 -1.08 10.34
N ALA A 1127 -18.08 -1.52 11.55
CA ALA A 1127 -19.05 -1.67 12.63
C ALA A 1127 -18.42 -1.10 13.88
N ILE A 1128 -19.00 -0.01 14.39
CA ILE A 1128 -18.44 0.68 15.54
C ILE A 1128 -19.42 0.54 16.70
N GLY A 1129 -18.90 0.25 17.87
CA GLY A 1129 -19.77 0.05 19.01
C GLY A 1129 -18.99 -0.09 20.30
N ASP A 1130 -19.74 -0.28 21.38
CA ASP A 1130 -19.19 -0.56 22.69
C ASP A 1130 -20.00 -1.67 23.35
N GLY A 1131 -19.57 -2.10 24.52
CA GLY A 1131 -20.34 -3.08 25.26
C GLY A 1131 -20.07 -4.51 24.83
N SER A 1132 -21.09 -5.36 25.03
CA SER A 1132 -20.93 -6.79 24.90
C SER A 1132 -21.83 -7.42 23.83
N ASN A 1133 -22.69 -6.65 23.18
CA ASN A 1133 -23.46 -7.09 22.02
C ASN A 1133 -22.90 -6.52 20.73
N ASP A 1134 -22.47 -5.27 20.79
CA ASP A 1134 -21.73 -4.73 19.68
C ASP A 1134 -20.43 -5.48 19.44
N VAL A 1135 -19.99 -6.35 20.35
CA VAL A 1135 -18.82 -7.18 20.05
C VAL A 1135 -19.15 -8.23 19.00
N ALA A 1136 -20.34 -8.83 19.10
CA ALA A 1136 -20.80 -9.73 18.05
C ALA A 1136 -21.11 -8.95 16.79
N MET A 1137 -21.54 -7.70 16.93
CA MET A 1137 -21.72 -6.86 15.74
C MET A 1137 -20.39 -6.53 15.08
N ILE A 1138 -19.33 -6.34 15.88
CA ILE A 1138 -18.03 -5.92 15.38
C ILE A 1138 -17.32 -7.07 14.68
N GLN A 1139 -17.29 -8.25 15.33
CA GLN A 1139 -16.48 -9.35 14.80
C GLN A 1139 -16.97 -9.78 13.42
N SER A 1140 -18.26 -9.62 13.13
CA SER A 1140 -18.81 -10.02 11.85
C SER A 1140 -18.82 -8.88 10.84
N ALA A 1141 -17.69 -8.21 10.67
CA ALA A 1141 -17.62 -7.07 9.78
C ALA A 1141 -16.18 -6.88 9.32
N ASP A 1142 -16.01 -6.22 8.17
CA ASP A 1142 -14.68 -6.03 7.61
C ASP A 1142 -13.79 -5.26 8.56
N VAL A 1143 -14.27 -4.14 9.06
CA VAL A 1143 -13.54 -3.34 10.04
C VAL A 1143 -14.39 -3.23 11.30
N GLY A 1144 -13.76 -3.42 12.45
CA GLY A 1144 -14.47 -3.33 13.71
C GLY A 1144 -13.86 -2.29 14.61
N ILE A 1145 -14.63 -1.27 14.95
CA ILE A 1145 -14.14 -0.16 15.77
C ILE A 1145 -14.81 -0.25 17.13
N GLY A 1146 -14.00 -0.25 18.18
CA GLY A 1146 -14.51 -0.27 19.54
C GLY A 1146 -14.33 1.09 20.18
N ILE A 1147 -15.37 1.53 20.87
CA ILE A 1147 -15.36 2.79 21.59
C ILE A 1147 -14.88 2.51 23.01
N ALA A 1148 -13.72 3.06 23.35
CA ALA A 1148 -13.11 2.78 24.64
C ALA A 1148 -13.79 3.56 25.74
N GLY A 1149 -14.20 2.84 26.80
CA GLY A 1149 -14.65 3.45 28.02
C GLY A 1149 -13.51 3.54 29.02
N GLU A 1150 -13.83 4.11 30.19
CA GLU A 1150 -12.84 4.19 31.25
C GLU A 1150 -12.36 2.81 31.70
N GLU A 1151 -13.07 1.76 31.32
CA GLU A 1151 -12.68 0.38 31.57
C GLU A 1151 -12.49 -0.34 30.24
N GLY A 1152 -11.45 -1.17 30.16
CA GLY A 1152 -11.23 -1.97 28.97
C GLY A 1152 -12.36 -2.96 28.79
N ARG A 1153 -13.02 -2.93 27.64
CA ARG A 1153 -14.22 -3.72 27.43
C ARG A 1153 -14.03 -4.72 26.29
N GLN A 1154 -15.01 -5.61 26.17
CA GLN A 1154 -14.96 -6.65 25.15
C GLN A 1154 -15.03 -6.07 23.75
N ALA A 1155 -15.81 -4.99 23.57
CA ALA A 1155 -15.86 -4.36 22.26
C ALA A 1155 -14.52 -3.76 21.88
N VAL A 1156 -13.78 -3.24 22.86
CA VAL A 1156 -12.42 -2.77 22.58
C VAL A 1156 -11.51 -3.93 22.23
N MET A 1157 -11.56 -5.00 23.03
CA MET A 1157 -10.60 -6.08 22.88
C MET A 1157 -10.82 -6.87 21.59
N CYS A 1158 -12.04 -7.31 21.34
CA CYS A 1158 -12.33 -8.13 20.16
C CYS A 1158 -12.73 -7.24 18.97
N SER A 1159 -11.88 -6.28 18.66
CA SER A 1159 -12.13 -5.29 17.63
C SER A 1159 -10.96 -5.27 16.65
N ASP A 1160 -10.95 -4.26 15.79
CA ASP A 1160 -9.83 -4.01 14.88
C ASP A 1160 -9.12 -2.71 15.21
N TYR A 1161 -9.86 -1.64 15.43
CA TYR A 1161 -9.31 -0.41 15.98
C TYR A 1161 -10.11 -0.04 17.23
N ALA A 1162 -9.56 0.88 18.02
CA ALA A 1162 -10.23 1.30 19.25
C ALA A 1162 -10.03 2.80 19.41
N ILE A 1163 -11.12 3.55 19.32
CA ILE A 1163 -11.06 4.99 19.44
C ILE A 1163 -11.74 5.41 20.73
N GLY A 1164 -11.41 6.62 21.20
CA GLY A 1164 -12.01 7.11 22.43
C GLY A 1164 -13.46 7.51 22.25
N GLN A 1165 -13.74 8.34 21.25
CA GLN A 1165 -15.09 8.85 21.02
C GLN A 1165 -15.45 8.66 19.56
N PHE A 1166 -16.75 8.61 19.30
CA PHE A 1166 -17.22 8.36 17.94
C PHE A 1166 -16.73 9.42 16.97
N ARG A 1167 -16.56 10.65 17.46
CA ARG A 1167 -16.08 11.76 16.65
C ARG A 1167 -14.85 11.38 15.85
N TYR A 1168 -13.84 10.79 16.50
CA TYR A 1168 -12.59 10.46 15.85
C TYR A 1168 -12.78 9.61 14.61
N LEU A 1169 -13.87 8.85 14.53
CA LEU A 1169 -14.13 8.03 13.36
C LEU A 1169 -14.07 8.84 12.07
N ALA A 1170 -14.49 10.11 12.10
CA ALA A 1170 -14.38 10.93 10.90
C ALA A 1170 -12.93 11.09 10.49
N ARG A 1171 -12.08 11.55 11.41
CA ARG A 1171 -10.69 11.78 11.09
C ARG A 1171 -10.01 10.50 10.65
N LEU A 1172 -10.24 9.41 11.36
CA LEU A 1172 -9.66 8.14 10.94
C LEU A 1172 -10.10 7.85 9.52
N VAL A 1173 -11.39 7.51 9.37
CA VAL A 1173 -11.90 6.91 8.15
C VAL A 1173 -11.55 7.77 6.94
N LEU A 1174 -11.81 9.07 7.03
CA LEU A 1174 -11.36 9.88 5.91
C LEU A 1174 -9.84 9.89 5.86
N VAL A 1175 -9.19 10.59 6.78
CA VAL A 1175 -7.82 10.93 6.42
C VAL A 1175 -7.12 9.63 6.15
N HIS A 1176 -6.85 8.89 7.23
CA HIS A 1176 -6.02 7.71 7.07
C HIS A 1176 -6.68 6.74 6.10
N GLY A 1177 -7.98 6.57 6.22
CA GLY A 1177 -8.52 5.56 5.36
C GLY A 1177 -8.01 5.89 3.98
N ARG A 1178 -8.51 7.00 3.45
CA ARG A 1178 -8.24 7.36 2.08
C ARG A 1178 -6.75 7.27 1.80
N TRP A 1179 -5.95 7.84 2.69
CA TRP A 1179 -4.52 7.86 2.41
C TRP A 1179 -4.05 6.44 2.18
N SER A 1180 -4.13 5.61 3.20
CA SER A 1180 -3.69 4.23 3.05
C SER A 1180 -4.19 3.66 1.73
N TYR A 1181 -5.47 3.85 1.44
CA TYR A 1181 -6.03 3.16 0.29
C TYR A 1181 -5.31 3.58 -0.98
N LYS A 1182 -5.17 4.88 -1.19
CA LYS A 1182 -4.44 5.38 -2.35
C LYS A 1182 -2.99 4.90 -2.31
N ARG A 1183 -2.38 4.94 -1.13
CA ARG A 1183 -0.95 4.65 -1.04
C ARG A 1183 -0.67 3.24 -1.51
N LEU A 1184 -1.36 2.27 -0.93
CA LEU A 1184 -1.24 0.91 -1.43
C LEU A 1184 -1.62 0.82 -2.90
N ALA A 1185 -2.71 1.48 -3.29
CA ALA A 1185 -3.14 1.25 -4.66
C ALA A 1185 -1.95 1.58 -5.55
N GLU A 1186 -1.55 2.84 -5.57
CA GLU A 1186 -0.48 3.27 -6.46
C GLU A 1186 0.83 2.54 -6.19
N MET A 1187 1.01 2.00 -4.99
CA MET A 1187 2.30 1.36 -4.72
C MET A 1187 2.39 -0.02 -5.33
N ILE A 1188 1.28 -0.72 -5.50
CA ILE A 1188 1.40 -2.12 -5.89
C ILE A 1188 1.76 -2.28 -7.37
N PRO A 1189 1.02 -1.67 -8.32
CA PRO A 1189 1.48 -1.77 -9.71
C PRO A 1189 2.87 -1.24 -9.89
N GLU A 1190 3.21 -0.14 -9.23
CA GLU A 1190 4.57 0.37 -9.29
C GLU A 1190 5.55 -0.78 -9.17
N PHE A 1191 5.49 -1.51 -8.06
CA PHE A 1191 6.35 -2.68 -7.85
C PHE A 1191 6.29 -3.63 -9.04
N PHE A 1192 5.07 -4.07 -9.37
CA PHE A 1192 4.95 -5.09 -10.42
C PHE A 1192 5.52 -4.61 -11.74
N TYR A 1193 5.75 -3.31 -11.86
CA TYR A 1193 6.36 -2.74 -13.05
C TYR A 1193 7.87 -2.70 -12.89
N LYS A 1194 8.32 -2.17 -11.75
CA LYS A 1194 9.74 -1.96 -11.56
C LYS A 1194 10.50 -3.25 -11.77
N ASN A 1195 10.11 -4.31 -11.06
CA ASN A 1195 10.87 -5.54 -11.21
C ASN A 1195 10.81 -6.04 -12.65
N MET A 1196 9.62 -5.97 -13.24
CA MET A 1196 9.49 -6.41 -14.62
C MET A 1196 10.57 -5.79 -15.48
N ILE A 1197 10.79 -4.50 -15.35
CA ILE A 1197 11.73 -3.90 -16.30
C ILE A 1197 12.96 -4.79 -16.31
N PHE A 1198 13.62 -4.84 -15.15
CA PHE A 1198 14.87 -5.55 -15.03
C PHE A 1198 14.75 -6.94 -15.60
N ALA A 1199 13.76 -7.69 -15.11
CA ALA A 1199 13.66 -9.07 -15.50
C ALA A 1199 13.62 -9.21 -17.01
N LEU A 1200 12.74 -8.44 -17.65
CA LEU A 1200 12.51 -8.61 -19.07
C LEU A 1200 13.75 -8.26 -19.87
N ALA A 1201 14.60 -7.39 -19.34
CA ALA A 1201 15.81 -7.09 -20.12
C ALA A 1201 16.62 -8.37 -20.38
N LEU A 1202 16.72 -9.24 -19.38
CA LEU A 1202 17.38 -10.52 -19.61
C LEU A 1202 16.71 -11.27 -20.74
N PHE A 1203 15.38 -11.34 -20.72
CA PHE A 1203 14.72 -12.03 -21.80
C PHE A 1203 15.16 -11.48 -23.14
N TRP A 1204 15.33 -10.15 -23.23
CA TRP A 1204 15.72 -9.59 -24.51
C TRP A 1204 17.12 -10.00 -24.90
N TYR A 1205 18.05 -10.04 -23.92
CA TYR A 1205 19.38 -10.54 -24.25
C TYR A 1205 19.32 -11.99 -24.70
N GLY A 1206 18.28 -12.71 -24.30
CA GLY A 1206 18.10 -14.06 -24.81
C GLY A 1206 18.06 -14.10 -26.33
N ILE A 1207 17.44 -13.10 -26.96
CA ILE A 1207 17.29 -13.13 -28.41
C ILE A 1207 18.65 -13.11 -29.09
N TYR A 1208 19.64 -12.47 -28.47
CA TYR A 1208 20.94 -12.30 -29.09
C TYR A 1208 21.99 -13.28 -28.59
N ASN A 1209 21.72 -14.01 -27.51
CA ASN A 1209 22.58 -15.13 -27.16
C ASN A 1209 21.87 -16.47 -27.35
N ASP A 1210 20.80 -16.46 -28.15
CA ASP A 1210 20.14 -17.69 -28.59
C ASP A 1210 19.47 -18.43 -27.45
N PHE A 1211 19.02 -17.67 -26.45
CA PHE A 1211 18.29 -18.22 -25.30
C PHE A 1211 19.07 -19.35 -24.65
N ASP A 1212 20.39 -19.19 -24.58
CA ASP A 1212 21.24 -20.26 -24.08
C ASP A 1212 21.45 -20.23 -22.58
N GLY A 1213 21.16 -19.12 -21.93
CA GLY A 1213 21.19 -19.05 -20.48
C GLY A 1213 22.34 -18.28 -19.87
N SER A 1214 23.11 -17.52 -20.66
CA SER A 1214 24.13 -16.67 -20.10
C SER A 1214 23.50 -15.39 -19.56
N TYR A 1215 24.03 -14.91 -18.46
CA TYR A 1215 23.46 -13.74 -17.80
C TYR A 1215 23.95 -12.47 -18.46
N LEU A 1216 23.04 -11.53 -18.68
CA LEU A 1216 23.43 -10.19 -19.08
C LEU A 1216 23.89 -9.35 -17.90
N TYR A 1217 23.45 -9.69 -16.70
CA TYR A 1217 23.77 -8.93 -15.50
C TYR A 1217 24.75 -9.71 -14.63
N GLU A 1218 25.57 -8.97 -13.91
CA GLU A 1218 26.33 -9.59 -12.84
C GLU A 1218 25.38 -10.04 -11.73
N TYR A 1219 25.84 -11.00 -10.93
CA TYR A 1219 24.97 -11.57 -9.92
C TYR A 1219 24.66 -10.58 -8.81
N THR A 1220 25.63 -9.73 -8.44
CA THR A 1220 25.34 -8.72 -7.45
C THR A 1220 24.32 -7.72 -7.97
N TYR A 1221 24.37 -7.41 -9.27
CA TYR A 1221 23.33 -6.60 -9.87
C TYR A 1221 21.97 -7.26 -9.74
N MET A 1222 21.91 -8.55 -10.08
CA MET A 1222 20.64 -9.26 -10.08
C MET A 1222 20.05 -9.40 -8.68
N MET A 1223 20.87 -9.41 -7.65
CA MET A 1223 20.30 -9.46 -6.30
C MET A 1223 19.98 -8.07 -5.75
N PHE A 1224 20.84 -7.08 -6.01
CA PHE A 1224 20.62 -5.78 -5.42
C PHE A 1224 19.56 -4.97 -6.14
N TYR A 1225 19.18 -5.31 -7.38
CA TYR A 1225 18.12 -4.55 -8.02
C TYR A 1225 16.85 -4.59 -7.20
N ASN A 1226 16.59 -5.71 -6.52
CA ASN A 1226 15.44 -5.78 -5.65
C ASN A 1226 15.79 -5.55 -4.20
N LEU A 1227 17.01 -5.87 -3.77
CA LEU A 1227 17.33 -5.64 -2.36
C LEU A 1227 17.51 -4.15 -2.05
N ALA A 1228 18.24 -3.40 -2.88
CA ALA A 1228 18.65 -2.07 -2.50
C ALA A 1228 18.43 -1.01 -3.57
N PHE A 1229 18.39 -1.41 -4.84
CA PHE A 1229 18.38 -0.40 -5.90
C PHE A 1229 17.02 0.25 -6.07
N THR A 1230 15.94 -0.52 -5.99
CA THR A 1230 14.62 0.01 -6.34
C THR A 1230 13.56 -0.28 -5.30
N SER A 1231 13.95 -0.57 -4.05
CA SER A 1231 12.97 -0.96 -3.05
C SER A 1231 12.44 0.23 -2.26
N LEU A 1232 13.34 1.03 -1.69
CA LEU A 1232 12.93 2.15 -0.86
C LEU A 1232 12.05 3.17 -1.58
N PRO A 1233 12.28 3.51 -2.86
CA PRO A 1233 11.33 4.43 -3.52
C PRO A 1233 9.88 3.98 -3.44
N VAL A 1234 9.59 2.71 -3.78
CA VAL A 1234 8.21 2.27 -3.79
C VAL A 1234 7.69 2.08 -2.37
N ILE A 1235 8.56 1.68 -1.43
CA ILE A 1235 8.11 1.56 -0.05
C ILE A 1235 7.73 2.92 0.51
N PHE A 1236 8.52 3.95 0.20
CA PHE A 1236 8.18 5.27 0.71
C PHE A 1236 7.00 5.89 -0.01
N LEU A 1237 6.81 5.56 -1.30
CA LEU A 1237 5.56 5.93 -1.96
C LEU A 1237 4.37 5.35 -1.20
N GLY A 1238 4.47 4.08 -0.80
CA GLY A 1238 3.37 3.47 -0.08
C GLY A 1238 3.20 3.94 1.34
N ILE A 1239 4.26 4.45 1.96
CA ILE A 1239 4.20 4.88 3.35
C ILE A 1239 3.81 6.36 3.48
N LEU A 1240 4.47 7.25 2.75
CA LEU A 1240 4.44 8.67 3.06
C LEU A 1240 3.63 9.53 2.10
N ASP A 1241 3.12 8.97 1.00
CA ASP A 1241 2.44 9.78 0.01
C ASP A 1241 1.17 10.43 0.57
N GLN A 1242 0.86 11.62 0.06
CA GLN A 1242 -0.37 12.32 0.39
C GLN A 1242 -0.82 13.10 -0.83
N ASP A 1243 -2.02 12.82 -1.35
CA ASP A 1243 -2.52 13.60 -2.47
C ASP A 1243 -2.86 15.02 -2.03
N VAL A 1244 -3.68 15.15 -0.98
CA VAL A 1244 -3.96 16.42 -0.33
C VAL A 1244 -3.82 16.20 1.16
N ASN A 1245 -3.43 17.25 1.87
CA ASN A 1245 -3.16 17.10 3.29
C ASN A 1245 -4.46 16.80 4.05
N ASP A 1246 -4.32 16.57 5.35
CA ASP A 1246 -5.48 16.19 6.16
C ASP A 1246 -6.52 17.30 6.23
N THR A 1247 -6.08 18.56 6.24
CA THR A 1247 -7.03 19.67 6.27
C THR A 1247 -7.93 19.64 5.06
N ILE A 1248 -7.36 19.51 3.86
CA ILE A 1248 -8.19 19.44 2.68
C ILE A 1248 -8.98 18.14 2.64
N SER A 1249 -8.42 17.05 3.18
CA SER A 1249 -9.15 15.79 3.23
C SER A 1249 -10.44 15.94 4.02
N LEU A 1250 -10.39 16.67 5.13
CA LEU A 1250 -11.56 16.91 5.95
C LEU A 1250 -12.44 18.05 5.45
N VAL A 1251 -11.91 18.94 4.62
CA VAL A 1251 -12.71 20.04 4.09
C VAL A 1251 -13.48 19.61 2.84
N VAL A 1252 -12.87 18.82 1.97
CA VAL A 1252 -13.52 18.32 0.76
C VAL A 1252 -13.67 16.81 0.93
N PRO A 1253 -14.60 16.35 1.78
CA PRO A 1253 -14.64 14.91 2.07
C PRO A 1253 -15.03 14.07 0.88
N GLN A 1254 -15.64 14.66 -0.14
CA GLN A 1254 -16.08 13.88 -1.28
C GLN A 1254 -14.94 13.18 -2.00
N LEU A 1255 -13.69 13.53 -1.71
CA LEU A 1255 -12.57 12.80 -2.29
C LEU A 1255 -12.62 11.33 -1.92
N TYR A 1256 -13.26 11.00 -0.80
CA TYR A 1256 -13.41 9.60 -0.39
C TYR A 1256 -14.20 8.80 -1.41
N ARG A 1257 -15.06 9.45 -2.17
CA ARG A 1257 -15.95 8.69 -3.03
C ARG A 1257 -15.18 7.80 -3.98
N VAL A 1258 -14.00 8.22 -4.43
CA VAL A 1258 -13.24 7.39 -5.36
C VAL A 1258 -12.85 6.07 -4.69
N GLY A 1259 -12.40 6.13 -3.43
CA GLY A 1259 -12.12 4.92 -2.70
C GLY A 1259 -13.35 4.09 -2.48
N ILE A 1260 -14.51 4.73 -2.39
CA ILE A 1260 -15.74 3.96 -2.28
C ILE A 1260 -16.06 3.28 -3.60
N LEU A 1261 -15.72 3.91 -4.72
CA LEU A 1261 -16.08 3.40 -6.04
C LEU A 1261 -15.06 2.42 -6.60
N ARG A 1262 -13.93 2.28 -5.93
CA ARG A 1262 -12.90 1.31 -6.32
C ARG A 1262 -12.32 1.65 -7.68
N LYS A 1263 -11.81 2.88 -7.80
CA LYS A 1263 -11.19 3.35 -9.03
C LYS A 1263 -9.68 3.38 -8.96
N GLU A 1264 -9.10 3.52 -7.77
CA GLU A 1264 -7.67 3.67 -7.65
C GLU A 1264 -6.93 2.34 -7.74
N TRP A 1265 -7.63 1.22 -7.70
CA TRP A 1265 -6.98 -0.09 -7.71
C TRP A 1265 -7.90 -1.11 -8.37
N ASN A 1266 -7.65 -1.39 -9.64
CA ASN A 1266 -8.30 -2.48 -10.37
C ASN A 1266 -7.22 -3.46 -10.81
N GLN A 1267 -7.59 -4.42 -11.64
CA GLN A 1267 -6.62 -5.25 -12.33
C GLN A 1267 -6.20 -4.64 -13.66
N ARG A 1268 -7.05 -3.81 -14.26
CA ARG A 1268 -6.68 -3.12 -15.48
C ARG A 1268 -5.53 -2.15 -15.22
N LYS A 1269 -5.50 -1.53 -14.05
CA LYS A 1269 -4.39 -0.64 -13.72
C LYS A 1269 -3.08 -1.41 -13.64
N PHE A 1270 -3.10 -2.58 -13.03
CA PHE A 1270 -1.91 -3.41 -12.94
C PHE A 1270 -1.46 -3.88 -14.32
N LEU A 1271 -2.43 -4.22 -15.19
CA LEU A 1271 -2.07 -4.64 -16.54
C LEU A 1271 -1.45 -3.49 -17.33
N TRP A 1272 -1.96 -2.26 -17.14
CA TRP A 1272 -1.37 -1.12 -17.83
C TRP A 1272 0.04 -0.83 -17.32
N TYR A 1273 0.26 -0.95 -16.01
CA TYR A 1273 1.61 -0.77 -15.49
C TYR A 1273 2.55 -1.84 -16.00
N MET A 1274 2.07 -3.07 -16.18
CA MET A 1274 2.93 -4.12 -16.70
C MET A 1274 3.24 -3.90 -18.18
N LEU A 1275 2.27 -3.39 -18.94
CA LEU A 1275 2.57 -3.05 -20.33
C LEU A 1275 3.60 -1.94 -20.42
N ASP A 1276 3.48 -0.93 -19.55
CA ASP A 1276 4.49 0.12 -19.51
C ASP A 1276 5.85 -0.42 -19.14
N GLY A 1277 5.90 -1.35 -18.19
CA GLY A 1277 7.17 -1.97 -17.82
C GLY A 1277 7.78 -2.76 -18.95
N LEU A 1278 6.95 -3.47 -19.72
CA LEU A 1278 7.46 -4.18 -20.89
C LEU A 1278 8.06 -3.21 -21.90
N TYR A 1279 7.37 -2.11 -22.18
CA TYR A 1279 7.90 -1.14 -23.13
C TYR A 1279 9.19 -0.50 -22.62
N GLN A 1280 9.24 -0.16 -21.34
CA GLN A 1280 10.44 0.45 -20.80
C GLN A 1280 11.60 -0.53 -20.76
N SER A 1281 11.33 -1.82 -20.56
CA SER A 1281 12.40 -2.81 -20.66
C SER A 1281 12.92 -2.91 -22.08
N ILE A 1282 12.03 -2.89 -23.05
CA ILE A 1282 12.45 -2.87 -24.45
C ILE A 1282 13.41 -1.72 -24.69
N ILE A 1283 13.04 -0.53 -24.20
CA ILE A 1283 13.88 0.65 -24.41
C ILE A 1283 15.22 0.49 -23.71
N CYS A 1284 15.19 0.12 -22.42
CA CYS A 1284 16.43 0.03 -21.64
C CYS A 1284 17.37 -1.02 -22.19
N PHE A 1285 16.87 -2.06 -22.83
CA PHE A 1285 17.81 -2.97 -23.47
C PHE A 1285 18.27 -2.45 -24.82
N PHE A 1286 17.32 -2.25 -25.74
CA PHE A 1286 17.69 -1.99 -27.12
C PHE A 1286 18.28 -0.61 -27.35
N PHE A 1287 18.39 0.25 -26.35
CA PHE A 1287 19.15 1.45 -26.64
C PHE A 1287 20.65 1.21 -26.50
N PRO A 1288 21.14 0.61 -25.41
CA PRO A 1288 22.56 0.20 -25.40
C PRO A 1288 22.92 -0.79 -26.48
N TYR A 1289 22.06 -1.77 -26.74
CA TYR A 1289 22.33 -2.68 -27.84
C TYR A 1289 22.48 -1.93 -29.15
N LEU A 1290 21.62 -0.95 -29.40
CA LEU A 1290 21.72 -0.22 -30.66
C LEU A 1290 22.94 0.67 -30.70
N VAL A 1291 23.41 1.15 -29.55
CA VAL A 1291 24.66 1.89 -29.56
C VAL A 1291 25.84 0.97 -29.86
N TYR A 1292 25.71 -0.31 -29.53
CA TYR A 1292 26.79 -1.24 -29.87
C TYR A 1292 26.69 -1.75 -31.30
N HIS A 1293 25.47 -2.05 -31.77
CA HIS A 1293 25.27 -3.01 -32.85
C HIS A 1293 26.09 -2.71 -34.11
N LYS A 1294 26.49 -1.46 -34.32
CA LYS A 1294 27.12 -1.12 -35.59
C LYS A 1294 28.53 -1.71 -35.68
N ASN A 1295 29.39 -1.37 -34.72
CA ASN A 1295 30.75 -1.91 -34.76
C ASN A 1295 31.32 -2.25 -33.39
N MET A 1296 30.49 -2.42 -32.37
CA MET A 1296 30.90 -2.89 -31.04
C MET A 1296 31.98 -2.04 -30.42
N ILE A 1297 32.25 -0.85 -30.96
CA ILE A 1297 33.20 0.08 -30.38
C ILE A 1297 32.41 1.27 -29.88
N VAL A 1298 32.34 1.42 -28.56
CA VAL A 1298 31.58 2.51 -27.94
C VAL A 1298 32.47 3.38 -27.07
N THR A 1299 33.76 3.13 -27.05
CA THR A 1299 34.69 3.89 -26.23
C THR A 1299 35.35 4.98 -27.06
N SER A 1300 35.83 6.00 -26.36
CA SER A 1300 36.51 7.10 -27.04
C SER A 1300 37.93 6.73 -27.43
N ASN A 1301 38.55 5.81 -26.72
CA ASN A 1301 39.92 5.41 -26.99
C ASN A 1301 40.00 4.08 -27.74
N GLY A 1302 38.91 3.63 -28.36
CA GLY A 1302 38.95 2.46 -29.20
C GLY A 1302 39.11 1.13 -28.49
N LEU A 1303 39.31 1.14 -27.17
CA LEU A 1303 39.42 -0.09 -26.42
C LEU A 1303 38.04 -0.70 -26.22
N GLY A 1304 38.03 -1.96 -25.76
CA GLY A 1304 36.81 -2.75 -25.78
C GLY A 1304 35.98 -2.64 -24.52
N LEU A 1305 34.65 -2.61 -24.73
CA LEU A 1305 33.66 -2.68 -23.66
C LEU A 1305 32.58 -3.70 -24.00
N ASP A 1306 32.91 -4.71 -24.80
CA ASP A 1306 31.90 -5.55 -25.40
C ASP A 1306 31.52 -6.75 -24.55
N HIS A 1307 32.13 -6.94 -23.39
CA HIS A 1307 31.68 -7.98 -22.49
C HIS A 1307 30.22 -7.75 -22.13
N ARG A 1308 29.50 -8.82 -21.84
CA ARG A 1308 28.07 -8.68 -21.62
C ARG A 1308 27.74 -8.06 -20.28
N TYR A 1309 28.64 -8.18 -19.28
CA TYR A 1309 28.43 -7.48 -18.03
C TYR A 1309 28.42 -5.97 -18.23
N PHE A 1310 29.07 -5.46 -19.27
CA PHE A 1310 29.16 -4.01 -19.46
C PHE A 1310 27.92 -3.47 -20.16
N VAL A 1311 27.41 -4.19 -21.15
CA VAL A 1311 26.08 -3.89 -21.66
C VAL A 1311 25.05 -4.02 -20.54
N GLY A 1312 25.28 -4.94 -19.60
CA GLY A 1312 24.39 -5.06 -18.48
C GLY A 1312 24.43 -3.85 -17.57
N VAL A 1313 25.61 -3.28 -17.38
CA VAL A 1313 25.71 -2.04 -16.60
C VAL A 1313 24.94 -0.92 -17.29
N TYR A 1314 25.13 -0.76 -18.60
CA TYR A 1314 24.31 0.17 -19.38
C TYR A 1314 22.83 -0.01 -19.05
N VAL A 1315 22.34 -1.23 -19.27
CA VAL A 1315 20.91 -1.52 -19.12
C VAL A 1315 20.45 -1.31 -17.68
N THR A 1316 21.24 -1.74 -16.71
CA THR A 1316 20.85 -1.63 -15.32
C THR A 1316 20.74 -0.18 -14.88
N THR A 1317 21.72 0.65 -15.26
CA THR A 1317 21.64 2.05 -14.87
C THR A 1317 20.45 2.73 -15.51
N ILE A 1318 20.21 2.47 -16.81
CA ILE A 1318 19.05 3.09 -17.44
C ILE A 1318 17.77 2.64 -16.76
N ALA A 1319 17.65 1.34 -16.46
CA ALA A 1319 16.43 0.81 -15.88
C ALA A 1319 16.19 1.37 -14.48
N VAL A 1320 17.23 1.43 -13.65
CA VAL A 1320 17.05 1.94 -12.30
C VAL A 1320 16.63 3.40 -12.33
N ILE A 1321 17.31 4.21 -13.14
CA ILE A 1321 16.97 5.62 -13.13
C ILE A 1321 15.57 5.84 -13.69
N SER A 1322 15.18 5.07 -14.71
CA SER A 1322 13.84 5.18 -15.25
C SER A 1322 12.80 4.81 -14.21
N CYS A 1323 13.03 3.71 -13.49
CA CYS A 1323 12.05 3.27 -12.49
C CYS A 1323 11.92 4.27 -11.35
N ASN A 1324 13.04 4.80 -10.86
CA ASN A 1324 12.96 5.74 -9.75
C ASN A 1324 12.33 7.06 -10.19
N THR A 1325 12.61 7.52 -11.41
CA THR A 1325 11.96 8.74 -11.86
C THR A 1325 10.49 8.52 -12.16
N TYR A 1326 10.12 7.31 -12.57
CA TYR A 1326 8.70 6.95 -12.69
C TYR A 1326 8.00 7.06 -11.35
N VAL A 1327 8.59 6.46 -10.31
CA VAL A 1327 8.01 6.55 -8.98
C VAL A 1327 7.89 8.01 -8.54
N LEU A 1328 8.91 8.81 -8.83
CA LEU A 1328 8.86 10.23 -8.45
C LEU A 1328 7.75 10.96 -9.18
N LEU A 1329 7.61 10.73 -10.48
CA LEU A 1329 6.57 11.40 -11.25
C LEU A 1329 5.18 10.95 -10.84
N HIS A 1330 5.03 9.75 -10.30
CA HIS A 1330 3.72 9.25 -9.88
C HIS A 1330 3.45 9.49 -8.41
N GLN A 1331 4.43 10.00 -7.66
CA GLN A 1331 4.14 10.52 -6.34
C GLN A 1331 3.32 11.80 -6.45
N TYR A 1332 2.38 11.96 -5.52
CA TYR A 1332 1.58 13.18 -5.46
C TYR A 1332 2.32 14.29 -4.75
N ARG A 1333 3.00 13.98 -3.65
CA ARG A 1333 3.67 14.98 -2.82
C ARG A 1333 5.16 14.67 -2.79
N TRP A 1334 5.97 15.56 -3.35
CA TRP A 1334 7.42 15.40 -3.36
C TRP A 1334 7.98 15.96 -2.05
N ASP A 1335 7.99 15.12 -1.03
CA ASP A 1335 8.57 15.51 0.23
C ASP A 1335 10.07 15.19 0.25
N TRP A 1336 10.78 15.76 1.22
CA TRP A 1336 12.22 15.64 1.20
C TRP A 1336 12.70 14.24 1.55
N PHE A 1337 11.97 13.50 2.38
CA PHE A 1337 12.36 12.11 2.66
C PHE A 1337 12.30 11.26 1.40
N SER A 1338 11.17 11.28 0.71
CA SER A 1338 11.03 10.51 -0.52
C SER A 1338 12.03 10.96 -1.57
N GLY A 1339 12.22 12.27 -1.72
CA GLY A 1339 13.18 12.74 -2.71
C GLY A 1339 14.60 12.32 -2.40
N LEU A 1340 15.00 12.48 -1.14
CA LEU A 1340 16.34 12.07 -0.71
C LEU A 1340 16.55 10.60 -1.00
N PHE A 1341 15.55 9.76 -0.74
CA PHE A 1341 15.81 8.34 -0.92
C PHE A 1341 15.71 7.89 -2.38
N ILE A 1342 14.96 8.59 -3.22
CA ILE A 1342 15.03 8.29 -4.65
C ILE A 1342 16.40 8.67 -5.21
N ALA A 1343 16.88 9.86 -4.84
CA ALA A 1343 18.23 10.25 -5.23
C ALA A 1343 19.26 9.26 -4.72
N LEU A 1344 19.10 8.79 -3.49
CA LEU A 1344 20.06 7.84 -2.94
C LEU A 1344 20.00 6.49 -3.63
N SER A 1345 18.83 6.05 -4.09
CA SER A 1345 18.77 4.79 -4.82
C SER A 1345 19.55 4.89 -6.13
N CYS A 1346 19.37 5.99 -6.86
CA CYS A 1346 20.13 6.17 -8.09
C CYS A 1346 21.64 6.25 -7.81
N LEU A 1347 22.01 7.06 -6.82
CA LEU A 1347 23.41 7.19 -6.46
C LEU A 1347 23.99 5.88 -5.94
N VAL A 1348 23.18 5.04 -5.33
CA VAL A 1348 23.72 3.80 -4.81
C VAL A 1348 23.93 2.80 -5.94
N VAL A 1349 23.12 2.86 -7.00
CA VAL A 1349 23.46 2.08 -8.18
C VAL A 1349 24.83 2.47 -8.71
N PHE A 1350 25.05 3.78 -8.89
CA PHE A 1350 26.34 4.23 -9.41
C PHE A 1350 27.48 3.85 -8.46
N ALA A 1351 27.26 4.01 -7.15
CA ALA A 1351 28.32 3.74 -6.19
C ALA A 1351 28.61 2.26 -6.04
N TRP A 1352 27.59 1.40 -6.17
CA TRP A 1352 27.87 -0.03 -6.12
C TRP A 1352 28.67 -0.47 -7.33
N THR A 1353 28.32 0.02 -8.52
CA THR A 1353 29.16 -0.28 -9.67
C THR A 1353 30.60 0.15 -9.41
N GLY A 1354 30.79 1.38 -8.93
CA GLY A 1354 32.13 1.89 -8.70
C GLY A 1354 32.90 1.16 -7.60
N ILE A 1355 32.20 0.62 -6.62
CA ILE A 1355 32.87 -0.03 -5.50
C ILE A 1355 33.13 -1.50 -5.79
N TRP A 1356 32.23 -2.17 -6.50
CA TRP A 1356 32.44 -3.58 -6.83
C TRP A 1356 33.48 -3.73 -7.92
N SER A 1357 33.53 -2.79 -8.87
CA SER A 1357 34.57 -2.87 -9.88
C SER A 1357 35.95 -2.70 -9.26
N SER A 1358 36.17 -1.59 -8.56
CA SER A 1358 37.50 -1.27 -8.05
C SER A 1358 38.09 -2.36 -7.18
N ALA A 1359 37.33 -3.40 -6.85
CA ALA A 1359 37.84 -4.55 -6.12
C ALA A 1359 38.13 -5.67 -7.10
N ILE A 1360 39.34 -6.23 -7.03
CA ILE A 1360 39.76 -7.30 -7.92
C ILE A 1360 38.90 -8.54 -7.77
N ALA A 1361 38.14 -8.65 -6.69
CA ALA A 1361 37.30 -9.84 -6.49
C ALA A 1361 36.21 -9.97 -7.53
N SER A 1362 35.84 -8.88 -8.20
CA SER A 1362 35.01 -8.97 -9.40
C SER A 1362 35.88 -9.49 -10.53
N ARG A 1363 35.51 -10.62 -11.10
CA ARG A 1363 36.44 -11.33 -11.97
C ARG A 1363 36.47 -10.74 -13.38
N GLU A 1364 35.38 -10.85 -14.12
CA GLU A 1364 35.30 -10.29 -15.45
C GLU A 1364 34.74 -8.88 -15.45
N PHE A 1365 34.45 -8.35 -14.27
CA PHE A 1365 33.80 -7.08 -14.05
C PHE A 1365 34.76 -6.08 -13.42
N PHE A 1366 36.01 -6.08 -13.86
CA PHE A 1366 37.07 -5.49 -13.02
C PHE A 1366 36.96 -3.98 -12.94
N LYS A 1367 36.79 -3.30 -14.06
CA LYS A 1367 36.72 -1.83 -14.00
C LYS A 1367 35.56 -1.33 -14.85
N ALA A 1368 34.40 -1.98 -14.69
CA ALA A 1368 33.21 -1.50 -15.36
C ALA A 1368 32.94 -0.04 -15.08
N ALA A 1369 33.14 0.40 -13.85
CA ALA A 1369 32.92 1.80 -13.52
C ALA A 1369 33.86 2.70 -14.32
N ALA A 1370 35.16 2.55 -14.09
CA ALA A 1370 36.13 3.46 -14.70
C ALA A 1370 36.15 3.37 -16.22
N ARG A 1371 35.54 2.34 -16.80
CA ARG A 1371 35.53 2.23 -18.25
C ARG A 1371 34.20 2.59 -18.88
N ILE A 1372 33.10 2.53 -18.14
CA ILE A 1372 31.79 2.86 -18.69
C ILE A 1372 31.38 4.26 -18.32
N TYR A 1373 31.52 4.64 -17.04
CA TYR A 1373 31.12 5.97 -16.63
C TYR A 1373 32.05 7.04 -17.17
N GLY A 1374 33.15 6.65 -17.81
CA GLY A 1374 34.04 7.56 -18.49
C GLY A 1374 33.89 7.56 -19.99
N ALA A 1375 32.75 7.10 -20.51
CA ALA A 1375 32.53 7.04 -21.96
C ALA A 1375 31.37 7.94 -22.31
N PRO A 1376 31.56 8.96 -23.14
CA PRO A 1376 30.43 9.80 -23.55
C PRO A 1376 29.30 9.02 -24.20
N SER A 1377 29.60 7.88 -24.82
CA SER A 1377 28.53 7.04 -25.36
C SER A 1377 27.59 6.59 -24.26
N PHE A 1378 28.14 6.22 -23.10
CA PHE A 1378 27.30 5.80 -21.99
C PHE A 1378 26.30 6.89 -21.62
N TRP A 1379 26.77 8.12 -21.44
CA TRP A 1379 25.90 9.18 -20.96
C TRP A 1379 24.92 9.62 -22.03
N ALA A 1380 25.33 9.62 -23.30
CA ALA A 1380 24.38 9.91 -24.37
C ALA A 1380 23.22 8.93 -24.35
N VAL A 1381 23.52 7.62 -24.35
CA VAL A 1381 22.45 6.64 -24.31
C VAL A 1381 21.64 6.77 -23.02
N PHE A 1382 22.32 7.02 -21.91
CA PHE A 1382 21.63 7.13 -20.63
C PHE A 1382 20.54 8.19 -20.69
N PHE A 1383 20.91 9.41 -21.07
CA PHE A 1383 19.95 10.49 -21.03
C PHE A 1383 18.84 10.30 -22.06
N VAL A 1384 19.18 9.88 -23.28
CA VAL A 1384 18.09 9.76 -24.25
C VAL A 1384 17.20 8.57 -23.92
N ALA A 1385 17.72 7.52 -23.29
CA ALA A 1385 16.89 6.38 -22.96
C ALA A 1385 15.98 6.68 -21.79
N VAL A 1386 16.45 7.44 -20.81
CA VAL A 1386 15.56 7.87 -19.73
C VAL A 1386 14.47 8.76 -20.28
N LEU A 1387 14.81 9.66 -21.20
CA LEU A 1387 13.79 10.48 -21.85
C LEU A 1387 12.76 9.62 -22.57
N PHE A 1388 13.20 8.61 -23.30
CA PHE A 1388 12.27 7.80 -24.08
C PHE A 1388 11.45 6.87 -23.20
N CYS A 1389 11.97 6.50 -22.03
CA CYS A 1389 11.17 5.70 -21.11
C CYS A 1389 10.09 6.55 -20.45
N LEU A 1390 10.41 7.77 -20.06
CA LEU A 1390 9.46 8.59 -19.32
C LEU A 1390 8.64 9.52 -20.21
N LEU A 1391 8.85 9.54 -21.51
CA LEU A 1391 8.05 10.44 -22.32
C LEU A 1391 6.62 9.95 -22.55
N PRO A 1392 6.37 8.68 -22.86
CA PRO A 1392 4.98 8.26 -23.07
C PRO A 1392 4.11 8.45 -21.84
N ARG A 1393 4.57 7.99 -20.68
CA ARG A 1393 3.77 8.07 -19.48
C ARG A 1393 3.56 9.52 -19.04
N PHE A 1394 4.61 10.34 -19.11
CA PHE A 1394 4.46 11.73 -18.71
C PHE A 1394 3.55 12.48 -19.68
N THR A 1395 3.65 12.18 -20.97
CA THR A 1395 2.76 12.80 -21.93
C THR A 1395 1.31 12.41 -21.67
N TYR A 1396 1.06 11.14 -21.37
CA TYR A 1396 -0.30 10.71 -21.05
C TYR A 1396 -0.80 11.38 -19.77
N ASP A 1397 0.05 11.48 -18.76
CA ASP A 1397 -0.35 12.13 -17.52
C ASP A 1397 -0.67 13.60 -17.76
N SER A 1398 0.11 14.27 -18.60
CA SER A 1398 -0.16 15.66 -18.92
C SER A 1398 -1.49 15.79 -19.66
N PHE A 1399 -1.70 14.94 -20.67
CA PHE A 1399 -2.96 14.96 -21.41
C PHE A 1399 -4.14 14.75 -20.48
N GLN A 1400 -3.99 13.85 -19.50
CA GLN A 1400 -5.06 13.62 -18.54
C GLN A 1400 -5.28 14.85 -17.66
N LYS A 1401 -4.26 15.25 -16.89
CA LYS A 1401 -4.39 16.40 -16.01
C LYS A 1401 -4.85 17.66 -16.76
N PHE A 1402 -4.75 17.68 -18.08
CA PHE A 1402 -5.22 18.84 -18.81
C PHE A 1402 -6.67 18.70 -19.24
N PHE A 1403 -7.01 17.62 -19.93
CA PHE A 1403 -8.30 17.55 -20.61
C PHE A 1403 -9.28 16.56 -20.00
N TYR A 1404 -8.89 15.83 -18.96
CA TYR A 1404 -9.81 14.95 -18.24
C TYR A 1404 -9.36 14.85 -16.80
N PRO A 1405 -9.25 15.97 -16.08
CA PRO A 1405 -8.66 15.93 -14.74
C PRO A 1405 -9.59 15.24 -13.76
N THR A 1406 -9.00 14.61 -12.76
CA THR A 1406 -9.79 13.99 -11.71
C THR A 1406 -10.08 15.01 -10.61
N ASP A 1407 -10.84 14.56 -9.61
CA ASP A 1407 -11.26 15.46 -8.55
C ASP A 1407 -10.08 15.87 -7.68
N VAL A 1408 -9.11 14.98 -7.47
CA VAL A 1408 -7.97 15.39 -6.67
C VAL A 1408 -7.07 16.34 -7.45
N GLU A 1409 -7.04 16.24 -8.78
CA GLU A 1409 -6.28 17.22 -9.55
C GLU A 1409 -6.95 18.59 -9.52
N ILE A 1410 -8.28 18.60 -9.64
CA ILE A 1410 -9.00 19.87 -9.52
C ILE A 1410 -8.79 20.47 -8.14
N VAL A 1411 -8.78 19.64 -7.11
CA VAL A 1411 -8.59 20.17 -5.76
C VAL A 1411 -7.16 20.64 -5.56
N ARG A 1412 -6.19 19.98 -6.16
CA ARG A 1412 -4.81 20.44 -6.03
C ARG A 1412 -4.60 21.76 -6.77
N GLU A 1413 -5.29 21.96 -7.89
CA GLU A 1413 -5.23 23.26 -8.55
C GLU A 1413 -5.89 24.34 -7.71
N MET A 1414 -7.06 24.03 -7.12
CA MET A 1414 -7.70 24.98 -6.21
C MET A 1414 -6.84 25.26 -4.99
N TRP A 1415 -6.02 24.30 -4.59
CA TRP A 1415 -5.12 24.47 -3.46
C TRP A 1415 -3.92 25.33 -3.83
N GLN A 1416 -3.41 25.16 -5.05
CA GLN A 1416 -2.32 25.99 -5.53
C GLN A 1416 -2.76 27.44 -5.70
N HIS A 1417 -3.96 27.65 -6.23
CA HIS A 1417 -4.51 29.00 -6.30
C HIS A 1417 -4.83 29.58 -4.93
N GLY A 1418 -4.78 28.78 -3.87
CA GLY A 1418 -4.90 29.31 -2.53
C GLY A 1418 -6.28 29.27 -1.92
N HIS A 1419 -7.15 28.36 -2.35
CA HIS A 1419 -8.52 28.35 -1.84
C HIS A 1419 -8.58 27.88 -0.39
N PHE A 1420 -7.60 27.08 0.04
CA PHE A 1420 -7.62 26.48 1.38
C PHE A 1420 -6.56 27.11 2.29
N ASP A 1421 -6.34 28.42 2.19
CA ASP A 1421 -5.32 29.07 2.99
C ASP A 1421 -5.79 29.46 4.39
N HIS A 1422 -7.08 29.62 4.60
CA HIS A 1422 -7.54 30.12 5.90
C HIS A 1422 -7.66 29.03 6.94
N TYR A 1423 -7.80 27.77 6.54
CA TYR A 1423 -7.90 26.69 7.51
C TYR A 1423 -6.55 26.45 8.17
N PRO A 1424 -6.48 26.38 9.49
CA PRO A 1424 -5.21 26.09 10.17
C PRO A 1424 -4.66 24.74 9.73
N PRO A 1425 -3.39 24.45 10.07
CA PRO A 1425 -2.81 23.16 9.65
C PRO A 1425 -3.55 21.96 10.21
N GLY A 1426 -3.67 21.89 11.54
CA GLY A 1426 -4.44 20.83 12.15
C GLY A 1426 -5.86 21.27 12.38
N TYR A 1427 -6.74 20.92 11.45
CA TYR A 1427 -8.11 21.44 11.43
C TYR A 1427 -9.08 20.27 11.48
N ASP A 1428 -9.73 20.10 12.62
CA ASP A 1428 -10.77 19.08 12.77
C ASP A 1428 -12.13 19.76 12.81
N PRO A 1429 -12.93 19.67 11.74
CA PRO A 1429 -14.24 20.32 11.74
C PRO A 1429 -15.25 19.67 12.67
N THR A 1430 -14.85 18.65 13.41
CA THR A 1430 -15.71 17.95 14.35
C THR A 1430 -15.29 18.16 15.79
N ASP A 1431 -14.76 19.34 16.10
CA ASP A 1431 -14.34 19.67 17.46
C ASP A 1431 -15.11 20.88 17.94
N PRO A 1432 -15.87 20.78 19.03
CA PRO A 1432 -16.62 21.95 19.50
C PRO A 1432 -15.72 23.12 19.90
N ASN A 1433 -14.58 22.84 20.51
CA ASN A 1433 -13.66 23.89 20.96
C ASN A 1433 -12.73 24.30 19.82
N ARG A 1434 -13.34 24.68 18.71
CA ARG A 1434 -12.64 25.08 17.51
C ARG A 1434 -13.23 26.36 16.96
N PRO A 1435 -12.41 27.23 16.36
CA PRO A 1435 -12.94 28.43 15.72
C PRO A 1435 -13.50 28.13 14.34
N LYS A 1436 -14.66 28.68 14.05
CA LYS A 1436 -15.26 28.57 12.74
C LYS A 1436 -14.45 29.38 11.72
N VAL A 1437 -14.67 29.08 10.45
CA VAL A 1437 -13.96 29.74 9.37
C VAL A 1437 -14.94 30.56 8.55
N THR A 1438 -14.43 31.28 7.55
CA THR A 1438 -15.26 32.17 6.75
C THR A 1438 -16.35 31.38 6.01
N LYS A 1439 -15.94 30.50 5.09
CA LYS A 1439 -16.89 29.69 4.33
C LYS A 1439 -16.38 28.27 4.17
N ASN B 50 1.72 9.53 30.70
CA ASN B 50 0.55 9.32 29.87
C ASN B 50 0.92 8.57 28.58
N ARG B 51 0.02 8.60 27.61
CA ARG B 51 0.25 7.93 26.33
C ARG B 51 0.05 8.87 25.14
N ARG B 52 0.29 10.16 25.31
CA ARG B 52 0.08 11.10 24.21
C ARG B 52 1.13 10.86 23.14
N PRO B 53 0.72 10.67 21.89
CA PRO B 53 1.71 10.45 20.82
C PRO B 53 2.56 11.69 20.60
N LYS B 54 3.85 11.46 20.37
CA LYS B 54 4.81 12.55 20.27
C LYS B 54 4.54 13.45 19.08
N GLU B 55 4.08 14.68 19.34
CA GLU B 55 3.89 15.65 18.28
C GLU B 55 5.21 15.91 17.57
N ASP B 56 5.29 15.49 16.31
CA ASP B 56 6.55 15.49 15.58
C ASP B 56 6.24 15.55 14.09
N ALA B 57 6.92 16.44 13.38
CA ALA B 57 6.61 16.69 11.97
C ALA B 57 6.60 15.42 11.14
N PHE B 58 7.29 14.36 11.58
CA PHE B 58 7.35 13.12 10.83
C PHE B 58 6.20 12.18 11.18
N THR B 59 5.93 11.99 12.47
CA THR B 59 4.89 11.05 12.88
C THR B 59 3.50 11.59 12.59
N GLN B 60 3.35 12.90 12.51
CA GLN B 60 2.07 13.49 12.13
C GLN B 60 1.96 13.69 10.63
N GLN B 61 2.95 13.26 9.86
CA GLN B 61 2.90 13.28 8.40
C GLN B 61 2.77 14.70 7.85
N ARG B 62 3.47 15.64 8.47
CA ARG B 62 3.48 17.03 8.04
C ARG B 62 4.87 17.44 7.58
N LEU B 63 5.53 16.57 6.82
CA LEU B 63 6.88 16.84 6.36
C LEU B 63 6.89 18.03 5.41
N ALA B 64 8.05 18.68 5.34
CA ALA B 64 8.25 19.75 4.38
C ALA B 64 8.23 19.18 2.97
N ALA B 65 7.51 19.84 2.07
CA ALA B 65 7.28 19.22 0.78
C ALA B 65 6.79 20.26 -0.22
N ILE B 66 6.86 19.88 -1.49
CA ILE B 66 6.24 20.62 -2.57
C ILE B 66 5.22 19.71 -3.22
N ASN B 67 4.12 20.29 -3.70
CA ASN B 67 3.02 19.56 -4.30
C ASN B 67 2.89 20.00 -5.75
N PRO B 68 3.68 19.43 -6.64
CA PRO B 68 3.72 19.93 -8.02
C PRO B 68 2.47 19.59 -8.81
N VAL B 69 1.63 20.57 -9.03
CA VAL B 69 0.51 20.45 -9.96
C VAL B 69 0.97 21.01 -11.30
N LEU B 70 0.72 20.26 -12.37
CA LEU B 70 1.26 20.56 -13.68
C LEU B 70 0.17 21.22 -14.52
N THR B 71 0.19 22.51 -14.59
CA THR B 71 -0.62 23.33 -15.48
C THR B 71 0.14 23.62 -16.76
N PRO B 72 -0.56 23.80 -17.89
CA PRO B 72 0.15 24.02 -19.16
C PRO B 72 1.19 25.12 -19.10
N ARG B 73 0.91 26.20 -18.37
CA ARG B 73 1.89 27.27 -18.18
C ARG B 73 3.18 26.77 -17.57
N THR B 74 3.18 25.62 -16.91
CA THR B 74 4.37 25.03 -16.34
C THR B 74 4.94 23.89 -17.17
N VAL B 75 4.09 23.04 -17.75
CA VAL B 75 4.57 21.89 -18.48
C VAL B 75 5.08 22.30 -19.86
N LEU B 76 4.27 23.03 -20.63
CA LEU B 76 4.66 23.38 -21.99
C LEU B 76 6.03 24.06 -22.08
N PRO B 77 6.43 24.96 -21.18
CA PRO B 77 7.82 25.44 -21.21
C PRO B 77 8.85 24.33 -21.05
N LEU B 78 8.59 23.34 -20.19
CA LEU B 78 9.53 22.24 -20.03
C LEU B 78 9.60 21.39 -21.30
N TYR B 79 8.46 21.14 -21.93
CA TYR B 79 8.46 20.45 -23.21
C TYR B 79 9.30 21.17 -24.24
N LEU B 80 9.11 22.50 -24.36
CA LEU B 80 9.88 23.25 -25.33
C LEU B 80 11.37 23.27 -24.98
N LEU B 81 11.70 23.37 -23.71
CA LEU B 81 13.09 23.38 -23.29
C LEU B 81 13.79 22.08 -23.65
N ILE B 82 13.15 20.96 -23.32
CA ILE B 82 13.75 19.66 -23.64
C ILE B 82 13.83 19.49 -25.15
N ALA B 83 12.81 19.93 -25.88
CA ALA B 83 12.84 19.82 -27.33
C ALA B 83 14.02 20.59 -27.91
N VAL B 84 14.24 21.82 -27.44
CA VAL B 84 15.33 22.63 -27.96
C VAL B 84 16.68 22.00 -27.64
N VAL B 85 16.90 21.63 -26.37
CA VAL B 85 18.21 21.11 -26.01
C VAL B 85 18.49 19.78 -26.69
N PHE B 86 17.47 18.93 -26.86
CA PHE B 86 17.70 17.64 -27.47
C PHE B 86 17.90 17.77 -28.98
N VAL B 87 17.20 18.70 -29.63
CA VAL B 87 17.44 18.91 -31.04
C VAL B 87 18.84 19.46 -31.27
N ILE B 88 19.29 20.37 -30.40
CA ILE B 88 20.63 20.92 -30.55
C ILE B 88 21.68 19.83 -30.36
N VAL B 89 21.54 19.03 -29.30
CA VAL B 89 22.53 17.99 -29.04
C VAL B 89 22.50 16.93 -30.12
N GLY B 90 21.32 16.60 -30.66
CA GLY B 90 21.26 15.62 -31.71
C GLY B 90 21.90 16.12 -33.00
N GLY B 91 21.67 17.38 -33.35
CA GLY B 91 22.34 17.93 -34.51
C GLY B 91 23.85 17.99 -34.33
N CYS B 92 24.30 18.35 -33.13
CA CYS B 92 25.74 18.38 -32.87
C CYS B 92 26.35 17.00 -32.98
N ILE B 93 25.69 15.99 -32.40
CA ILE B 93 26.20 14.63 -32.45
C ILE B 93 26.24 14.14 -33.89
N LEU B 94 25.18 14.39 -34.66
CA LEU B 94 25.15 13.92 -36.03
C LEU B 94 26.21 14.60 -36.89
N ALA B 95 26.41 15.91 -36.70
CA ALA B 95 27.41 16.61 -37.48
C ALA B 95 28.81 16.17 -37.10
N GLN B 96 29.09 16.01 -35.80
CA GLN B 96 30.39 15.52 -35.36
C GLN B 96 30.63 14.07 -35.77
N ASN B 97 29.56 13.31 -35.98
CA ASN B 97 29.69 11.91 -36.37
C ASN B 97 29.88 11.73 -37.86
N SER B 98 29.32 12.62 -38.67
CA SER B 98 29.53 12.49 -40.12
C SER B 98 30.99 12.57 -40.50
N LYS B 99 31.80 13.26 -39.70
CA LYS B 99 33.22 13.41 -40.00
C LYS B 99 34.03 12.14 -39.76
N VAL B 100 33.41 11.01 -39.45
CA VAL B 100 34.12 9.79 -39.09
C VAL B 100 34.22 8.89 -40.33
N ASP B 101 35.44 8.55 -40.69
CA ASP B 101 35.73 7.73 -41.87
C ASP B 101 36.19 6.35 -41.42
N GLU B 102 35.84 5.34 -42.22
CA GLU B 102 36.04 3.96 -41.84
C GLU B 102 36.40 3.12 -43.06
N VAL B 103 37.14 2.04 -42.80
CA VAL B 103 37.47 1.06 -43.83
C VAL B 103 37.17 -0.32 -43.25
N THR B 104 36.30 -1.08 -43.90
CA THR B 104 36.00 -2.44 -43.46
C THR B 104 36.26 -3.40 -44.61
N ILE B 105 37.05 -4.44 -44.36
CA ILE B 105 37.34 -5.42 -45.40
C ILE B 105 37.20 -6.80 -44.80
N TYR B 106 36.34 -7.62 -45.39
CA TYR B 106 36.14 -9.00 -44.94
C TYR B 106 36.97 -9.92 -45.83
N TYR B 107 37.94 -10.61 -45.22
CA TYR B 107 38.88 -11.43 -45.96
C TYR B 107 38.71 -12.92 -45.67
N GLN B 108 37.53 -13.34 -45.24
CA GLN B 108 37.33 -14.76 -44.98
C GLN B 108 37.34 -15.57 -46.28
N ASP B 109 37.00 -14.93 -47.40
CA ASP B 109 36.96 -15.58 -48.69
C ASP B 109 38.30 -15.52 -49.43
N CYS B 110 39.41 -15.36 -48.70
CA CYS B 110 40.70 -15.20 -49.35
C CYS B 110 41.21 -16.50 -49.92
N MET B 111 41.19 -17.58 -49.14
CA MET B 111 41.80 -18.83 -49.57
C MET B 111 41.15 -19.42 -50.81
N THR B 112 40.03 -18.90 -51.26
CA THR B 112 39.38 -19.47 -52.44
C THR B 112 39.12 -18.45 -53.53
N ASN B 113 38.80 -17.20 -53.16
CA ASN B 113 38.55 -16.16 -54.15
C ASN B 113 39.81 -15.43 -54.58
N ALA B 114 40.68 -15.10 -53.64
CA ALA B 114 41.93 -14.43 -54.00
C ALA B 114 42.79 -15.37 -54.83
N THR B 115 43.63 -14.78 -55.66
CA THR B 115 44.52 -15.53 -56.54
C THR B 115 45.98 -15.22 -56.18
N SER B 116 46.89 -15.73 -56.99
CA SER B 116 48.31 -15.44 -56.80
C SER B 116 48.71 -14.09 -57.37
N SER B 117 47.84 -13.45 -58.14
CA SER B 117 48.08 -12.11 -58.66
C SER B 117 47.00 -11.17 -58.14
N TRP B 118 47.34 -9.89 -58.05
CA TRP B 118 46.42 -8.90 -57.50
C TRP B 118 45.11 -8.88 -58.27
N SER B 119 44.01 -8.72 -57.56
CA SER B 119 42.68 -8.72 -58.15
C SER B 119 41.74 -7.93 -57.27
N ASP B 120 40.70 -7.37 -57.88
CA ASP B 120 39.76 -6.53 -57.16
C ASP B 120 38.98 -7.35 -56.14
N ILE B 121 38.70 -6.74 -54.99
CA ILE B 121 37.87 -7.38 -53.99
C ILE B 121 36.41 -7.24 -54.42
N PRO B 122 35.62 -8.31 -54.37
CA PRO B 122 34.19 -8.18 -54.69
C PRO B 122 33.53 -7.13 -53.81
N SER B 123 32.47 -6.52 -54.34
CA SER B 123 31.83 -5.41 -53.65
C SER B 123 31.14 -5.83 -52.36
N GLU B 124 30.96 -7.12 -52.12
CA GLU B 124 30.28 -7.58 -50.92
C GLU B 124 31.18 -7.56 -49.69
N HIS B 125 32.49 -7.52 -49.86
CA HIS B 125 33.41 -7.77 -48.76
C HIS B 125 33.98 -6.50 -48.14
N TRP B 126 33.88 -5.36 -48.79
CA TRP B 126 34.45 -4.13 -48.25
C TRP B 126 33.38 -3.05 -48.17
N GLN B 127 33.62 -2.11 -47.27
CA GLN B 127 32.76 -0.95 -47.06
C GLN B 127 33.65 0.22 -46.71
N PHE B 128 33.65 1.23 -47.56
CA PHE B 128 34.44 2.45 -47.37
C PHE B 128 33.50 3.57 -46.99
N VAL B 129 33.89 4.36 -45.99
CA VAL B 129 33.11 5.55 -45.66
C VAL B 129 34.06 6.71 -45.43
N PHE B 130 34.23 7.54 -46.44
CA PHE B 130 35.01 8.77 -46.33
C PHE B 130 34.08 9.94 -46.56
N HIS B 131 34.09 10.90 -45.65
CA HIS B 131 33.06 11.93 -45.66
C HIS B 131 33.38 13.06 -46.63
N LYS B 132 34.65 13.33 -46.89
CA LYS B 132 34.99 14.33 -47.89
C LYS B 132 34.64 13.85 -49.30
N TYR B 133 34.65 12.53 -49.52
CA TYR B 133 34.44 11.95 -50.84
C TYR B 133 33.29 10.95 -50.75
N LYS B 134 32.06 11.43 -50.90
CA LYS B 134 30.90 10.55 -50.79
C LYS B 134 30.78 9.59 -51.96
N THR B 135 31.56 9.75 -53.01
CA THR B 135 31.46 8.95 -54.22
C THR B 135 32.82 8.38 -54.59
N TYR B 136 33.48 7.77 -53.61
CA TYR B 136 34.82 7.23 -53.80
C TYR B 136 34.76 5.70 -53.69
N ASN B 137 34.71 5.04 -54.84
CA ASN B 137 34.75 3.58 -54.80
C ASN B 137 36.17 3.05 -54.73
N THR B 138 36.92 3.17 -55.82
CA THR B 138 38.32 2.74 -55.90
C THR B 138 38.52 1.41 -55.17
N ALA B 139 37.88 0.37 -55.71
CA ALA B 139 37.82 -0.91 -55.03
C ALA B 139 39.20 -1.39 -54.61
N PRO B 140 39.34 -1.95 -53.41
CA PRO B 140 40.62 -2.52 -53.00
C PRO B 140 40.96 -3.76 -53.81
N GLN B 141 42.13 -4.32 -53.52
CA GLN B 141 42.58 -5.52 -54.20
C GLN B 141 43.17 -6.49 -53.19
N TRP B 142 43.26 -7.76 -53.57
CA TRP B 142 43.86 -8.74 -52.67
C TRP B 142 44.54 -9.83 -53.49
N ARG B 143 45.44 -10.54 -52.82
CA ARG B 143 46.24 -11.57 -53.44
C ARG B 143 46.54 -12.62 -52.39
N PHE B 144 46.42 -13.89 -52.77
CA PHE B 144 46.65 -15.00 -51.86
C PHE B 144 48.01 -15.60 -52.11
N VAL B 145 48.75 -15.87 -51.03
CA VAL B 145 50.07 -16.46 -51.07
C VAL B 145 49.98 -17.77 -50.30
N ASP B 146 49.76 -18.87 -51.00
CA ASP B 146 49.60 -20.16 -50.34
C ASP B 146 50.89 -20.58 -49.64
N ASP B 147 50.76 -21.50 -48.71
CA ASP B 147 51.90 -21.99 -47.92
C ASP B 147 51.78 -23.52 -47.84
N GLU B 148 52.39 -24.21 -48.79
CA GLU B 148 52.28 -25.67 -48.83
C GLU B 148 53.01 -26.33 -47.68
N SER B 149 53.94 -25.63 -47.02
CA SER B 149 54.63 -26.20 -45.87
C SER B 149 53.65 -26.54 -44.75
N ASP B 150 52.75 -25.62 -44.45
CA ASP B 150 51.74 -25.86 -43.41
C ASP B 150 50.80 -26.96 -43.84
N ASP B 151 50.58 -27.94 -42.95
CA ASP B 151 49.71 -29.06 -43.22
C ASP B 151 48.30 -28.89 -42.67
N PHE B 152 47.93 -27.65 -42.31
CA PHE B 152 46.58 -27.35 -41.87
C PHE B 152 45.81 -26.79 -43.06
N THR B 153 45.35 -27.70 -43.92
CA THR B 153 44.73 -27.33 -45.18
C THR B 153 43.47 -26.50 -45.02
N LYS B 154 42.92 -26.41 -43.81
CA LYS B 154 41.65 -25.69 -43.64
C LYS B 154 41.86 -24.19 -43.70
N GLN B 155 42.95 -23.69 -43.13
CA GLN B 155 43.26 -22.26 -43.20
C GLN B 155 44.77 -22.09 -43.12
N ARG B 156 45.37 -21.62 -44.21
CA ARG B 156 46.81 -21.44 -44.29
C ARG B 156 47.12 -20.52 -45.46
N GLY B 157 48.28 -19.88 -45.38
CA GLY B 157 48.72 -18.97 -46.43
C GLY B 157 48.86 -17.55 -45.91
N THR B 158 48.65 -16.60 -46.81
CA THR B 158 48.71 -15.19 -46.44
C THR B 158 47.83 -14.38 -47.39
N CYS B 159 46.94 -13.59 -46.82
CA CYS B 159 46.08 -12.69 -47.58
C CYS B 159 46.70 -11.31 -47.58
N GLN B 160 46.93 -10.75 -48.77
CA GLN B 160 47.51 -9.43 -48.89
C GLN B 160 46.46 -8.51 -49.50
N ILE B 161 46.12 -7.44 -48.79
CA ILE B 161 45.04 -6.54 -49.16
C ILE B 161 45.64 -5.16 -49.39
N ARG B 162 45.29 -4.53 -50.51
CA ARG B 162 45.68 -3.17 -50.81
C ARG B 162 44.43 -2.31 -50.87
N PHE B 163 44.45 -1.21 -50.12
CA PHE B 163 43.33 -0.29 -50.09
C PHE B 163 43.84 1.14 -50.19
N THR B 164 43.03 1.99 -50.81
CA THR B 164 43.42 3.36 -51.11
C THR B 164 42.57 4.31 -50.28
N THR B 165 43.19 4.94 -49.28
CA THR B 165 42.50 5.95 -48.48
C THR B 165 42.75 7.33 -49.07
N PRO B 166 41.71 8.06 -49.50
CA PRO B 166 41.94 9.37 -50.10
C PRO B 166 42.09 10.50 -49.09
N SER B 167 41.81 10.27 -47.81
CA SER B 167 41.97 11.29 -46.78
C SER B 167 42.79 10.71 -45.64
N ASP B 168 43.20 11.60 -44.73
CA ASP B 168 44.04 11.17 -43.63
C ASP B 168 43.21 10.44 -42.57
N MET B 169 43.88 10.04 -41.49
CA MET B 169 43.24 9.34 -40.40
C MET B 169 43.72 9.85 -39.05
N LYS B 170 43.66 11.17 -38.87
CA LYS B 170 44.08 11.82 -37.64
C LYS B 170 45.47 11.36 -37.19
N ASN B 171 45.57 10.97 -35.92
CA ASN B 171 46.83 10.51 -35.36
C ASN B 171 46.65 9.31 -34.44
N ASN B 172 45.41 8.92 -34.23
CA ASN B 172 45.08 7.79 -33.36
C ASN B 172 44.27 6.80 -34.20
N VAL B 173 44.95 5.86 -34.81
CA VAL B 173 44.36 4.94 -35.78
C VAL B 173 44.23 3.58 -35.13
N TYR B 174 43.05 2.99 -35.24
CA TYR B 174 42.74 1.69 -34.66
C TYR B 174 42.47 0.71 -35.77
N LEU B 175 43.12 -0.45 -35.71
CA LEU B 175 42.90 -1.55 -36.64
C LEU B 175 42.37 -2.72 -35.80
N ASN B 176 41.06 -2.92 -35.84
CA ASN B 176 40.43 -4.03 -35.16
C ASN B 176 40.24 -5.18 -36.15
N TYR B 177 40.05 -6.36 -35.63
CA TYR B 177 39.47 -7.42 -36.44
C TYR B 177 38.01 -7.58 -36.06
N VAL B 178 37.28 -8.27 -36.93
CA VAL B 178 35.82 -8.28 -36.89
C VAL B 178 35.39 -9.70 -37.18
N LEU B 179 34.84 -10.38 -36.18
CA LEU B 179 34.31 -11.72 -36.36
C LEU B 179 32.79 -11.62 -36.40
N GLU B 180 32.19 -12.34 -37.34
CA GLU B 180 30.75 -12.39 -37.51
C GLU B 180 30.29 -13.83 -37.42
N LYS B 181 29.19 -14.03 -36.71
CA LYS B 181 28.54 -15.32 -36.51
C LYS B 181 29.39 -16.27 -35.68
N PHE B 182 30.31 -15.75 -34.87
CA PHE B 182 31.02 -16.55 -33.89
C PHE B 182 30.31 -16.39 -32.55
N ALA B 183 29.65 -17.46 -32.11
CA ALA B 183 28.81 -17.40 -30.91
C ALA B 183 29.68 -17.51 -29.67
N ALA B 184 30.11 -16.35 -29.16
CA ALA B 184 30.93 -16.28 -27.96
C ALA B 184 30.13 -15.89 -26.72
N ASN B 185 28.80 -16.11 -26.74
CA ASN B 185 27.96 -15.69 -25.63
C ASN B 185 27.07 -16.82 -25.12
N HIS B 186 27.47 -18.07 -25.31
CA HIS B 186 26.63 -19.19 -24.91
C HIS B 186 26.98 -19.65 -23.50
N ARG B 187 26.03 -20.34 -22.87
CA ARG B 187 26.06 -20.53 -21.42
C ARG B 187 27.32 -21.24 -20.97
N ARG B 188 27.67 -22.34 -21.64
CA ARG B 188 28.83 -23.12 -21.21
C ARG B 188 30.14 -22.44 -21.61
N TYR B 189 30.20 -21.89 -22.82
CA TYR B 189 31.40 -21.21 -23.30
C TYR B 189 31.84 -20.12 -22.34
N VAL B 190 30.97 -19.14 -22.10
CA VAL B 190 31.37 -17.93 -21.38
C VAL B 190 31.88 -18.21 -19.98
N LEU B 191 31.51 -19.33 -19.40
CA LEU B 191 31.95 -19.66 -18.04
C LEU B 191 33.18 -20.56 -18.02
N SER B 192 33.77 -20.83 -19.17
CA SER B 192 34.80 -21.85 -19.29
C SER B 192 36.18 -21.19 -19.27
N PHE B 193 36.59 -20.76 -18.09
CA PHE B 193 37.96 -20.33 -17.84
C PHE B 193 38.22 -20.51 -16.36
N SER B 194 39.40 -20.09 -15.92
CA SER B 194 39.83 -20.33 -14.54
C SER B 194 40.48 -19.08 -13.97
N GLU B 195 39.73 -18.33 -13.19
CA GLU B 195 40.27 -17.13 -12.56
C GLU B 195 41.38 -17.42 -11.58
N ASP B 196 41.73 -18.68 -11.36
CA ASP B 196 42.91 -19.00 -10.58
C ASP B 196 44.16 -19.06 -11.44
N GLN B 197 44.02 -19.48 -12.71
CA GLN B 197 45.15 -19.44 -13.62
C GLN B 197 45.36 -18.04 -14.18
N ILE B 198 44.27 -17.35 -14.49
CA ILE B 198 44.36 -15.97 -14.98
C ILE B 198 45.15 -15.11 -14.00
N ARG B 199 44.81 -15.20 -12.72
CA ARG B 199 45.51 -14.44 -11.70
C ARG B 199 46.91 -14.97 -11.42
N GLY B 200 47.29 -16.10 -12.02
CA GLY B 200 48.66 -16.57 -11.96
C GLY B 200 48.93 -17.67 -10.96
N GLU B 201 47.92 -18.15 -10.26
CA GLU B 201 48.15 -19.23 -9.31
C GLU B 201 48.52 -20.52 -10.05
N ASP B 202 49.21 -21.41 -9.35
CA ASP B 202 49.46 -22.76 -9.84
C ASP B 202 48.39 -23.71 -9.30
N ALA B 203 47.14 -23.37 -9.61
CA ALA B 203 46.00 -24.13 -9.13
C ALA B 203 46.09 -25.58 -9.58
N SER B 204 45.85 -26.50 -8.64
CA SER B 204 45.88 -27.91 -8.98
C SER B 204 44.63 -28.30 -9.76
N TYR B 205 44.56 -29.58 -10.12
CA TYR B 205 43.47 -30.05 -10.96
C TYR B 205 42.11 -29.87 -10.30
N GLU B 206 42.05 -29.94 -8.97
CA GLU B 206 40.77 -29.80 -8.30
C GLU B 206 40.31 -28.35 -8.21
N THR B 207 41.25 -27.42 -8.01
CA THR B 207 40.90 -26.00 -8.02
C THR B 207 40.49 -25.56 -9.42
N VAL B 208 41.07 -26.18 -10.44
CA VAL B 208 40.80 -25.80 -11.82
C VAL B 208 39.53 -26.47 -12.36
N HIS B 209 39.23 -27.68 -11.91
CA HIS B 209 38.15 -28.48 -12.47
C HIS B 209 36.87 -28.44 -11.63
N ASP B 210 36.98 -28.62 -10.32
CA ASP B 210 35.82 -28.71 -9.45
C ASP B 210 35.55 -27.40 -8.70
N ALA B 211 35.95 -26.27 -9.26
CA ALA B 211 35.59 -24.99 -8.68
C ALA B 211 34.11 -24.73 -8.93
N THR B 212 33.66 -23.55 -8.53
CA THR B 212 32.25 -23.19 -8.65
C THR B 212 31.97 -22.81 -10.11
N GLY B 213 30.83 -22.18 -10.36
CA GLY B 213 30.34 -21.88 -11.70
C GLY B 213 31.37 -21.53 -12.76
N ILE B 214 32.38 -20.73 -12.41
CA ILE B 214 33.44 -20.35 -13.32
C ILE B 214 34.55 -21.38 -13.17
N ASN B 215 34.60 -22.32 -14.12
CA ASN B 215 35.57 -23.41 -14.06
C ASN B 215 35.68 -24.01 -15.47
N CYS B 216 36.89 -24.39 -15.85
CA CYS B 216 37.14 -24.96 -17.17
C CYS B 216 36.89 -26.45 -17.10
N LYS B 217 35.62 -26.82 -17.23
CA LYS B 217 35.23 -28.22 -17.11
C LYS B 217 35.53 -29.04 -18.36
N PRO B 218 35.09 -28.62 -19.56
CA PRO B 218 35.27 -29.50 -20.73
C PRO B 218 36.71 -29.65 -21.17
N LEU B 219 37.60 -28.76 -20.77
CA LEU B 219 39.00 -28.76 -21.18
C LEU B 219 39.91 -28.59 -19.98
N SER B 220 39.69 -29.41 -18.96
CA SER B 220 40.43 -29.29 -17.72
C SER B 220 41.76 -30.02 -17.73
N LYS B 221 41.87 -31.12 -18.48
CA LYS B 221 43.01 -32.00 -18.36
C LYS B 221 43.27 -32.71 -19.69
N ASN B 222 44.52 -33.04 -19.93
CA ASN B 222 44.89 -33.81 -21.11
C ASN B 222 44.99 -35.29 -20.76
N ALA B 223 45.36 -36.09 -21.76
CA ALA B 223 45.47 -37.52 -21.55
C ALA B 223 46.65 -37.86 -20.65
N ASP B 224 47.75 -37.11 -20.75
CA ASP B 224 48.96 -37.48 -20.02
C ASP B 224 48.87 -37.13 -18.54
N GLY B 225 48.00 -36.20 -18.16
CA GLY B 225 47.82 -35.89 -16.76
C GLY B 225 48.30 -34.51 -16.37
N LYS B 226 48.33 -33.60 -17.34
CA LYS B 226 48.75 -32.22 -17.10
C LYS B 226 47.57 -31.29 -17.27
N ILE B 227 47.51 -30.27 -16.44
CA ILE B 227 46.46 -29.26 -16.55
C ILE B 227 46.78 -28.36 -17.72
N TYR B 228 45.78 -28.07 -18.54
CA TYR B 228 45.96 -27.07 -19.58
C TYR B 228 46.20 -25.73 -18.93
N TYR B 229 47.30 -25.05 -19.30
CA TYR B 229 47.61 -23.84 -18.55
C TYR B 229 46.54 -22.79 -18.82
N PRO B 230 46.37 -22.26 -20.03
CA PRO B 230 45.14 -21.49 -20.25
C PRO B 230 44.03 -22.47 -20.55
N CYS B 231 43.18 -22.78 -19.58
CA CYS B 231 42.21 -23.84 -19.76
C CYS B 231 40.87 -23.25 -20.16
N GLY B 232 39.99 -24.11 -20.60
CA GLY B 232 38.64 -23.69 -20.91
C GLY B 232 38.44 -23.48 -22.40
N LEU B 233 37.17 -23.48 -22.79
CA LEU B 233 36.83 -23.25 -24.18
C LEU B 233 37.17 -21.83 -24.62
N ILE B 234 37.35 -20.90 -23.68
CA ILE B 234 37.57 -19.51 -24.05
C ILE B 234 39.01 -19.31 -24.52
N ALA B 235 39.97 -19.58 -23.64
CA ALA B 235 41.37 -19.38 -24.00
C ALA B 235 41.82 -20.35 -25.08
N ASN B 236 41.15 -21.49 -25.21
CA ASN B 236 41.57 -22.50 -26.17
C ASN B 236 41.22 -22.10 -27.59
N SER B 237 40.07 -21.44 -27.77
CA SER B 237 39.57 -21.10 -29.09
C SER B 237 39.98 -19.71 -29.55
N MET B 238 41.14 -19.23 -29.11
CA MET B 238 41.59 -17.89 -29.42
C MET B 238 41.64 -17.65 -30.93
N PHE B 239 41.55 -16.38 -31.31
CA PHE B 239 41.68 -15.98 -32.70
C PHE B 239 43.15 -16.03 -33.09
N ASN B 240 43.45 -16.59 -34.26
CA ASN B 240 44.79 -17.03 -34.55
C ASN B 240 45.46 -16.34 -35.73
N ASP B 241 44.75 -15.53 -36.51
CA ASP B 241 45.39 -14.86 -37.63
C ASP B 241 46.51 -13.96 -37.14
N THR B 242 47.56 -13.87 -37.95
CA THR B 242 48.72 -13.05 -37.61
C THR B 242 48.63 -11.75 -38.40
N PHE B 243 48.57 -10.68 -37.70
CA PHE B 243 48.46 -9.35 -38.26
C PHE B 243 49.82 -8.68 -38.32
N PRO B 244 50.07 -7.85 -39.33
CA PRO B 244 51.40 -7.26 -39.48
C PRO B 244 51.62 -6.11 -38.51
N LEU B 245 52.89 -5.86 -38.24
CA LEU B 245 53.29 -4.75 -37.38
C LEU B 245 53.46 -3.45 -38.14
N GLN B 246 52.91 -3.36 -39.35
CA GLN B 246 53.03 -2.15 -40.15
C GLN B 246 52.14 -2.29 -41.38
N LEU B 247 51.77 -1.14 -41.94
CA LEU B 247 51.05 -1.07 -43.20
C LEU B 247 52.04 -0.67 -44.29
N THR B 248 52.35 -1.61 -45.17
CA THR B 248 53.30 -1.33 -46.23
C THR B 248 52.76 -0.26 -47.16
N ASN B 249 53.61 0.73 -47.46
CA ASN B 249 53.24 1.81 -48.37
C ASN B 249 53.60 1.38 -49.79
N VAL B 250 52.59 1.35 -50.67
CA VAL B 250 52.80 0.83 -52.01
C VAL B 250 53.56 1.84 -52.86
N GLY B 251 53.16 3.11 -52.80
CA GLY B 251 53.80 4.13 -53.60
C GLY B 251 55.22 4.42 -53.18
N ASP B 252 55.39 5.00 -52.00
CA ASP B 252 56.72 5.35 -51.48
C ASP B 252 57.04 4.33 -50.40
N THR B 253 57.79 3.30 -50.77
CA THR B 253 58.11 2.26 -49.79
C THR B 253 59.12 2.69 -48.77
N SER B 254 59.45 3.97 -48.69
CA SER B 254 60.38 4.45 -47.68
C SER B 254 59.70 4.92 -46.41
N ASN B 255 58.43 5.33 -46.49
CA ASN B 255 57.66 5.72 -45.31
C ASN B 255 56.54 4.71 -45.13
N ASN B 256 56.79 3.69 -44.33
CA ASN B 256 55.80 2.70 -43.97
C ASN B 256 55.06 3.16 -42.73
N TYR B 257 53.74 2.98 -42.73
CA TYR B 257 52.95 3.30 -41.55
C TYR B 257 53.05 2.15 -40.56
N SER B 258 53.64 2.43 -39.40
CA SER B 258 53.91 1.37 -38.43
C SER B 258 52.76 1.23 -37.43
N LEU B 259 52.45 -0.01 -37.09
CA LEU B 259 51.44 -0.34 -36.10
C LEU B 259 52.10 -1.05 -34.93
N THR B 260 51.36 -1.21 -33.84
CA THR B 260 51.88 -1.87 -32.66
C THR B 260 50.82 -2.80 -32.08
N ASN B 261 51.25 -3.58 -31.09
CA ASN B 261 50.35 -4.39 -30.28
C ASN B 261 50.56 -4.12 -28.80
N LYS B 262 51.12 -2.97 -28.46
CA LYS B 262 51.34 -2.55 -27.07
C LYS B 262 50.50 -1.32 -26.83
N GLY B 263 49.35 -1.50 -26.22
CA GLY B 263 48.37 -0.45 -26.06
C GLY B 263 47.03 -0.76 -26.64
N ILE B 264 46.77 -2.02 -27.02
CA ILE B 264 45.48 -2.41 -27.58
C ILE B 264 44.49 -2.83 -26.52
N ASN B 265 44.88 -2.85 -25.26
CA ASN B 265 43.99 -3.25 -24.18
C ASN B 265 44.18 -2.29 -23.02
N TRP B 266 43.16 -2.21 -22.17
CA TRP B 266 43.21 -1.32 -21.01
C TRP B 266 44.42 -1.66 -20.15
N GLU B 267 45.11 -0.63 -19.67
CA GLU B 267 46.27 -0.86 -18.82
C GLU B 267 45.87 -1.52 -17.50
N SER B 268 44.70 -1.17 -16.98
CA SER B 268 44.24 -1.72 -15.71
C SER B 268 44.15 -3.24 -15.75
N ASP B 269 43.89 -3.81 -16.92
CA ASP B 269 43.80 -5.26 -17.05
C ASP B 269 45.11 -5.97 -16.71
N LYS B 270 46.21 -5.25 -16.59
CA LYS B 270 47.45 -5.88 -16.16
C LYS B 270 47.52 -6.08 -14.66
N LYS B 271 46.52 -5.61 -13.91
CA LYS B 271 46.40 -5.90 -12.50
C LYS B 271 45.60 -7.17 -12.23
N ARG B 272 44.87 -7.67 -13.21
CA ARG B 272 44.07 -8.88 -13.08
C ARG B 272 44.72 -10.09 -13.72
N TYR B 273 45.49 -9.90 -14.78
CA TYR B 273 46.28 -10.95 -15.40
C TYR B 273 47.68 -10.93 -14.83
N LYS B 274 48.25 -12.10 -14.63
CA LYS B 274 49.58 -12.19 -14.03
C LYS B 274 50.37 -13.30 -14.70
N LYS B 275 51.69 -13.18 -14.60
CA LYS B 275 52.57 -14.22 -15.11
C LYS B 275 52.45 -15.48 -14.25
N THR B 276 52.26 -16.63 -14.91
CA THR B 276 51.98 -17.86 -14.19
C THR B 276 53.14 -18.27 -13.29
N LYS B 277 52.83 -19.17 -12.37
CA LYS B 277 53.82 -19.77 -11.49
C LYS B 277 53.92 -21.28 -11.68
N TYR B 278 53.39 -21.80 -12.78
CA TYR B 278 53.48 -23.22 -13.08
C TYR B 278 54.93 -23.61 -13.35
N ASN B 279 55.15 -24.90 -13.57
CA ASN B 279 56.50 -25.47 -13.61
C ASN B 279 56.84 -26.14 -14.94
N TYR B 280 56.08 -25.89 -16.00
CA TYR B 280 56.38 -26.36 -17.35
C TYR B 280 56.33 -27.87 -17.46
N THR B 281 56.17 -28.56 -16.35
CA THR B 281 55.97 -30.01 -16.33
C THR B 281 54.56 -30.40 -15.98
N GLN B 282 53.81 -29.50 -15.34
CA GLN B 282 52.43 -29.75 -14.97
C GLN B 282 51.44 -29.19 -15.98
N ILE B 283 51.90 -28.48 -17.00
CA ILE B 283 51.01 -27.80 -17.93
C ILE B 283 51.33 -28.22 -19.35
N ALA B 284 50.33 -28.09 -20.22
CA ALA B 284 50.41 -28.45 -21.62
C ALA B 284 49.49 -27.54 -22.39
N PRO B 285 49.77 -27.25 -23.66
CA PRO B 285 48.96 -26.30 -24.39
C PRO B 285 47.54 -26.80 -24.53
N PRO B 286 46.58 -25.91 -24.69
CA PRO B 286 45.22 -26.34 -24.98
C PRO B 286 45.18 -27.15 -26.26
N PRO B 287 44.16 -27.97 -26.45
CA PRO B 287 44.14 -28.85 -27.63
C PRO B 287 44.24 -28.13 -28.96
N TYR B 288 44.00 -26.82 -29.00
CA TYR B 288 44.05 -26.08 -30.25
C TYR B 288 45.30 -25.22 -30.39
N TRP B 289 46.06 -25.01 -29.31
CA TRP B 289 47.36 -24.37 -29.39
C TRP B 289 48.48 -25.36 -29.66
N GLU B 290 48.16 -26.53 -30.22
CA GLU B 290 49.14 -27.57 -30.45
C GLU B 290 49.79 -27.48 -31.82
N LYS B 291 49.59 -26.37 -32.52
CA LYS B 291 50.45 -26.00 -33.64
C LYS B 291 51.42 -24.90 -33.29
N MET B 292 51.12 -24.13 -32.24
CA MET B 292 52.03 -23.10 -31.77
C MET B 292 53.06 -23.66 -30.81
N TYR B 293 52.74 -24.75 -30.12
CA TYR B 293 53.66 -25.42 -29.19
C TYR B 293 53.64 -26.91 -29.48
N PRO B 294 54.26 -27.34 -30.58
CA PRO B 294 54.17 -28.75 -30.96
C PRO B 294 54.88 -29.68 -30.01
N ASP B 295 55.84 -29.19 -29.24
CA ASP B 295 56.57 -30.01 -28.28
C ASP B 295 56.08 -29.80 -26.85
N GLY B 296 55.21 -28.84 -26.61
CA GLY B 296 54.75 -28.54 -25.27
C GLY B 296 55.49 -27.36 -24.68
N TYR B 297 55.24 -27.14 -23.40
CA TYR B 297 55.85 -26.02 -22.69
C TYR B 297 57.19 -26.45 -22.10
N ASN B 298 58.28 -25.96 -22.67
CA ASN B 298 59.58 -26.06 -22.01
C ASN B 298 59.96 -24.70 -21.42
N GLU B 299 61.14 -24.64 -20.83
CA GLU B 299 61.46 -23.58 -19.87
C GLU B 299 61.32 -22.18 -20.45
N THR B 300 61.15 -22.05 -21.77
CA THR B 300 61.15 -20.74 -22.39
C THR B 300 59.81 -20.32 -22.97
N ASN B 301 59.01 -21.25 -23.47
CA ASN B 301 57.88 -20.91 -24.33
C ASN B 301 56.56 -20.74 -23.58
N ILE B 302 56.54 -20.89 -22.26
CA ILE B 302 55.29 -20.71 -21.52
C ILE B 302 54.79 -19.29 -21.75
N PRO B 303 53.55 -19.10 -22.21
CA PRO B 303 53.10 -17.77 -22.59
C PRO B 303 52.80 -16.90 -21.38
N ASP B 304 53.47 -15.76 -21.31
CA ASP B 304 53.22 -14.78 -20.26
C ASP B 304 51.98 -13.99 -20.65
N ILE B 305 50.86 -14.24 -19.96
CA ILE B 305 49.60 -13.63 -20.34
C ILE B 305 49.41 -12.23 -19.80
N GLN B 306 50.40 -11.68 -19.11
CA GLN B 306 50.28 -10.31 -18.63
C GLN B 306 50.62 -9.31 -19.73
N ASP B 307 51.66 -9.59 -20.51
CA ASP B 307 52.10 -8.71 -21.58
C ASP B 307 51.55 -9.13 -22.94
N TRP B 308 50.54 -9.98 -22.96
CA TRP B 308 50.00 -10.57 -24.18
C TRP B 308 48.57 -10.07 -24.31
N GLU B 309 48.39 -8.92 -24.94
CA GLU B 309 47.12 -8.22 -24.90
C GLU B 309 46.13 -8.70 -25.94
N GLU B 310 46.54 -9.46 -26.94
CA GLU B 310 45.55 -10.10 -27.81
C GLU B 310 44.82 -11.20 -27.06
N PHE B 311 45.54 -11.91 -26.18
CA PHE B 311 44.90 -12.85 -25.27
C PHE B 311 43.91 -12.13 -24.37
N GLN B 312 44.36 -11.06 -23.71
CA GLN B 312 43.48 -10.31 -22.82
C GLN B 312 42.26 -9.76 -23.54
N ASN B 313 42.41 -9.36 -24.80
CA ASN B 313 41.24 -8.97 -25.56
C ASN B 313 40.34 -10.15 -25.87
N TRP B 314 40.92 -11.34 -26.06
CA TRP B 314 40.09 -12.49 -26.39
C TRP B 314 39.34 -13.01 -25.18
N MET B 315 39.92 -12.90 -24.00
CA MET B 315 39.28 -13.40 -22.79
C MET B 315 38.14 -12.56 -22.33
N ARG B 316 37.72 -11.60 -23.13
CA ARG B 316 36.58 -10.74 -22.85
C ARG B 316 35.50 -11.06 -23.86
N PRO B 317 34.75 -12.14 -23.67
CA PRO B 317 33.86 -12.64 -24.74
C PRO B 317 32.84 -11.59 -25.15
N GLY B 318 32.89 -11.21 -26.43
CA GLY B 318 31.95 -10.27 -26.99
C GLY B 318 30.51 -10.64 -26.68
N ALA B 319 29.70 -9.65 -26.33
CA ALA B 319 28.35 -9.94 -25.87
C ALA B 319 27.45 -10.44 -26.98
N PHE B 320 27.66 -9.98 -28.21
CA PHE B 320 26.73 -10.23 -29.30
C PHE B 320 27.43 -11.05 -30.39
N ASP B 321 26.72 -11.25 -31.50
CA ASP B 321 27.22 -12.10 -32.56
C ASP B 321 28.33 -11.46 -33.37
N LYS B 322 28.40 -10.13 -33.41
CA LYS B 322 29.51 -9.44 -34.03
C LYS B 322 30.56 -9.13 -32.98
N ILE B 323 31.80 -9.48 -33.28
CA ILE B 323 32.92 -9.30 -32.37
C ILE B 323 33.89 -8.33 -33.03
N THR B 324 34.31 -7.31 -32.29
CA THR B 324 35.26 -6.32 -32.78
C THR B 324 36.27 -6.08 -31.67
N LYS B 325 37.50 -6.56 -31.87
CA LYS B 325 38.55 -6.47 -30.88
C LYS B 325 39.74 -5.75 -31.47
N LEU B 326 40.26 -4.76 -30.76
CA LEU B 326 41.44 -4.05 -31.22
C LEU B 326 42.61 -5.00 -31.31
N ILE B 327 43.35 -4.95 -32.43
CA ILE B 327 44.53 -5.79 -32.55
C ILE B 327 45.75 -4.96 -32.88
N ARG B 328 45.57 -3.81 -33.52
CA ARG B 328 46.71 -2.94 -33.83
C ARG B 328 46.30 -1.49 -33.59
N ILE B 329 47.28 -0.67 -33.21
CA ILE B 329 47.05 0.73 -32.92
C ILE B 329 48.22 1.55 -33.40
N ASN B 330 47.97 2.83 -33.65
CA ASN B 330 49.04 3.80 -33.90
C ASN B 330 48.64 5.11 -33.26
N LYS B 331 49.45 5.58 -32.31
CA LYS B 331 49.14 6.77 -31.53
C LYS B 331 49.99 7.98 -31.90
N ASN B 332 50.88 7.86 -32.87
CA ASN B 332 51.83 8.94 -33.17
C ASN B 332 51.56 9.62 -34.50
N ASP B 333 51.50 8.88 -35.59
CA ASP B 333 51.52 9.45 -36.92
C ASP B 333 50.13 9.41 -37.55
N THR B 334 49.80 10.48 -38.28
CA THR B 334 48.63 10.46 -39.13
C THR B 334 48.79 9.38 -40.21
N LEU B 335 47.67 8.97 -40.79
CA LEU B 335 47.74 8.03 -41.89
C LEU B 335 47.49 8.78 -43.19
N PRO B 336 48.53 9.28 -43.85
CA PRO B 336 48.33 10.09 -45.06
C PRO B 336 47.60 9.31 -46.14
N ALA B 337 46.95 10.06 -47.03
CA ALA B 337 46.26 9.43 -48.15
C ALA B 337 47.24 8.63 -48.99
N GLY B 338 46.81 7.47 -49.44
CA GLY B 338 47.68 6.63 -50.24
C GLY B 338 47.13 5.22 -50.35
N GLU B 339 47.93 4.36 -50.98
CA GLU B 339 47.57 2.97 -51.22
C GLU B 339 48.43 2.10 -50.31
N TYR B 340 47.79 1.45 -49.35
CA TYR B 340 48.48 0.69 -48.32
C TYR B 340 48.18 -0.81 -48.47
N GLN B 341 49.08 -1.62 -47.90
CA GLN B 341 49.04 -3.05 -48.01
C GLN B 341 49.12 -3.69 -46.63
N LEU B 342 48.27 -4.68 -46.40
CA LEU B 342 48.19 -5.41 -45.15
C LEU B 342 48.33 -6.90 -45.44
N ASP B 343 49.23 -7.57 -44.75
CA ASP B 343 49.49 -9.00 -44.95
C ASP B 343 49.04 -9.75 -43.69
N ILE B 344 47.95 -10.49 -43.82
CA ILE B 344 47.38 -11.26 -42.72
C ILE B 344 47.71 -12.73 -42.93
N GLY B 345 48.16 -13.39 -41.88
CA GLY B 345 48.47 -14.81 -41.99
C GLY B 345 47.30 -15.68 -41.58
N LEU B 346 46.58 -16.23 -42.56
CA LEU B 346 45.36 -16.97 -42.27
C LEU B 346 45.65 -18.19 -41.42
N HIS B 347 45.04 -18.24 -40.24
CA HIS B 347 45.25 -19.32 -39.30
C HIS B 347 43.94 -19.86 -38.72
N TRP B 348 42.93 -19.01 -38.65
CA TRP B 348 41.72 -19.25 -37.86
C TRP B 348 40.57 -19.60 -38.78
N PRO B 349 39.99 -20.80 -38.69
CA PRO B 349 38.95 -21.21 -39.66
C PRO B 349 37.58 -20.67 -39.26
N VAL B 350 36.90 -20.04 -40.21
CA VAL B 350 35.53 -19.60 -39.99
C VAL B 350 34.55 -20.15 -41.01
N LEU B 351 34.99 -20.58 -42.19
CA LEU B 351 34.05 -21.06 -43.19
C LEU B 351 33.34 -22.35 -42.76
N GLU B 352 33.79 -22.99 -41.69
CA GLU B 352 33.10 -24.18 -41.20
C GLU B 352 31.69 -23.83 -40.74
N PHE B 353 31.51 -22.65 -40.13
CA PHE B 353 30.20 -22.23 -39.64
C PHE B 353 29.70 -20.98 -40.33
N ASN B 354 30.16 -20.72 -41.55
CA ASN B 354 29.70 -19.56 -42.34
C ASN B 354 29.96 -18.25 -41.62
N GLY B 355 30.94 -18.23 -40.72
CA GLY B 355 31.33 -17.00 -40.08
C GLY B 355 32.11 -16.10 -40.99
N LYS B 356 32.47 -14.93 -40.48
CA LYS B 356 33.24 -13.96 -41.23
C LYS B 356 34.36 -13.41 -40.37
N LYS B 357 35.49 -13.10 -41.00
CA LYS B 357 36.55 -12.37 -40.33
C LYS B 357 36.98 -11.22 -41.23
N GLY B 358 37.34 -10.12 -40.60
CA GLY B 358 37.69 -8.93 -41.37
C GLY B 358 38.52 -7.98 -40.56
N ILE B 359 38.98 -6.94 -41.22
CA ILE B 359 39.69 -5.83 -40.60
C ILE B 359 38.80 -4.60 -40.64
N TYR B 360 38.96 -3.75 -39.64
CA TYR B 360 38.19 -2.53 -39.52
C TYR B 360 39.13 -1.44 -39.04
N LEU B 361 39.41 -0.48 -39.92
CA LEU B 361 40.41 0.55 -39.67
C LEU B 361 39.69 1.89 -39.57
N THR B 362 39.88 2.57 -38.43
CA THR B 362 39.22 3.86 -38.23
C THR B 362 40.12 4.78 -37.41
N HIS B 363 39.67 6.03 -37.30
CA HIS B 363 40.13 6.93 -36.26
C HIS B 363 39.13 7.03 -35.12
N GLY B 364 37.85 6.84 -35.42
CA GLY B 364 36.83 6.80 -34.40
C GLY B 364 36.19 8.13 -34.13
N SER B 365 35.73 8.30 -32.90
CA SER B 365 35.06 9.52 -32.46
C SER B 365 35.15 9.53 -30.94
N HIS B 366 34.36 10.37 -30.29
CA HIS B 366 34.22 10.26 -28.85
C HIS B 366 33.10 9.30 -28.46
N LEU B 367 32.10 9.14 -29.31
CA LEU B 367 31.08 8.13 -29.10
C LEU B 367 31.43 6.81 -29.76
N GLY B 368 32.71 6.54 -29.97
CA GLY B 368 33.14 5.30 -30.57
C GLY B 368 33.27 5.38 -32.07
N GLY B 369 32.86 4.32 -32.77
CA GLY B 369 32.95 4.30 -34.21
C GLY B 369 31.91 5.18 -34.87
N ARG B 370 31.53 4.84 -36.09
CA ARG B 370 30.52 5.59 -36.83
C ARG B 370 29.19 4.86 -36.67
N ASN B 371 28.26 5.50 -35.96
CA ASN B 371 26.95 4.95 -35.67
C ASN B 371 25.97 6.11 -35.53
N PRO B 372 25.09 6.32 -36.51
CA PRO B 372 24.17 7.46 -36.46
C PRO B 372 23.01 7.29 -35.49
N PHE B 373 23.02 6.29 -34.62
CA PHE B 373 21.86 6.02 -33.79
C PHE B 373 21.66 7.09 -32.74
N LEU B 374 22.74 7.54 -32.07
CA LEU B 374 22.59 8.49 -30.99
C LEU B 374 22.03 9.81 -31.50
N GLY B 375 22.59 10.34 -32.58
CA GLY B 375 22.07 11.58 -33.13
C GLY B 375 20.65 11.44 -33.64
N ILE B 376 20.36 10.36 -34.36
CA ILE B 376 19.02 10.13 -34.87
C ILE B 376 18.02 10.11 -33.73
N VAL B 377 18.37 9.44 -32.63
CA VAL B 377 17.39 9.27 -31.57
C VAL B 377 17.27 10.52 -30.72
N TYR B 378 18.34 11.31 -30.59
CA TYR B 378 18.22 12.61 -29.93
C TYR B 378 17.33 13.55 -30.73
N LEU B 379 17.50 13.55 -32.05
CA LEU B 379 16.63 14.36 -32.91
C LEU B 379 15.18 13.91 -32.81
N ILE B 380 14.94 12.60 -32.86
CA ILE B 380 13.57 12.11 -32.76
C ILE B 380 12.97 12.46 -31.40
N GLY B 381 13.76 12.39 -30.34
CA GLY B 381 13.23 12.74 -29.03
C GLY B 381 12.88 14.21 -28.92
N GLY B 382 13.80 15.08 -29.34
CA GLY B 382 13.50 16.50 -29.31
C GLY B 382 12.32 16.87 -30.18
N CYS B 383 12.20 16.23 -31.35
CA CYS B 383 11.09 16.56 -32.24
C CYS B 383 9.77 16.00 -31.75
N ILE B 384 9.79 14.87 -31.05
CA ILE B 384 8.55 14.37 -30.45
C ILE B 384 8.12 15.26 -29.29
N CYS B 385 9.08 15.73 -28.49
CA CYS B 385 8.73 16.68 -27.43
C CYS B 385 8.13 17.95 -28.02
N ALA B 386 8.73 18.48 -29.10
CA ALA B 386 8.19 19.68 -29.73
C ALA B 386 6.80 19.43 -30.31
N ALA B 387 6.61 18.29 -30.99
CA ALA B 387 5.31 17.98 -31.56
C ALA B 387 4.25 17.85 -30.48
N MET B 388 4.58 17.20 -29.36
CA MET B 388 3.60 17.04 -28.30
C MET B 388 3.29 18.37 -27.63
N ALA B 389 4.30 19.24 -27.48
CA ALA B 389 4.03 20.57 -26.95
C ALA B 389 3.10 21.35 -27.87
N LEU B 390 3.31 21.26 -29.18
CA LEU B 390 2.42 21.94 -30.12
C LEU B 390 1.00 21.37 -30.05
N ILE B 391 0.87 20.05 -29.93
CA ILE B 391 -0.45 19.44 -29.87
C ILE B 391 -1.17 19.85 -28.58
N LEU B 392 -0.45 19.84 -27.46
CA LEU B 392 -1.07 20.27 -26.21
C LEU B 392 -1.46 21.74 -26.24
N LEU B 393 -0.62 22.58 -26.86
CA LEU B 393 -0.96 23.99 -26.94
C LEU B 393 -2.16 24.22 -27.86
N THR B 394 -2.26 23.43 -28.94
CA THR B 394 -3.42 23.54 -29.81
C THR B 394 -4.70 23.17 -29.06
N PHE B 395 -4.70 21.98 -28.43
CA PHE B 395 -5.89 21.54 -27.71
C PHE B 395 -6.18 22.44 -26.51
N TRP B 396 -5.19 23.15 -25.98
CA TRP B 396 -5.44 24.08 -24.89
C TRP B 396 -6.09 25.36 -25.41
N LEU B 397 -5.49 25.99 -26.43
CA LEU B 397 -6.06 27.20 -26.99
C LEU B 397 -7.39 26.96 -27.68
N PHE B 398 -7.76 25.71 -27.97
CA PHE B 398 -9.07 25.41 -28.51
C PHE B 398 -10.05 25.04 -27.40
N GLY B 399 -9.77 23.97 -26.60
CA GLY B 399 -10.74 23.40 -25.64
C GLY B 399 -10.29 23.39 -24.20
N GLY B 400 -9.62 24.48 -23.78
CA GLY B 400 -9.03 24.54 -22.46
C GLY B 400 -9.98 24.95 -21.37
N ARG B 401 -10.16 24.06 -20.39
CA ARG B 401 -11.03 24.32 -19.26
C ARG B 401 -10.43 25.41 -18.37
N LYS B 402 -11.20 25.82 -17.36
CA LYS B 402 -10.69 26.71 -16.31
C LYS B 402 -9.94 25.88 -15.29
N ILE B 403 -8.94 26.48 -14.66
CA ILE B 403 -8.00 25.71 -13.86
C ILE B 403 -8.59 25.38 -12.49
N ALA B 404 -8.80 26.39 -11.66
CA ALA B 404 -9.29 26.17 -10.29
C ALA B 404 -10.79 26.44 -10.20
N ASP B 405 -11.56 25.64 -10.92
CA ASP B 405 -13.00 25.82 -11.01
C ASP B 405 -13.68 24.71 -10.23
N ALA B 406 -14.18 25.04 -9.03
CA ALA B 406 -14.93 24.08 -8.24
C ALA B 406 -16.17 23.58 -8.97
N SER B 407 -16.69 24.35 -9.91
CA SER B 407 -17.88 23.95 -10.66
C SER B 407 -17.62 22.77 -11.58
N SER B 408 -16.37 22.36 -11.75
CA SER B 408 -16.03 21.23 -12.60
C SER B 408 -15.87 19.93 -11.84
N LEU B 409 -15.91 19.98 -10.50
CA LEU B 409 -15.73 18.79 -9.69
C LEU B 409 -16.84 17.78 -9.97
N SER B 410 -16.53 16.50 -9.75
CA SER B 410 -17.42 15.42 -10.18
C SER B 410 -18.75 15.42 -9.46
N TRP B 411 -18.84 16.05 -8.30
CA TRP B 411 -20.12 16.14 -7.58
C TRP B 411 -20.81 17.47 -7.78
N ASN B 412 -20.05 18.57 -7.83
CA ASN B 412 -20.65 19.87 -8.13
C ASN B 412 -21.17 19.95 -9.56
N MET B 413 -20.82 18.99 -10.42
CA MET B 413 -21.29 19.02 -11.80
C MET B 413 -22.71 18.47 -11.92
N LYS B 414 -22.95 17.30 -11.35
CA LYS B 414 -24.23 16.61 -11.53
C LYS B 414 -25.21 16.99 -10.42
C1 NAG C . 44.86 -21.46 -34.61
C2 NAG C . 45.65 -22.78 -34.62
C3 NAG C . 44.81 -23.91 -35.22
C4 NAG C . 43.42 -23.97 -34.61
C5 NAG C . 42.78 -22.60 -34.73
C6 NAG C . 41.41 -22.53 -34.11
C7 NAG C . 47.96 -22.00 -34.88
C8 NAG C . 49.15 -21.94 -35.79
N2 NAG C . 46.89 -22.63 -35.36
O3 NAG C . 45.48 -25.14 -34.99
O4 NAG C . 42.62 -24.91 -35.30
O5 NAG C . 43.60 -21.65 -34.02
O6 NAG C . 41.22 -23.56 -33.16
O7 NAG C . 47.98 -21.50 -33.76
C1 NAG C . 42.54 -26.19 -34.63
C2 NAG C . 41.30 -26.90 -35.16
C3 NAG C . 41.20 -28.30 -34.53
C4 NAG C . 42.49 -29.07 -34.70
C5 NAG C . 43.68 -28.24 -34.24
C6 NAG C . 45.00 -28.88 -34.53
C7 NAG C . 39.15 -25.91 -35.80
C8 NAG C . 37.97 -25.11 -35.35
N2 NAG C . 40.10 -26.14 -34.88
O3 NAG C . 40.13 -29.00 -35.16
O4 NAG C . 42.46 -30.23 -33.86
O5 NAG C . 43.68 -26.97 -34.90
O6 NAG C . 46.08 -27.99 -34.29
O7 NAG C . 39.24 -26.35 -36.95
C1 MAN C . 42.01 -31.44 -34.51
C2 MAN C . 42.80 -32.59 -33.87
C3 MAN C . 43.34 -33.52 -34.93
C4 MAN C . 42.24 -33.85 -35.91
C5 MAN C . 41.85 -32.59 -36.69
C6 MAN C . 40.39 -32.54 -37.04
O2 MAN C . 41.96 -33.39 -33.06
O3 MAN C . 43.87 -34.72 -34.36
O4 MAN C . 42.69 -34.83 -36.82
O5 MAN C . 42.20 -31.38 -35.92
O6 MAN C . 39.65 -33.10 -35.96
C1 NAG D . 58.55 -0.90 -45.86
C2 NAG D . 60.05 -1.00 -45.71
C3 NAG D . 60.66 -1.83 -46.84
C4 NAG D . 59.94 -3.17 -46.97
C5 NAG D . 58.43 -2.99 -46.99
C6 NAG D . 57.68 -4.31 -46.88
C7 NAG D . 61.71 0.64 -44.92
C8 NAG D . 62.19 2.05 -45.00
N2 NAG D . 60.65 0.33 -45.67
O3 NAG D . 62.04 -2.04 -46.58
O4 NAG D . 60.34 -3.77 -48.20
O5 NAG D . 58.00 -2.19 -45.89
O6 NAG D . 58.03 -5.20 -47.92
O7 NAG D . 62.26 -0.19 -44.20
C1 NAG D . 61.17 -4.92 -47.99
C2 NAG D . 61.23 -5.69 -49.30
C3 NAG D . 62.14 -6.91 -49.16
C4 NAG D . 63.51 -6.49 -48.65
C5 NAG D . 63.36 -5.69 -47.36
C6 NAG D . 64.66 -5.14 -46.83
C7 NAG D . 59.25 -5.53 -50.75
C8 NAG D . 57.89 -6.08 -51.05
N2 NAG D . 59.90 -6.10 -49.73
O3 NAG D . 62.27 -7.55 -50.42
O4 NAG D . 64.30 -7.64 -48.39
O5 NAG D . 62.49 -4.56 -47.59
O6 NAG D . 65.12 -5.88 -45.72
O7 NAG D . 59.74 -4.62 -51.40
C1 NAG E . 54.82 5.88 -30.88
C2 NAG E . 55.14 4.45 -31.29
C3 NAG E . 55.43 3.61 -30.05
C4 NAG E . 56.51 4.27 -29.20
C5 NAG E . 56.17 5.74 -28.93
C6 NAG E . 57.29 6.48 -28.24
C7 NAG E . 54.18 3.40 -33.29
C8 NAG E . 52.95 2.86 -33.93
N2 NAG E . 54.03 3.88 -32.05
O3 NAG E . 55.87 2.33 -30.47
O4 NAG E . 56.62 3.60 -27.96
O5 NAG E . 55.91 6.42 -30.17
O6 NAG E . 58.33 6.80 -29.17
O7 NAG E . 55.26 3.43 -33.86
C1 NAG E . 57.89 2.90 -27.88
C2 NAG E . 57.90 2.10 -26.59
C3 NAG E . 59.19 1.30 -26.48
C4 NAG E . 59.41 0.46 -27.72
C5 NAG E . 59.34 1.34 -28.97
C6 NAG E . 59.44 0.56 -30.26
C7 NAG E . 56.53 3.34 -24.96
C8 NAG E . 56.54 4.23 -23.77
N2 NAG E . 57.73 2.96 -25.44
O3 NAG E . 59.13 0.46 -25.33
O4 NAG E . 60.68 -0.17 -27.67
O5 NAG E . 58.08 2.04 -29.00
O6 NAG E . 59.05 1.36 -31.37
O7 NAG E . 55.49 2.96 -25.49
MG MG F . -23.96 0.43 23.44
C1 NAG G . 61.10 -24.25 -25.86
C2 NAG G . 62.42 -24.58 -26.55
C3 NAG G . 62.49 -23.88 -27.89
C4 NAG G . 61.28 -24.23 -28.74
C5 NAG G . 60.00 -23.91 -27.97
C6 NAG G . 58.75 -24.33 -28.71
C7 NAG G . 64.41 -25.15 -25.24
C8 NAG G . 65.53 -24.61 -24.41
N2 NAG G . 63.56 -24.24 -25.73
O3 NAG G . 63.67 -24.28 -28.58
O4 NAG G . 61.29 -23.50 -29.96
O5 NAG G . 59.99 -24.60 -26.71
O6 NAG G . 58.65 -23.68 -29.96
O7 NAG G . 64.28 -26.34 -25.46
C1 NAG H . 34.51 -14.17 -55.66
C2 NAG H . 34.68 -14.87 -57.01
C3 NAG H . 33.39 -14.79 -57.80
C4 NAG H . 32.23 -15.35 -56.99
C5 NAG H . 32.15 -14.64 -55.64
C6 NAG H . 31.12 -15.25 -54.72
C7 NAG H . 36.92 -14.98 -58.00
C8 NAG H . 37.97 -14.25 -58.79
N2 NAG H . 35.79 -14.31 -57.76
O3 NAG H . 33.53 -15.52 -59.02
O4 NAG H . 31.01 -15.18 -57.70
O5 NAG H . 33.41 -14.75 -54.96
O6 NAG H . 31.27 -16.67 -54.63
O7 NAG H . 37.09 -16.13 -57.61
#